data_8FNC
#
_entry.id   8FNC
#
_cell.length_a   1.00
_cell.length_b   1.00
_cell.length_c   1.00
_cell.angle_alpha   90.00
_cell.angle_beta   90.00
_cell.angle_gamma   90.00
#
_symmetry.space_group_name_H-M   'P 1'
#
loop_
_entity.id
_entity.type
_entity.pdbx_description
1 polymer mRNA
2 polymer gRNA
3 polymer 'Mitochondrial RNA binding protein'
4 polymer 'RAP domain-containing protein'
5 polymer 'RxLR effector protein'
6 polymer 'Mitochondrial RNA binding complex 1 subunit'
7 polymer 'RAP domain-containing protein'
8 polymer 'Phytanoyl-CoA dioxygenase family protein'
#
loop_
_entity_poly.entity_id
_entity_poly.type
_entity_poly.pdbx_seq_one_letter_code
_entity_poly.pdbx_strand_id
1 'polyribonucleotide' UAAUAGAAUAAGAUAAG m
2 'polyribonucleotide' UUUUUUUAAAUAAUUU g
3 'polypeptide(L)'
;MLRHTSRNNALHAFVRSPHYRTIPSAGPNGIVVNRDMLVHQFRDFYKTLQHCSLVDKVHLMSERPSVEALRVADQMVSIG
ATFLEMPLTGMEHRATEFMESMRYVRGAGGPSTLASYLQDTENCRCNSGDVVCLPNGIAVGHGPRTNAVAHTTLKQLFEV
KDDQFSFDVFTLEQEGDAPPLGDYFGFAGSNVLLTWKDEHGLLAVDQYQQKQPHTEMNVVYLEPGCHFLSFYGVDHTIDV
LVQKGYERSMDSIAAAGLNPIPVQWSEMDKLGISMRAAVLPLKFFKANVGGMLSRNKSRGARWQTHQLQK
;
5
4 'polypeptide(L)'
;MRSALRRCILRHQGCLRMKQSLSAFPTVVTGMTRHQGNSLIGTTHGAELSLAGDPQSVSHLSARNIATEALQMKKLHQER
GGNPMLAQQARRVLFATSIAGQNLDARSVALLLNTAVYFGMESDAKLVRECIDYCLKNDKLITVDVLPIVVTACATLKSR
DAREVIEMQAQKAARNAKFLDAKDVTNIISAFSKTGINHEKLFAFLSRRVQTLARVGEFEAAHLVILANAFSRLRYRDKF
LFGAIARRAMSLRERVTVNELVPLIVAFSKIGLKDPKLSKRFATKAMEYVDQMNAEQVASMFMAFAYFGIRYDQLFGVLT
NRAVELIDEFNAQYISTTLNAFQRIGINNPELFDNLAERALAVVQDHDARDISKTVTALAHFGLKDEELFKRLASHAASI
ADQFDAMGLVNTAHAFARTNFLQQDMAVALSERSVYVCRLLDAGETRRLLWALAKFQVRDPKILTPVFNRCLALHYDFFA
DPTGSEEIEEIFDFYGPNFCPPLYQLYISRGSTPQA
;
6
5 'polypeptide(L)'
;MRSSRGILFLSGAFAIRGMSAYHSYQRLDTVSHTSKVYSLQMQRQTVHFTPITRLGVEATANPTTATNATGQTGDGDGAT
ALDVAMRVNKLKRLHQTGGGPSGKKQVELDAWRDLNNLTEAQINSAEGKAVSLLLNSWAYFAKYWEKGAEGPSASLSEVT
PSNDSSSAGEHGTQ
;
7
6 'polypeptide(L)'
;MLNVLSSTASAALATVVVARPSALHLIFERCKLNLVEFTAQDVYQICTTAYNMDTLGMLQDPDFMRGLHDAFRRSDQTVI
SPFQANLIADTFRKVGINSMPKEVSVPEEDAISPESLILVLRNMNITKQRDERKINEVLKLMFPILDEFSPTQLSLTVTE
LARLKSTNADFVGKLAKRIMEYNDDLSALDISSAAVSLAYCPGISHNILYRMMQIVEERMGEFQPEDYINVLHALNTLGP
KFVNTFRKIVECGLQHVENMDAVTLTNYMVCFSTMDYKQREHIDIYADALVEVATDLSEKDLVMAFIALQRLRLLSDTMF
GTMASCVIRYAAKMDPRNIAPIMDICSTVPHASDHLMKVLMDRAVECTRILTANQLGDILDILGLYPPAREHPLVQLFGK
QARLRLDLMGPDALANATRGLANLGYADPEYYAQAAETGFRYGFKDWTLLEPMLMGLSITGQCPPTMVRVLGSHIAPMAR
SMSLMEIERANRYLRRLGCEDDFVYKAMASRVLQFVKEVTPEMPEDLQVLLQRGAVEPGAAPGVM
;
8
7 'polypeptide(L)'
;MRRRVVLCCQDVGSLLSSKHSVHSGIGYHERVFSRNLLYRRYPVVTVLPKAGFTVLDTKRWIASSGPPVTGSPLSPVTNP
SLNVGTGGGEAVAMEGPLPVSYSPGSGVNGSLPVTSTAITAHCDVLSECVAKADELAVQLKAQNALSASAEILTQEGMEE
FVEELKTSATNEMTALVKQMQTTPLLQRAGMHELRRTLYYTTSLKERDWLEEKQYTAAMRMLTVEVLRRDGDGVLSADDV
LYVTTHVVTANFYNRHLWNRMEKSLLKFSNYENIDMSSVKAFSTRLFKTRRGCAKETLDIRRKVLLAMSRRVGVLANDFD
LPSLLGVLQCYTVHDLTPFHLEPLAIRATNHVGDFTPHECATLAHVLRKWRTMRLEVCERLVERICTSDQLTHHMANAAM
IAIRTCFNQVSDGGRNAMNAEPTRQKLRAMGEQIGCRLDEVEYPALPVILSILDVVVTLKIYVPKKCLQVIFSQANDMVA
IVMEQKDDLVDPKTGKRVRPITAEEGRQLQALLSHYGNDLAPELSQRMKEAFREGVLPDEASL
;
10
8 'polypeptide(L)'
;MRSGRKLGCFTNRLRLPFFSPCSQITALTASHRCKSYVLKFLRGQLPEDLKDVNGALGCLYGTLPDVDEFGQFVISPDVV
NSFHQFGYVKMPIPVLDHQQIDKLADEVNELANNVEHHPKTERLYATSLADLTGGPLFFCQGQWRAAWGMHDLIYLPTIT
VAASQILNNSLVRLWYDEVFMKAARTGPCVPWQQNYARWQHTKPVNHVTVMIALDTMNKDRGAPCLVPGSHRWREGGLLP
PVSYDPTKDEAHQLNTIWEIINEEEGEMLMDTPPVTVDLRRGEALLIHPLTLFATHGNRSLDAVRCCFIHYMGEKTYAVQ
NGPLLPHTTKFQADAMIQGPFYPVVFDPAMTEELTMLPTAPSEEEA
;
14
#
loop_
_chem_comp.id
_chem_comp.type
_chem_comp.name
_chem_comp.formula
A RNA linking ADENOSINE-5'-MONOPHOSPHATE 'C10 H14 N5 O7 P'
G RNA linking GUANOSINE-5'-MONOPHOSPHATE 'C10 H14 N5 O8 P'
U RNA linking URIDINE-5'-MONOPHOSPHATE 'C9 H13 N2 O9 P'
#
# COMPACT_ATOMS: atom_id res chain seq x y z
N LEU C 11 16.74 -23.13 3.44
CA LEU C 11 17.38 -23.06 4.74
C LEU C 11 17.63 -21.60 5.13
N HIS C 12 16.98 -21.17 6.21
CA HIS C 12 17.11 -19.81 6.71
C HIS C 12 18.01 -19.80 7.94
N ALA C 13 19.01 -18.92 7.93
CA ALA C 13 19.97 -18.83 9.02
C ALA C 13 19.77 -17.52 9.76
N PHE C 14 19.51 -17.60 11.07
CA PHE C 14 19.21 -16.44 11.90
C PHE C 14 20.42 -16.11 12.76
N VAL C 15 20.84 -14.85 12.74
CA VAL C 15 21.93 -14.35 13.57
C VAL C 15 21.51 -13.02 14.18
N ARG C 16 22.20 -12.63 15.25
CA ARG C 16 21.93 -11.39 15.97
C ARG C 16 23.18 -10.53 16.03
N SER C 17 23.02 -9.23 15.80
CA SER C 17 24.15 -8.32 15.85
C SER C 17 24.60 -8.09 17.29
N PRO C 18 25.89 -7.92 17.52
CA PRO C 18 26.37 -7.62 18.88
C PRO C 18 25.99 -6.22 19.31
N HIS C 19 25.86 -6.06 20.62
CA HIS C 19 25.60 -4.76 21.24
C HIS C 19 26.95 -4.17 21.67
N TYR C 20 27.42 -3.18 20.91
CA TYR C 20 28.78 -2.69 21.09
C TYR C 20 28.97 -2.04 22.46
N ARG C 21 27.94 -1.38 22.98
CA ARG C 21 28.07 -0.67 24.25
C ARG C 21 28.35 -1.63 25.40
N THR C 22 27.66 -2.77 25.42
CA THR C 22 27.69 -3.68 26.56
C THR C 22 28.53 -4.93 26.31
N ILE C 23 29.44 -4.89 25.34
CA ILE C 23 30.37 -6.01 25.17
C ILE C 23 31.32 -6.04 26.36
N PRO C 24 31.50 -7.19 27.03
CA PRO C 24 32.36 -7.23 28.21
C PRO C 24 33.80 -6.84 27.88
N SER C 25 34.44 -6.18 28.85
CA SER C 25 35.86 -5.84 28.68
C SER C 25 36.73 -7.08 28.75
N ALA C 26 36.30 -8.10 29.50
CA ALA C 26 37.00 -9.37 29.58
C ALA C 26 35.99 -10.47 29.78
N GLY C 27 36.10 -11.54 28.99
CA GLY C 27 35.16 -12.62 29.05
C GLY C 27 35.53 -13.65 30.10
N PRO C 28 35.07 -14.89 29.91
CA PRO C 28 35.43 -15.96 30.85
C PRO C 28 36.94 -16.19 30.88
N ASN C 29 37.42 -16.61 32.04
CA ASN C 29 38.83 -16.84 32.34
C ASN C 29 39.63 -15.55 32.43
N GLY C 30 38.96 -14.40 32.36
CA GLY C 30 39.65 -13.12 32.46
C GLY C 30 40.40 -12.69 31.22
N ILE C 31 40.18 -13.36 30.09
CA ILE C 31 40.89 -13.01 28.86
C ILE C 31 40.30 -11.73 28.29
N VAL C 32 41.16 -10.75 28.01
CA VAL C 32 40.71 -9.48 27.47
C VAL C 32 40.25 -9.68 26.03
N VAL C 33 39.23 -8.92 25.63
CA VAL C 33 38.69 -8.98 24.28
C VAL C 33 38.60 -7.56 23.73
N ASN C 34 38.57 -7.47 22.40
CA ASN C 34 38.48 -6.19 21.71
C ASN C 34 37.15 -6.15 20.96
N ARG C 35 36.32 -5.16 21.27
CA ARG C 35 34.97 -5.09 20.71
C ARG C 35 34.95 -4.73 19.22
N ASP C 36 35.88 -3.87 18.77
CA ASP C 36 35.91 -3.51 17.36
C ASP C 36 36.21 -4.73 16.49
N MET C 37 37.18 -5.53 16.91
CA MET C 37 37.50 -6.74 16.15
C MET C 37 36.35 -7.76 16.24
N LEU C 38 35.64 -7.78 17.37
CA LEU C 38 34.45 -8.63 17.46
C LEU C 38 33.41 -8.22 16.43
N VAL C 39 33.15 -6.92 16.30
CA VAL C 39 32.17 -6.45 15.33
C VAL C 39 32.63 -6.76 13.91
N HIS C 40 33.91 -6.54 13.63
CA HIS C 40 34.43 -6.82 12.30
C HIS C 40 34.32 -8.31 11.96
N GLN C 41 34.65 -9.17 12.91
CA GLN C 41 34.55 -10.61 12.69
C GLN C 41 33.09 -11.04 12.52
N PHE C 42 32.16 -10.42 13.25
CA PHE C 42 30.75 -10.75 13.05
C PHE C 42 30.29 -10.34 11.66
N ARG C 43 30.74 -9.17 11.19
CA ARG C 43 30.40 -8.75 9.83
C ARG C 43 30.96 -9.73 8.80
N ASP C 44 32.21 -10.16 8.99
CA ASP C 44 32.80 -11.14 8.08
C ASP C 44 32.04 -12.47 8.14
N PHE C 45 31.59 -12.86 9.33
CA PHE C 45 30.81 -14.09 9.47
C PHE C 45 29.47 -13.98 8.73
N TYR C 46 28.81 -12.83 8.85
CA TYR C 46 27.56 -12.62 8.14
C TYR C 46 27.77 -12.70 6.63
N LYS C 47 28.82 -12.07 6.14
CA LYS C 47 29.12 -12.14 4.70
C LYS C 47 29.44 -13.56 4.27
N THR C 48 30.19 -14.31 5.09
CA THR C 48 30.51 -15.69 4.76
C THR C 48 29.25 -16.56 4.72
N LEU C 49 28.34 -16.33 5.66
CA LEU C 49 27.07 -17.06 5.65
C LEU C 49 26.25 -16.72 4.41
N GLN C 50 26.22 -15.45 4.02
CA GLN C 50 25.48 -15.07 2.81
C GLN C 50 26.10 -15.70 1.57
N HIS C 51 27.44 -15.78 1.51
CA HIS C 51 28.09 -16.36 0.35
C HIS C 51 27.90 -17.87 0.26
N CYS C 52 27.40 -18.51 1.31
CA CYS C 52 27.09 -19.92 1.23
C CYS C 52 25.92 -20.16 0.29
N SER C 53 26.07 -21.13 -0.61
CA SER C 53 25.05 -21.39 -1.61
C SER C 53 23.82 -22.10 -1.05
N LEU C 54 23.97 -22.83 0.06
CA LEU C 54 22.87 -23.64 0.56
C LEU C 54 21.80 -22.81 1.24
N VAL C 55 22.19 -21.78 1.99
CA VAL C 55 21.23 -21.00 2.75
C VAL C 55 20.37 -20.17 1.82
N ASP C 56 19.04 -20.24 2.02
CA ASP C 56 18.13 -19.42 1.22
C ASP C 56 18.18 -17.95 1.64
N LYS C 57 18.18 -17.69 2.94
CA LYS C 57 18.20 -16.32 3.44
C LYS C 57 18.94 -16.29 4.77
N VAL C 58 19.55 -15.14 5.06
CA VAL C 58 20.20 -14.88 6.34
C VAL C 58 19.48 -13.71 6.98
N HIS C 59 18.94 -13.92 8.16
CA HIS C 59 18.18 -12.92 8.89
C HIS C 59 19.02 -12.35 10.02
N LEU C 60 18.92 -11.03 10.22
CA LEU C 60 19.68 -10.30 11.21
C LEU C 60 18.72 -9.66 12.21
N MET C 61 18.63 -10.24 13.40
CA MET C 61 17.80 -9.64 14.44
C MET C 61 18.48 -8.41 15.03
N SER C 62 17.66 -7.54 15.63
CA SER C 62 18.16 -6.31 16.22
C SER C 62 18.98 -6.62 17.47
N GLU C 63 19.81 -5.65 17.84
CA GLU C 63 20.70 -5.82 18.98
C GLU C 63 19.92 -5.86 20.28
N ARG C 64 20.48 -6.56 21.27
CA ARG C 64 19.91 -6.62 22.60
C ARG C 64 21.02 -6.37 23.63
N PRO C 65 20.67 -5.78 24.79
CA PRO C 65 21.72 -5.32 25.71
C PRO C 65 22.69 -6.40 26.18
N SER C 66 22.22 -7.63 26.40
CA SER C 66 23.08 -8.66 26.96
C SER C 66 23.95 -9.28 25.87
N VAL C 67 25.19 -9.60 26.24
CA VAL C 67 26.08 -10.32 25.33
C VAL C 67 25.67 -11.77 25.19
N GLU C 68 24.90 -12.29 26.15
CA GLU C 68 24.43 -13.66 26.08
C GLU C 68 23.41 -13.87 24.97
N ALA C 69 22.77 -12.79 24.50
CA ALA C 69 21.73 -12.91 23.48
C ALA C 69 22.27 -13.37 22.14
N LEU C 70 23.59 -13.29 21.93
CA LEU C 70 24.17 -13.75 20.67
C LEU C 70 24.05 -15.25 20.49
N ARG C 71 23.97 -16.02 21.57
CA ARG C 71 23.81 -17.46 21.47
C ARG C 71 22.38 -17.78 21.08
N VAL C 72 22.05 -17.59 19.81
CA VAL C 72 20.67 -17.78 19.36
C VAL C 72 20.20 -19.24 19.28
N ALA C 73 21.10 -20.17 19.03
CA ALA C 73 20.70 -21.57 18.85
C ALA C 73 20.23 -22.24 20.13
N ASP C 74 20.44 -21.58 21.26
CA ASP C 74 20.06 -22.17 22.55
C ASP C 74 18.56 -22.31 22.72
N GLN C 75 17.79 -21.54 21.97
CA GLN C 75 16.33 -21.57 22.13
C GLN C 75 15.66 -22.89 21.79
N MET C 76 16.01 -23.48 20.64
CA MET C 76 15.33 -24.70 20.22
C MET C 76 16.18 -25.61 19.35
N VAL C 77 15.69 -26.82 19.09
CA VAL C 77 16.42 -27.76 18.25
C VAL C 77 15.52 -28.32 17.15
N SER C 78 16.11 -28.66 16.01
CA SER C 78 15.34 -29.22 14.91
C SER C 78 15.55 -30.71 14.80
N ILE C 79 14.57 -31.49 15.23
CA ILE C 79 14.67 -32.94 15.19
C ILE C 79 13.70 -33.40 14.10
N GLY C 80 14.25 -33.74 12.94
CA GLY C 80 13.41 -34.12 11.82
C GLY C 80 12.54 -32.97 11.38
N ALA C 81 11.23 -33.19 11.43
CA ALA C 81 10.26 -32.14 11.12
C ALA C 81 9.69 -31.48 12.36
N THR C 82 10.26 -31.72 13.53
CA THR C 82 9.77 -31.18 14.79
C THR C 82 10.71 -30.11 15.30
N PHE C 83 10.17 -28.95 15.64
CA PHE C 83 10.92 -27.85 16.21
C PHE C 83 10.73 -27.88 17.72
N LEU C 84 11.65 -28.51 18.43
CA LEU C 84 11.52 -28.73 19.86
C LEU C 84 12.16 -27.58 20.62
N GLU C 85 11.39 -26.97 21.52
CA GLU C 85 11.85 -25.83 22.31
C GLU C 85 12.45 -26.32 23.62
N MET C 86 13.65 -25.83 23.93
CA MET C 86 14.34 -26.23 25.15
C MET C 86 13.59 -25.74 26.39
N PRO C 87 13.67 -26.48 27.49
CA PRO C 87 13.06 -26.03 28.74
C PRO C 87 13.67 -24.71 29.18
N LEU C 88 12.81 -23.85 29.74
CA LEU C 88 13.22 -22.51 30.16
C LEU C 88 13.58 -22.52 31.65
N THR C 89 14.56 -23.35 31.98
CA THR C 89 14.95 -23.58 33.37
C THR C 89 16.08 -22.66 33.81
N GLY C 90 17.21 -22.68 33.11
CA GLY C 90 18.36 -21.87 33.45
C GLY C 90 18.47 -20.57 32.69
N MET C 91 17.50 -20.24 31.84
CA MET C 91 17.55 -19.05 30.99
C MET C 91 16.30 -18.21 31.16
N GLU C 92 15.91 -17.96 32.42
CA GLU C 92 14.75 -17.11 32.67
C GLU C 92 14.99 -15.69 32.18
N HIS C 93 16.18 -15.14 32.44
CA HIS C 93 16.50 -13.79 32.02
C HIS C 93 16.53 -13.64 30.50
N ARG C 94 16.62 -14.75 29.76
CA ARG C 94 16.58 -14.73 28.30
C ARG C 94 15.18 -14.98 27.76
N ALA C 95 14.21 -15.20 28.64
CA ALA C 95 12.88 -15.63 28.20
C ALA C 95 12.28 -14.66 27.19
N THR C 96 12.18 -13.38 27.55
CA THR C 96 11.67 -12.39 26.62
C THR C 96 12.48 -12.35 25.34
N GLU C 97 13.79 -12.50 25.44
CA GLU C 97 14.63 -12.55 24.23
C GLU C 97 14.15 -13.64 23.29
N PHE C 98 13.86 -14.83 23.84
CA PHE C 98 13.36 -15.92 22.99
C PHE C 98 12.09 -15.49 22.26
N MET C 99 11.21 -14.77 22.95
CA MET C 99 10.01 -14.26 22.30
C MET C 99 10.37 -13.41 21.09
N GLU C 100 11.32 -12.48 21.25
CA GLU C 100 11.69 -11.62 20.14
C GLU C 100 12.30 -12.41 19.00
N SER C 101 12.81 -13.61 19.27
CA SER C 101 13.35 -14.43 18.20
C SER C 101 12.25 -15.20 17.48
N MET C 102 11.17 -15.56 18.17
CA MET C 102 10.12 -16.33 17.51
C MET C 102 9.35 -15.49 16.50
N ARG C 103 9.10 -14.23 16.82
CA ARG C 103 8.45 -13.33 15.87
C ARG C 103 9.23 -13.30 14.55
N TYR C 104 10.56 -13.23 14.63
CA TYR C 104 11.37 -13.28 13.42
C TYR C 104 11.09 -14.55 12.64
N VAL C 105 11.05 -15.69 13.34
CA VAL C 105 10.74 -16.95 12.68
C VAL C 105 9.34 -16.92 12.09
N ARG C 106 8.42 -16.22 12.76
CA ARG C 106 7.07 -16.06 12.21
C ARG C 106 7.07 -15.12 11.02
N GLY C 107 7.98 -14.14 11.01
CA GLY C 107 8.04 -13.21 9.90
C GLY C 107 8.51 -13.86 8.62
N ALA C 108 9.48 -14.77 8.71
CA ALA C 108 10.03 -15.45 7.55
C ALA C 108 9.14 -16.56 7.00
N GLY C 109 7.93 -16.73 7.54
CA GLY C 109 7.07 -17.79 7.11
C GLY C 109 7.31 -19.14 7.77
N GLY C 110 7.97 -19.15 8.92
CA GLY C 110 8.27 -20.38 9.61
C GLY C 110 7.12 -20.86 10.47
N PRO C 111 7.42 -21.73 11.42
CA PRO C 111 6.36 -22.30 12.27
C PRO C 111 5.69 -21.25 13.14
N SER C 112 4.41 -21.48 13.41
CA SER C 112 3.69 -20.57 14.31
C SER C 112 4.25 -20.64 15.72
N THR C 113 4.57 -21.84 16.20
CA THR C 113 5.12 -22.01 17.54
C THR C 113 5.90 -23.32 17.58
N LEU C 114 6.73 -23.45 18.61
CA LEU C 114 7.55 -24.63 18.80
C LEU C 114 6.85 -25.65 19.68
N ALA C 115 7.28 -26.90 19.58
CA ALA C 115 6.76 -27.95 20.42
C ALA C 115 7.18 -27.74 21.87
N SER C 116 6.26 -27.95 22.79
CA SER C 116 6.56 -27.75 24.20
C SER C 116 6.61 -29.05 24.94
N TYR C 117 7.08 -30.08 24.26
CA TYR C 117 7.16 -31.41 24.86
C TYR C 117 8.18 -31.44 26.01
N LEU C 118 9.33 -30.80 25.80
CA LEU C 118 10.36 -30.80 26.83
C LEU C 118 10.01 -29.90 28.00
N GLN C 119 9.32 -28.79 27.72
CA GLN C 119 8.95 -27.85 28.78
C GLN C 119 7.96 -28.47 29.76
N ASP C 120 7.02 -29.28 29.26
CA ASP C 120 5.99 -29.84 30.11
C ASP C 120 6.54 -30.88 31.08
N THR C 121 7.59 -31.60 30.68
CA THR C 121 8.14 -32.66 31.51
C THR C 121 8.87 -32.06 32.72
N GLU C 122 8.80 -32.78 33.84
CA GLU C 122 9.38 -32.32 35.10
C GLU C 122 10.83 -32.77 35.22
N ASN C 123 11.69 -31.86 35.68
CA ASN C 123 13.11 -32.12 35.89
C ASN C 123 13.78 -32.59 34.60
N CYS C 124 13.31 -32.07 33.47
CA CYS C 124 13.83 -32.43 32.17
C CYS C 124 14.79 -31.34 31.67
N ARG C 125 16.01 -31.39 32.21
CA ARG C 125 17.04 -30.46 31.76
C ARG C 125 17.65 -30.95 30.45
N CYS C 126 17.54 -30.12 29.41
CA CYS C 126 18.17 -30.38 28.12
C CYS C 126 18.77 -29.08 27.59
N ASN C 127 19.90 -29.20 26.91
CA ASN C 127 20.61 -28.05 26.33
C ASN C 127 20.76 -28.35 24.85
N SER C 128 20.17 -27.49 24.00
CA SER C 128 20.35 -27.62 22.57
C SER C 128 21.82 -27.45 22.19
N GLY C 129 22.34 -28.40 21.44
CA GLY C 129 23.76 -28.52 21.17
C GLY C 129 24.35 -29.84 21.60
N ASP C 130 23.69 -30.56 22.50
CA ASP C 130 24.03 -31.94 22.80
C ASP C 130 23.38 -32.91 21.83
N VAL C 131 22.59 -32.40 20.89
CA VAL C 131 21.89 -33.22 19.90
C VAL C 131 22.60 -33.06 18.57
N VAL C 132 23.05 -34.18 18.01
CA VAL C 132 23.75 -34.21 16.73
C VAL C 132 22.94 -35.03 15.75
N CYS C 133 22.65 -34.44 14.58
CA CYS C 133 21.76 -35.06 13.59
C CYS C 133 22.57 -35.99 12.68
N LEU C 134 22.81 -37.19 13.18
CA LEU C 134 23.45 -38.22 12.37
C LEU C 134 22.46 -38.73 11.32
N PRO C 135 22.96 -39.38 10.27
CA PRO C 135 22.05 -39.96 9.27
C PRO C 135 21.09 -40.97 9.89
N ASN C 136 19.80 -40.74 9.70
CA ASN C 136 18.74 -41.62 10.21
C ASN C 136 18.80 -41.74 11.72
N GLY C 137 18.74 -40.61 12.39
CA GLY C 137 18.70 -40.60 13.84
C GLY C 137 19.34 -39.33 14.39
N ILE C 138 19.48 -39.32 15.71
CA ILE C 138 20.12 -38.22 16.43
C ILE C 138 20.98 -38.80 17.56
N ALA C 139 22.04 -38.07 17.90
CA ALA C 139 22.93 -38.44 18.99
C ALA C 139 22.78 -37.41 20.11
N VAL C 140 22.46 -37.87 21.31
CA VAL C 140 22.33 -36.97 22.44
C VAL C 140 23.42 -37.25 23.47
N GLY C 141 23.80 -36.23 24.23
CA GLY C 141 24.86 -36.40 25.21
C GLY C 141 24.34 -36.49 26.63
N HIS C 142 24.71 -37.55 27.33
CA HIS C 142 24.26 -37.73 28.70
C HIS C 142 25.21 -37.07 29.67
N GLY C 143 25.46 -35.78 29.49
CA GLY C 143 26.37 -35.08 30.36
C GLY C 143 25.66 -34.24 31.39
N PRO C 144 26.35 -33.22 31.93
CA PRO C 144 25.75 -32.34 32.94
C PRO C 144 24.58 -31.55 32.40
N ARG C 145 24.64 -31.13 31.15
CA ARG C 145 23.57 -30.31 30.58
C ARG C 145 22.30 -31.08 30.30
N THR C 146 22.37 -32.40 30.27
CA THR C 146 21.19 -33.19 29.93
C THR C 146 21.03 -34.32 30.94
N ASN C 147 19.84 -34.43 31.53
CA ASN C 147 19.57 -35.47 32.50
C ASN C 147 19.03 -36.72 31.81
N ALA C 148 18.81 -37.76 32.61
CA ALA C 148 18.24 -38.99 32.09
C ALA C 148 16.77 -38.83 31.71
N VAL C 149 16.08 -37.89 32.37
CA VAL C 149 14.68 -37.65 32.06
C VAL C 149 14.52 -37.13 30.63
N ALA C 150 15.39 -36.20 30.22
CA ALA C 150 15.35 -35.70 28.85
C ALA C 150 15.66 -36.82 27.86
N HIS C 151 16.61 -37.68 28.19
CA HIS C 151 16.92 -38.83 27.34
C HIS C 151 15.70 -39.73 27.18
N THR C 152 15.02 -40.03 28.28
CA THR C 152 13.84 -40.89 28.25
C THR C 152 12.72 -40.25 27.43
N THR C 153 12.50 -38.95 27.60
CA THR C 153 11.45 -38.27 26.84
C THR C 153 11.77 -38.27 25.34
N LEU C 154 13.02 -37.98 24.99
CA LEU C 154 13.41 -37.99 23.58
C LEU C 154 13.27 -39.37 22.97
N LYS C 155 13.65 -40.42 23.72
CA LYS C 155 13.45 -41.77 23.21
C LYS C 155 11.97 -42.13 23.08
N GLN C 156 11.15 -41.71 24.04
CA GLN C 156 9.71 -41.95 23.96
C GLN C 156 9.09 -41.22 22.79
N LEU C 157 9.64 -40.08 22.38
CA LEU C 157 9.05 -39.25 21.34
C LEU C 157 9.52 -39.62 19.94
N PHE C 158 10.83 -39.71 19.72
CA PHE C 158 11.37 -39.79 18.37
C PHE C 158 11.96 -41.14 18.00
N GLU C 159 12.16 -42.04 18.97
CA GLU C 159 12.76 -43.34 18.69
C GLU C 159 11.69 -44.30 18.19
N VAL C 160 11.88 -44.83 16.98
CA VAL C 160 10.98 -45.79 16.38
C VAL C 160 11.82 -46.91 15.76
N LYS C 161 11.38 -48.15 15.98
CA LYS C 161 12.09 -49.34 15.49
C LYS C 161 11.21 -50.03 14.45
N ASP C 162 11.63 -49.95 13.20
CA ASP C 162 10.88 -50.56 12.09
C ASP C 162 11.87 -50.88 10.97
N ASP C 163 11.40 -51.69 10.01
CA ASP C 163 12.27 -52.10 8.91
C ASP C 163 12.70 -50.91 8.07
N GLN C 164 11.79 -49.99 7.77
CA GLN C 164 12.09 -48.82 6.96
C GLN C 164 11.81 -47.50 7.65
N PHE C 165 10.87 -47.46 8.59
CA PHE C 165 10.57 -46.24 9.35
C PHE C 165 11.37 -46.31 10.65
N SER C 166 12.68 -46.16 10.53
CA SER C 166 13.61 -46.33 11.64
C SER C 166 14.24 -45.00 12.00
N PHE C 167 14.19 -44.64 13.28
CA PHE C 167 14.85 -43.47 13.81
C PHE C 167 15.53 -43.87 15.11
N ASP C 168 16.83 -43.57 15.22
CA ASP C 168 17.64 -44.02 16.34
C ASP C 168 18.05 -42.83 17.20
N VAL C 169 17.91 -42.99 18.51
CA VAL C 169 18.38 -42.00 19.48
C VAL C 169 19.52 -42.64 20.26
N PHE C 170 20.73 -42.11 20.09
CA PHE C 170 21.93 -42.67 20.71
C PHE C 170 22.32 -41.81 21.90
N THR C 171 22.52 -42.44 23.05
CA THR C 171 22.97 -41.76 24.25
C THR C 171 24.49 -41.86 24.34
N LEU C 172 25.17 -40.73 24.20
CA LEU C 172 26.63 -40.68 24.25
C LEU C 172 27.05 -40.07 25.58
N GLU C 173 27.63 -40.88 26.45
CA GLU C 173 28.06 -40.39 27.75
C GLU C 173 29.32 -39.54 27.62
N GLN C 174 29.41 -38.50 28.44
CA GLN C 174 30.55 -37.60 28.44
C GLN C 174 30.83 -37.14 29.86
N GLU C 175 32.06 -36.68 30.08
CA GLU C 175 32.49 -36.26 31.40
C GLU C 175 31.97 -34.87 31.73
N GLY C 176 32.19 -34.46 32.98
CA GLY C 176 31.68 -33.18 33.44
C GLY C 176 32.31 -31.98 32.75
N ASP C 177 33.60 -32.07 32.47
CA ASP C 177 34.32 -30.94 31.86
C ASP C 177 34.16 -30.89 30.35
N ALA C 178 33.41 -31.82 29.76
CA ALA C 178 33.25 -31.84 28.31
C ALA C 178 32.41 -30.66 27.85
N PRO C 179 32.71 -30.08 26.69
CA PRO C 179 31.84 -29.06 26.11
C PRO C 179 30.60 -29.70 25.51
N PRO C 180 29.66 -28.91 24.99
CA PRO C 180 28.51 -29.50 24.31
C PRO C 180 28.93 -30.37 23.13
N LEU C 181 28.17 -31.44 22.90
CA LEU C 181 28.54 -32.43 21.89
C LEU C 181 28.61 -31.80 20.50
N GLY C 182 27.72 -30.87 20.18
CA GLY C 182 27.74 -30.24 18.88
C GLY C 182 28.97 -29.40 18.61
N ASP C 183 29.71 -29.02 19.65
CA ASP C 183 30.90 -28.21 19.47
C ASP C 183 32.11 -29.01 19.04
N TYR C 184 32.09 -30.33 19.20
CA TYR C 184 33.24 -31.15 18.82
C TYR C 184 32.85 -32.46 18.13
N PHE C 185 31.60 -32.61 17.71
CA PHE C 185 31.15 -33.83 17.06
C PHE C 185 30.09 -33.47 16.02
N GLY C 186 30.33 -33.84 14.77
CA GLY C 186 29.37 -33.51 13.74
C GLY C 186 29.59 -34.32 12.48
N PHE C 187 28.68 -34.13 11.53
CA PHE C 187 28.74 -34.81 10.24
C PHE C 187 28.88 -33.78 9.13
N ALA C 188 29.60 -34.16 8.08
CA ALA C 188 29.83 -33.31 6.93
C ALA C 188 29.67 -34.11 5.65
N GLY C 189 29.23 -33.42 4.60
CA GLY C 189 28.92 -34.09 3.35
C GLY C 189 27.80 -35.09 3.56
N SER C 190 28.01 -36.32 3.09
CA SER C 190 27.10 -37.42 3.35
C SER C 190 27.74 -38.55 4.14
N ASN C 191 29.06 -38.54 4.34
CA ASN C 191 29.75 -39.61 5.01
C ASN C 191 30.80 -39.14 6.03
N VAL C 192 31.30 -37.92 5.92
CA VAL C 192 32.46 -37.51 6.73
C VAL C 192 32.03 -37.25 8.16
N LEU C 193 32.86 -37.67 9.10
CA LEU C 193 32.66 -37.38 10.52
C LEU C 193 33.74 -36.41 10.98
N LEU C 194 33.31 -35.27 11.53
CA LEU C 194 34.23 -34.26 12.04
C LEU C 194 34.24 -34.32 13.56
N THR C 195 35.43 -34.43 14.13
CA THR C 195 35.60 -34.51 15.57
C THR C 195 36.98 -33.99 15.94
N TRP C 196 37.14 -33.65 17.21
CA TRP C 196 38.43 -33.17 17.70
C TRP C 196 39.32 -34.35 18.07
N LYS C 197 40.63 -34.16 17.89
CA LYS C 197 41.61 -35.15 18.34
C LYS C 197 41.93 -34.93 19.83
N ASP C 198 40.86 -34.87 20.62
CA ASP C 198 40.91 -34.70 22.06
C ASP C 198 40.37 -35.96 22.72
N GLU C 199 40.36 -35.94 24.06
CA GLU C 199 39.84 -37.09 24.79
C GLU C 199 38.36 -37.29 24.54
N HIS C 200 37.57 -36.21 24.63
CA HIS C 200 36.13 -36.31 24.46
C HIS C 200 35.74 -36.69 23.03
N GLY C 201 36.42 -36.13 22.03
CA GLY C 201 36.10 -36.47 20.66
C GLY C 201 36.36 -37.93 20.35
N LEU C 202 37.53 -38.44 20.75
CA LEU C 202 37.84 -39.85 20.54
C LEU C 202 36.86 -40.75 21.30
N LEU C 203 36.53 -40.38 22.54
CA LEU C 203 35.59 -41.17 23.30
C LEU C 203 34.21 -41.21 22.63
N ALA C 204 33.73 -40.07 22.15
CA ALA C 204 32.44 -40.02 21.47
C ALA C 204 32.46 -40.84 20.19
N VAL C 205 33.55 -40.74 19.42
CA VAL C 205 33.65 -41.52 18.19
C VAL C 205 33.64 -43.01 18.49
N ASP C 206 34.39 -43.42 19.52
CA ASP C 206 34.40 -44.84 19.89
C ASP C 206 33.02 -45.32 20.33
N GLN C 207 32.32 -44.50 21.13
CA GLN C 207 30.98 -44.86 21.57
C GLN C 207 30.03 -44.99 20.38
N TYR C 208 30.11 -44.05 19.43
CA TYR C 208 29.21 -44.09 18.29
C TYR C 208 29.51 -45.27 17.39
N GLN C 209 30.79 -45.64 17.26
CA GLN C 209 31.14 -46.87 16.56
C GLN C 209 30.56 -48.09 17.27
N GLN C 210 30.65 -48.11 18.60
CA GLN C 210 30.14 -49.24 19.36
C GLN C 210 28.63 -49.39 19.20
N LYS C 211 27.90 -48.28 19.23
CA LYS C 211 26.45 -48.34 19.17
C LYS C 211 25.89 -48.50 17.76
N GLN C 212 26.72 -48.30 16.72
CA GLN C 212 26.29 -48.45 15.33
C GLN C 212 27.33 -49.29 14.58
N PRO C 213 27.33 -50.60 14.78
CA PRO C 213 28.33 -51.45 14.11
C PRO C 213 28.05 -51.67 12.64
N HIS C 214 28.91 -52.47 12.00
CA HIS C 214 28.75 -52.90 10.60
C HIS C 214 28.46 -51.73 9.65
N THR C 215 28.94 -50.54 10.00
CA THR C 215 28.75 -49.35 9.18
C THR C 215 30.10 -48.74 8.82
N GLU C 216 30.28 -48.48 7.54
CA GLU C 216 31.50 -47.87 7.02
C GLU C 216 31.29 -46.36 6.90
N MET C 217 32.23 -45.60 7.44
CA MET C 217 32.19 -44.15 7.34
C MET C 217 33.59 -43.59 7.55
N ASN C 218 33.77 -42.34 7.13
CA ASN C 218 35.06 -41.66 7.23
C ASN C 218 35.06 -40.75 8.46
N VAL C 219 36.14 -40.77 9.22
CA VAL C 219 36.32 -39.95 10.40
C VAL C 219 37.47 -38.99 10.17
N VAL C 220 37.23 -37.70 10.36
CA VAL C 220 38.23 -36.66 10.17
C VAL C 220 38.47 -35.98 11.51
N TYR C 221 39.74 -35.91 11.91
CA TYR C 221 40.12 -35.38 13.21
C TYR C 221 40.68 -33.97 13.04
N LEU C 222 40.04 -33.01 13.69
CA LEU C 222 40.51 -31.63 13.70
C LEU C 222 41.27 -31.34 14.98
N GLU C 223 42.03 -30.24 14.97
CA GLU C 223 42.75 -29.83 16.16
C GLU C 223 41.76 -29.41 17.24
N PRO C 224 42.04 -29.74 18.51
CA PRO C 224 41.15 -29.32 19.59
C PRO C 224 41.02 -27.80 19.64
N GLY C 225 39.81 -27.34 19.92
CA GLY C 225 39.52 -25.92 19.97
C GLY C 225 39.27 -25.27 18.63
N CYS C 226 39.33 -26.02 17.53
CA CYS C 226 39.08 -25.50 16.19
C CYS C 226 37.59 -25.60 15.93
N HIS C 227 36.86 -24.50 16.16
CA HIS C 227 35.43 -24.50 15.97
C HIS C 227 35.08 -24.69 14.50
N PHE C 228 34.05 -25.49 14.24
CA PHE C 228 33.60 -25.75 12.88
C PHE C 228 32.09 -25.66 12.85
N LEU C 229 31.54 -25.60 11.63
CA LEU C 229 30.10 -25.53 11.43
C LEU C 229 29.76 -26.08 10.06
N SER C 230 29.00 -27.15 10.01
CA SER C 230 28.68 -27.77 8.74
C SER C 230 27.21 -28.11 8.65
N PHE C 231 26.54 -27.55 7.66
CA PHE C 231 25.12 -27.81 7.50
C PHE C 231 24.89 -29.20 6.94
N TYR C 232 24.60 -30.17 7.82
CA TYR C 232 24.30 -31.53 7.39
C TYR C 232 22.80 -31.71 7.38
N GLY C 233 22.27 -32.31 6.33
CA GLY C 233 20.83 -32.43 6.22
C GLY C 233 20.44 -33.12 4.93
N VAL C 234 19.19 -32.90 4.52
CA VAL C 234 18.69 -33.50 3.28
C VAL C 234 19.47 -32.98 2.08
N ASP C 235 19.71 -31.67 2.03
CA ASP C 235 20.41 -31.06 0.92
C ASP C 235 21.91 -31.23 1.10
N HIS C 236 22.55 -31.91 0.16
CA HIS C 236 23.97 -32.18 0.24
C HIS C 236 24.77 -30.90 0.05
N THR C 237 25.86 -30.77 0.80
CA THR C 237 26.75 -29.61 0.68
C THR C 237 28.15 -30.04 1.11
N ILE C 238 29.13 -29.21 0.76
CA ILE C 238 30.53 -29.50 1.07
C ILE C 238 31.15 -28.31 1.80
N ASP C 239 30.32 -27.36 2.23
CA ASP C 239 30.80 -26.16 2.90
C ASP C 239 30.98 -26.44 4.38
N VAL C 240 32.22 -26.39 4.85
CA VAL C 240 32.56 -26.61 6.25
C VAL C 240 33.30 -25.36 6.73
N LEU C 241 32.60 -24.51 7.47
CA LEU C 241 33.23 -23.33 8.04
C LEU C 241 34.18 -23.72 9.15
N VAL C 242 35.39 -23.13 9.16
CA VAL C 242 36.42 -23.45 10.13
C VAL C 242 37.10 -22.17 10.60
N GLN C 243 37.79 -22.28 11.73
CA GLN C 243 38.53 -21.15 12.26
C GLN C 243 39.81 -20.92 11.45
N LYS C 244 40.23 -19.66 11.40
CA LYS C 244 41.32 -19.27 10.50
C LYS C 244 42.67 -19.77 10.98
N GLY C 245 42.87 -19.81 12.31
CA GLY C 245 44.20 -20.11 12.83
C GLY C 245 44.67 -21.51 12.53
N TYR C 246 43.76 -22.48 12.53
CA TYR C 246 44.13 -23.90 12.42
C TYR C 246 44.23 -24.28 10.96
N GLU C 247 45.47 -24.33 10.44
CA GLU C 247 45.69 -24.69 9.04
C GLU C 247 45.57 -26.20 8.81
N ARG C 248 46.03 -27.01 9.76
CA ARG C 248 46.03 -28.46 9.56
C ARG C 248 44.62 -29.03 9.53
N SER C 249 43.71 -28.47 10.31
CA SER C 249 42.31 -28.89 10.22
C SER C 249 41.74 -28.61 8.83
N MET C 250 42.06 -27.44 8.28
CA MET C 250 41.65 -27.12 6.92
C MET C 250 42.24 -28.10 5.91
N ASP C 251 43.52 -28.43 6.08
CA ASP C 251 44.16 -29.39 5.17
C ASP C 251 43.48 -30.75 5.24
N SER C 252 43.15 -31.20 6.46
CA SER C 252 42.48 -32.48 6.61
C SER C 252 41.09 -32.48 5.97
N ILE C 253 40.34 -31.39 6.18
CA ILE C 253 39.00 -31.31 5.59
C ILE C 253 39.07 -31.26 4.08
N ALA C 254 40.05 -30.53 3.53
CA ALA C 254 40.22 -30.50 2.08
C ALA C 254 40.62 -31.87 1.54
N ALA C 255 41.51 -32.56 2.23
CA ALA C 255 41.91 -33.91 1.82
C ALA C 255 40.79 -34.93 1.98
N ALA C 256 39.76 -34.63 2.79
CA ALA C 256 38.61 -35.49 2.93
C ALA C 256 37.60 -35.30 1.80
N GLY C 257 37.81 -34.34 0.91
CA GLY C 257 36.90 -34.11 -0.19
C GLY C 257 35.79 -33.13 0.14
N LEU C 258 36.11 -32.08 0.89
CA LEU C 258 35.15 -31.05 1.26
C LEU C 258 35.73 -29.69 0.93
N ASN C 259 34.96 -28.64 1.23
CA ASN C 259 35.35 -27.26 0.94
C ASN C 259 35.45 -26.47 2.23
N PRO C 260 36.66 -26.31 2.79
CA PRO C 260 36.81 -25.53 4.02
C PRO C 260 36.69 -24.03 3.74
N ILE C 261 35.97 -23.33 4.60
CA ILE C 261 35.81 -21.89 4.53
C ILE C 261 36.37 -21.27 5.80
N PRO C 262 37.61 -20.77 5.77
CA PRO C 262 38.20 -20.20 6.98
C PRO C 262 37.46 -18.94 7.42
N VAL C 263 37.13 -18.89 8.71
CA VAL C 263 36.39 -17.78 9.30
C VAL C 263 37.18 -17.27 10.50
N GLN C 264 37.40 -15.96 10.57
CA GLN C 264 38.07 -15.36 11.72
C GLN C 264 37.12 -15.34 12.90
N TRP C 265 37.48 -16.05 13.97
CA TRP C 265 36.57 -16.27 15.10
C TRP C 265 37.32 -16.13 16.42
N SER C 266 38.09 -15.05 16.58
CA SER C 266 38.93 -14.92 17.76
C SER C 266 38.13 -14.40 18.95
N GLU C 267 37.47 -13.25 18.79
CA GLU C 267 36.75 -12.63 19.90
C GLU C 267 35.60 -13.51 20.40
N MET C 268 34.82 -14.09 19.48
CA MET C 268 33.71 -14.93 19.91
C MET C 268 34.20 -16.19 20.62
N ASP C 269 35.33 -16.74 20.16
CA ASP C 269 35.95 -17.84 20.89
C ASP C 269 36.41 -17.41 22.28
N LYS C 270 37.01 -16.24 22.39
CA LYS C 270 37.48 -15.77 23.69
C LYS C 270 36.33 -15.33 24.59
N LEU C 271 35.13 -15.17 24.04
CA LEU C 271 33.92 -15.00 24.84
C LEU C 271 33.22 -16.32 25.14
N GLY C 272 33.73 -17.43 24.62
CA GLY C 272 33.14 -18.72 24.87
C GLY C 272 32.03 -19.14 23.92
N ILE C 273 31.70 -18.30 22.94
CA ILE C 273 30.64 -18.62 21.98
C ILE C 273 31.29 -19.24 20.74
N SER C 274 30.66 -20.29 20.21
CA SER C 274 31.14 -20.96 19.01
C SER C 274 30.28 -20.57 17.81
N MET C 275 30.73 -20.99 16.63
CA MET C 275 30.00 -20.67 15.40
C MET C 275 28.65 -21.39 15.37
N ARG C 276 28.59 -22.62 15.87
CA ARG C 276 27.34 -23.37 15.87
C ARG C 276 26.29 -22.68 16.72
N ALA C 277 26.68 -22.19 17.90
CA ALA C 277 25.73 -21.56 18.82
C ALA C 277 25.35 -20.15 18.39
N ALA C 278 26.07 -19.55 17.45
CA ALA C 278 25.80 -18.19 17.00
C ALA C 278 24.82 -18.12 15.85
N VAL C 279 24.41 -19.26 15.29
CA VAL C 279 23.51 -19.30 14.16
C VAL C 279 22.31 -20.19 14.49
N LEU C 280 21.18 -19.87 13.87
CA LEU C 280 19.94 -20.65 14.01
C LEU C 280 19.52 -21.09 12.61
N PRO C 281 19.92 -22.28 12.18
CA PRO C 281 19.51 -22.79 10.86
C PRO C 281 18.20 -23.55 10.95
N LEU C 282 17.19 -23.07 10.23
CA LEU C 282 15.89 -23.71 10.20
C LEU C 282 15.44 -23.95 8.76
N LYS C 283 14.85 -25.11 8.54
CA LYS C 283 14.35 -25.52 7.23
C LYS C 283 12.86 -25.22 7.15
N PHE C 284 12.48 -24.25 6.33
CA PHE C 284 11.09 -23.85 6.15
C PHE C 284 10.54 -24.42 4.85
N PHE C 285 9.25 -24.69 4.85
CA PHE C 285 8.53 -25.14 3.67
C PHE C 285 7.27 -24.30 3.51
N LYS C 286 6.59 -24.51 2.39
CA LYS C 286 5.33 -23.82 2.09
C LYS C 286 4.21 -24.84 2.07
N ALA C 287 3.12 -24.53 2.77
CA ALA C 287 1.98 -25.43 2.81
C ALA C 287 1.35 -25.56 1.43
N ASN C 288 1.15 -26.79 1.00
CA ASN C 288 0.61 -27.08 -0.32
C ASN C 288 -0.89 -27.34 -0.19
N VAL C 289 -1.70 -26.40 -0.69
CA VAL C 289 -3.14 -26.54 -0.62
C VAL C 289 -3.59 -27.57 -1.65
N GLY C 290 -4.28 -28.61 -1.18
CA GLY C 290 -4.72 -29.67 -2.07
C GLY C 290 -3.55 -30.53 -2.53
N GLY C 291 -3.83 -31.31 -3.57
CA GLY C 291 -2.82 -32.16 -4.16
C GLY C 291 -1.93 -31.40 -5.13
N MET C 292 -1.19 -30.42 -4.61
CA MET C 292 -0.34 -29.55 -5.42
C MET C 292 1.10 -29.72 -4.97
N LEU C 293 2.01 -29.88 -5.93
CA LEU C 293 3.43 -29.95 -5.64
C LEU C 293 4.08 -28.61 -5.91
N SER C 294 5.12 -28.30 -5.14
CA SER C 294 5.82 -27.03 -5.20
C SER C 294 7.15 -27.19 -5.93
N ARG C 295 7.47 -26.18 -6.74
CA ARG C 295 8.72 -26.22 -7.50
C ARG C 295 9.93 -26.15 -6.58
N ASN C 296 11.00 -26.85 -6.96
CA ASN C 296 12.23 -26.88 -6.20
C ASN C 296 13.39 -26.49 -7.10
N LYS C 297 14.33 -25.73 -6.55
CA LYS C 297 15.49 -25.30 -7.31
C LYS C 297 16.38 -26.49 -7.66
N SER C 298 17.01 -26.42 -8.83
CA SER C 298 17.87 -27.49 -9.29
C SER C 298 19.25 -27.39 -8.66
N ARG C 299 19.90 -28.54 -8.51
CA ARG C 299 21.24 -28.58 -7.94
C ARG C 299 22.16 -29.53 -8.68
N GLY C 300 21.75 -30.08 -9.82
CA GLY C 300 22.59 -30.99 -10.58
C GLY C 300 22.76 -30.58 -12.02
N ALA C 301 23.33 -31.46 -12.83
CA ALA C 301 23.54 -31.18 -14.25
C ALA C 301 22.33 -31.57 -15.07
N ARG C 302 22.09 -30.84 -16.14
CA ARG C 302 20.95 -31.06 -17.02
C ARG C 302 21.43 -31.57 -18.37
N TRP C 303 20.64 -32.49 -18.95
CA TRP C 303 20.93 -33.08 -20.26
C TRP C 303 22.29 -33.77 -20.27
N GLN C 304 22.50 -34.66 -19.30
CA GLN C 304 23.76 -35.39 -19.21
C GLN C 304 23.94 -36.32 -20.41
N THR C 305 22.86 -36.96 -20.87
CA THR C 305 22.97 -37.92 -21.96
C THR C 305 23.45 -37.25 -23.25
N HIS C 306 22.93 -36.06 -23.55
CA HIS C 306 23.32 -35.38 -24.78
C HIS C 306 24.79 -35.01 -24.76
N GLN C 307 25.26 -34.39 -23.68
CA GLN C 307 26.65 -33.99 -23.56
C GLN C 307 27.00 -33.69 -22.10
N VAL D 58 -6.65 -7.76 -26.25
CA VAL D 58 -6.39 -7.45 -24.86
C VAL D 58 -7.51 -7.99 -23.98
N SER D 59 -8.61 -8.40 -24.62
CA SER D 59 -9.74 -8.96 -23.88
C SER D 59 -9.41 -10.33 -23.30
N HIS D 60 -8.54 -11.09 -23.97
CA HIS D 60 -8.17 -12.42 -23.49
C HIS D 60 -7.21 -12.38 -22.30
N LEU D 61 -6.71 -11.20 -21.94
CA LEU D 61 -5.73 -11.07 -20.88
C LEU D 61 -6.43 -10.93 -19.53
N SER D 62 -6.03 -11.77 -18.57
CA SER D 62 -6.59 -11.69 -17.23
C SER D 62 -6.01 -10.48 -16.50
N ALA D 63 -6.69 -10.10 -15.40
CA ALA D 63 -6.26 -8.93 -14.64
C ALA D 63 -4.87 -9.11 -14.04
N ARG D 64 -4.48 -10.35 -13.76
CA ARG D 64 -3.12 -10.60 -13.29
C ARG D 64 -2.10 -10.30 -14.37
N ASN D 65 -2.46 -10.52 -15.63
CA ASN D 65 -1.59 -10.13 -16.74
C ASN D 65 -1.67 -8.62 -17.00
N ILE D 66 -2.85 -8.03 -16.77
CA ILE D 66 -3.01 -6.59 -16.95
C ILE D 66 -2.11 -5.83 -15.98
N ALA D 67 -2.05 -6.29 -14.72
CA ALA D 67 -1.19 -5.63 -13.75
C ALA D 67 0.28 -5.72 -14.16
N THR D 68 0.71 -6.89 -14.63
CA THR D 68 2.10 -7.06 -15.04
C THR D 68 2.44 -6.16 -16.23
N GLU D 69 1.54 -6.10 -17.23
CA GLU D 69 1.84 -5.28 -18.40
C GLU D 69 1.76 -3.79 -18.06
N ALA D 70 0.89 -3.41 -17.14
CA ALA D 70 0.84 -2.02 -16.69
C ALA D 70 2.12 -1.64 -15.96
N LEU D 71 2.64 -2.54 -15.12
CA LEU D 71 3.91 -2.29 -14.45
C LEU D 71 5.04 -2.18 -15.47
N GLN D 72 5.04 -3.05 -16.48
CA GLN D 72 6.05 -2.96 -17.54
C GLN D 72 5.99 -1.63 -18.26
N MET D 73 4.78 -1.18 -18.61
CA MET D 73 4.62 0.10 -19.29
C MET D 73 5.08 1.25 -18.40
N LYS D 74 4.76 1.21 -17.11
CA LYS D 74 5.19 2.27 -16.20
C LYS D 74 6.71 2.31 -16.07
N LYS D 75 7.35 1.13 -15.96
CA LYS D 75 8.81 1.08 -15.87
C LYS D 75 9.46 1.61 -17.14
N LEU D 76 8.91 1.27 -18.31
CA LEU D 76 9.45 1.81 -19.54
C LEU D 76 9.21 3.32 -19.66
N HIS D 77 8.09 3.80 -19.13
CA HIS D 77 7.76 5.21 -19.28
C HIS D 77 8.63 6.09 -18.41
N GLN D 78 8.81 5.71 -17.13
CA GLN D 78 9.50 6.62 -16.22
C GLN D 78 11.00 6.66 -16.46
N GLU D 79 11.61 5.57 -16.92
CA GLU D 79 13.06 5.48 -17.05
C GLU D 79 13.51 5.55 -18.51
N ARG D 80 13.00 4.69 -19.37
CA ARG D 80 13.43 4.62 -20.76
C ARG D 80 12.67 5.62 -21.64
N GLY D 81 12.71 6.89 -21.25
CA GLY D 81 12.08 7.94 -22.03
C GLY D 81 10.59 8.03 -21.81
N GLY D 82 10.06 9.24 -21.74
CA GLY D 82 8.65 9.45 -21.54
C GLY D 82 7.87 9.49 -22.84
N ASN D 83 7.71 8.33 -23.48
CA ASN D 83 7.01 8.27 -24.76
C ASN D 83 5.51 8.44 -24.54
N PRO D 84 4.88 9.45 -25.14
CA PRO D 84 3.42 9.61 -24.97
C PRO D 84 2.62 8.48 -25.58
N MET D 85 3.17 7.76 -26.56
CA MET D 85 2.50 6.59 -27.12
C MET D 85 2.18 5.58 -26.03
N LEU D 86 3.18 5.21 -25.24
CA LEU D 86 2.98 4.27 -24.14
C LEU D 86 2.05 4.84 -23.09
N ALA D 87 2.16 6.13 -22.79
CA ALA D 87 1.31 6.74 -21.78
C ALA D 87 -0.16 6.64 -22.15
N GLN D 88 -0.50 7.01 -23.40
CA GLN D 88 -1.90 6.96 -23.80
C GLN D 88 -2.40 5.54 -23.98
N GLN D 89 -1.54 4.62 -24.47
CA GLN D 89 -1.96 3.22 -24.56
C GLN D 89 -2.27 2.65 -23.19
N ALA D 90 -1.40 2.91 -22.21
CA ALA D 90 -1.63 2.42 -20.86
C ALA D 90 -2.86 3.06 -20.23
N ARG D 91 -3.07 4.35 -20.48
CA ARG D 91 -4.28 5.00 -19.97
C ARG D 91 -5.54 4.39 -20.56
N ARG D 92 -5.54 4.13 -21.88
CA ARG D 92 -6.70 3.51 -22.51
C ARG D 92 -6.94 2.10 -21.96
N VAL D 93 -5.86 1.33 -21.75
CA VAL D 93 -6.02 -0.01 -21.21
C VAL D 93 -6.57 0.03 -19.78
N LEU D 94 -6.05 0.93 -18.95
CA LEU D 94 -6.48 1.01 -17.56
C LEU D 94 -7.88 1.61 -17.40
N PHE D 95 -8.33 2.42 -18.35
CA PHE D 95 -9.64 3.03 -18.25
C PHE D 95 -10.79 2.04 -18.38
N ALA D 96 -10.51 0.81 -18.82
CA ALA D 96 -11.52 -0.22 -19.03
C ALA D 96 -11.17 -1.48 -18.25
N THR D 97 -10.79 -1.31 -16.99
CA THR D 97 -10.44 -2.42 -16.12
C THR D 97 -11.22 -2.31 -14.82
N SER D 98 -11.61 -3.46 -14.26
CA SER D 98 -12.38 -3.48 -13.03
C SER D 98 -12.01 -4.71 -12.21
N ILE D 99 -11.77 -4.50 -10.92
CA ILE D 99 -11.52 -5.60 -9.99
C ILE D 99 -12.89 -5.95 -9.39
N ALA D 100 -13.64 -6.78 -10.12
CA ALA D 100 -14.98 -7.17 -9.72
C ALA D 100 -15.27 -8.58 -10.19
N GLY D 101 -15.70 -9.43 -9.27
CA GLY D 101 -16.05 -10.80 -9.58
C GLY D 101 -14.90 -11.74 -9.81
N GLN D 102 -13.66 -11.30 -9.56
CA GLN D 102 -12.48 -12.12 -9.75
C GLN D 102 -11.62 -12.08 -8.50
N ASN D 103 -11.09 -13.23 -8.10
CA ASN D 103 -10.18 -13.30 -6.97
C ASN D 103 -8.79 -12.88 -7.40
N LEU D 104 -8.22 -11.90 -6.71
CA LEU D 104 -6.92 -11.34 -7.06
C LEU D 104 -6.02 -11.34 -5.85
N ASP D 105 -4.71 -11.45 -6.10
CA ASP D 105 -3.74 -11.34 -5.03
C ASP D 105 -3.67 -9.90 -4.53
N ALA D 106 -3.09 -9.73 -3.35
CA ALA D 106 -2.85 -8.38 -2.85
C ALA D 106 -1.83 -7.66 -3.72
N ARG D 107 -0.82 -8.37 -4.23
CA ARG D 107 0.18 -7.77 -5.09
C ARG D 107 -0.43 -7.29 -6.41
N SER D 108 -1.33 -8.07 -7.00
CA SER D 108 -1.95 -7.65 -8.25
C SER D 108 -2.79 -6.39 -8.07
N VAL D 109 -3.58 -6.33 -6.99
CA VAL D 109 -4.39 -5.15 -6.72
C VAL D 109 -3.49 -3.94 -6.45
N ALA D 110 -2.42 -4.13 -5.68
CA ALA D 110 -1.51 -3.03 -5.41
C ALA D 110 -0.84 -2.53 -6.67
N LEU D 111 -0.42 -3.45 -7.56
CA LEU D 111 0.20 -3.05 -8.82
C LEU D 111 -0.79 -2.31 -9.70
N LEU D 112 -2.04 -2.78 -9.77
CA LEU D 112 -3.04 -2.09 -10.56
C LEU D 112 -3.28 -0.69 -10.03
N LEU D 113 -3.40 -0.55 -8.71
CA LEU D 113 -3.62 0.77 -8.12
C LEU D 113 -2.44 1.70 -8.39
N ASN D 114 -1.21 1.21 -8.19
CA ASN D 114 -0.02 2.04 -8.38
C ASN D 114 0.13 2.47 -9.84
N THR D 115 -0.10 1.55 -10.77
CA THR D 115 0.06 1.90 -12.18
C THR D 115 -1.07 2.77 -12.68
N ALA D 116 -2.27 2.65 -12.11
CA ALA D 116 -3.35 3.55 -12.48
C ALA D 116 -3.07 4.95 -11.96
N VAL D 117 -2.69 5.08 -10.69
CA VAL D 117 -2.43 6.39 -10.11
C VAL D 117 -1.22 7.05 -10.78
N TYR D 118 -0.22 6.25 -11.16
CA TYR D 118 0.96 6.81 -11.81
C TYR D 118 0.62 7.51 -13.11
N PHE D 119 -0.42 7.06 -13.82
CA PHE D 119 -0.77 7.59 -15.13
C PHE D 119 -1.81 8.70 -15.08
N GLY D 120 -1.85 9.47 -14.00
CA GLY D 120 -2.72 10.63 -13.90
C GLY D 120 -4.14 10.34 -13.47
N MET D 121 -4.41 9.14 -12.95
CA MET D 121 -5.78 8.76 -12.61
C MET D 121 -6.09 9.20 -11.19
N GLU D 122 -7.11 10.04 -11.05
CA GLU D 122 -7.40 10.70 -9.78
C GLU D 122 -8.16 9.74 -8.85
N SER D 123 -8.66 10.27 -7.74
CA SER D 123 -9.36 9.48 -6.73
C SER D 123 -10.82 9.21 -7.08
N ASP D 124 -11.33 9.81 -8.16
CA ASP D 124 -12.71 9.61 -8.58
C ASP D 124 -12.86 8.45 -9.55
N ALA D 125 -11.76 7.79 -9.92
CA ALA D 125 -11.82 6.70 -10.89
C ALA D 125 -12.43 5.45 -10.27
N LYS D 126 -12.97 4.59 -11.14
CA LYS D 126 -13.58 3.34 -10.68
C LYS D 126 -12.51 2.35 -10.22
N LEU D 127 -11.45 2.18 -11.01
CA LEU D 127 -10.39 1.25 -10.63
C LEU D 127 -9.68 1.70 -9.36
N VAL D 128 -9.41 3.01 -9.24
CA VAL D 128 -8.77 3.52 -8.03
C VAL D 128 -9.66 3.28 -6.81
N ARG D 129 -10.96 3.53 -6.95
CA ARG D 129 -11.89 3.30 -5.84
C ARG D 129 -11.94 1.82 -5.46
N GLU D 130 -11.99 0.92 -6.44
CA GLU D 130 -12.00 -0.50 -6.16
C GLU D 130 -10.72 -0.98 -5.48
N CYS D 131 -9.57 -0.48 -5.90
CA CYS D 131 -8.30 -0.84 -5.25
C CYS D 131 -8.23 -0.28 -3.85
N ILE D 132 -8.68 0.95 -3.65
CA ILE D 132 -8.66 1.56 -2.31
C ILE D 132 -9.60 0.80 -1.37
N ASP D 133 -10.77 0.40 -1.87
CA ASP D 133 -11.69 -0.38 -1.05
C ASP D 133 -11.09 -1.74 -0.68
N TYR D 134 -10.41 -2.39 -1.61
CA TYR D 134 -9.84 -3.68 -1.31
C TYR D 134 -8.87 -3.56 -0.16
N CYS D 135 -7.99 -2.58 -0.24
CA CYS D 135 -6.97 -2.41 0.80
C CYS D 135 -7.57 -2.19 2.19
N LEU D 136 -8.67 -1.46 2.26
CA LEU D 136 -9.28 -1.17 3.55
C LEU D 136 -9.91 -2.42 4.15
N LYS D 137 -10.67 -3.15 3.35
CA LYS D 137 -11.35 -4.34 3.85
C LYS D 137 -10.34 -5.42 4.20
N ASN D 138 -9.39 -5.68 3.31
CA ASN D 138 -8.37 -6.67 3.56
C ASN D 138 -7.06 -5.98 3.82
N ASP D 139 -6.75 -5.71 5.09
CA ASP D 139 -5.53 -4.97 5.42
C ASP D 139 -4.36 -5.88 5.68
N LYS D 140 -4.59 -6.96 6.43
CA LYS D 140 -3.50 -7.87 6.78
C LYS D 140 -2.92 -8.56 5.55
N LEU D 141 -3.66 -8.54 4.45
CA LEU D 141 -3.19 -9.15 3.21
C LEU D 141 -2.12 -8.27 2.56
N ILE D 142 -2.00 -7.04 3.03
CA ILE D 142 -0.97 -6.12 2.48
C ILE D 142 0.25 -6.30 3.37
N THR D 143 1.07 -7.28 3.01
CA THR D 143 2.28 -7.56 3.76
C THR D 143 3.31 -6.45 3.52
N VAL D 144 4.48 -6.59 4.16
CA VAL D 144 5.54 -5.62 3.99
C VAL D 144 6.11 -5.63 2.57
N ASP D 145 5.79 -6.64 1.77
CA ASP D 145 6.26 -6.67 0.39
C ASP D 145 5.48 -5.71 -0.49
N VAL D 146 4.17 -5.59 -0.24
CA VAL D 146 3.31 -4.73 -1.05
C VAL D 146 2.87 -3.48 -0.31
N LEU D 147 3.35 -3.27 0.91
CA LEU D 147 3.09 -2.00 1.60
C LEU D 147 3.65 -0.79 0.86
N PRO D 148 4.91 -0.78 0.40
CA PRO D 148 5.41 0.41 -0.32
C PRO D 148 4.62 0.73 -1.57
N ILE D 149 4.12 -0.28 -2.28
CA ILE D 149 3.34 -0.02 -3.48
C ILE D 149 2.07 0.74 -3.14
N VAL D 150 1.35 0.29 -2.10
CA VAL D 150 0.12 0.95 -1.70
C VAL D 150 0.39 2.35 -1.19
N VAL D 151 1.45 2.52 -0.40
CA VAL D 151 1.77 3.85 0.12
C VAL D 151 2.13 4.80 -1.01
N THR D 152 2.93 4.35 -1.98
CA THR D 152 3.29 5.20 -3.11
C THR D 152 2.06 5.55 -3.94
N ALA D 153 1.15 4.60 -4.12
CA ALA D 153 -0.07 4.90 -4.86
C ALA D 153 -0.95 5.91 -4.13
N CYS D 154 -1.05 5.79 -2.80
CA CYS D 154 -1.89 6.69 -2.02
C CYS D 154 -1.23 8.02 -1.69
N ALA D 155 0.07 8.17 -1.99
CA ALA D 155 0.77 9.41 -1.64
C ALA D 155 0.10 10.63 -2.25
N THR D 156 -0.12 10.63 -3.57
CA THR D 156 -0.70 11.80 -4.22
C THR D 156 -2.20 11.87 -4.00
N LEU D 157 -2.86 10.72 -3.84
CA LEU D 157 -4.28 10.72 -3.53
C LEU D 157 -4.51 11.32 -2.15
N LYS D 158 -5.29 12.40 -2.10
CA LYS D 158 -5.56 13.12 -0.86
C LYS D 158 -7.06 13.06 -0.60
N SER D 159 -7.51 11.98 0.03
CA SER D 159 -8.91 11.79 0.37
C SER D 159 -8.99 11.09 1.72
N ARG D 160 -10.22 10.93 2.23
CA ARG D 160 -10.41 10.31 3.53
C ARG D 160 -9.90 8.87 3.54
N ASP D 161 -10.27 8.09 2.54
CA ASP D 161 -9.84 6.70 2.48
C ASP D 161 -8.33 6.61 2.30
N ALA D 162 -7.75 7.49 1.48
CA ALA D 162 -6.31 7.50 1.30
C ALA D 162 -5.59 7.84 2.60
N ARG D 163 -6.10 8.83 3.33
CA ARG D 163 -5.50 9.20 4.62
C ARG D 163 -5.56 8.02 5.59
N GLU D 164 -6.72 7.36 5.67
CA GLU D 164 -6.85 6.21 6.57
C GLU D 164 -5.89 5.09 6.18
N VAL D 165 -5.79 4.80 4.89
CA VAL D 165 -4.90 3.73 4.44
C VAL D 165 -3.45 4.07 4.76
N ILE D 166 -3.04 5.32 4.52
CA ILE D 166 -1.67 5.72 4.81
C ILE D 166 -1.38 5.60 6.30
N GLU D 167 -2.33 5.99 7.14
CA GLU D 167 -2.11 5.88 8.58
C GLU D 167 -2.01 4.41 9.01
N MET D 168 -2.87 3.55 8.49
CA MET D 168 -2.82 2.14 8.85
C MET D 168 -1.50 1.49 8.42
N GLN D 169 -1.05 1.78 7.20
CA GLN D 169 0.24 1.24 6.76
C GLN D 169 1.42 1.86 7.51
N ALA D 170 1.32 3.13 7.94
CA ALA D 170 2.36 3.71 8.78
C ALA D 170 2.46 2.99 10.11
N GLN D 171 1.32 2.69 10.74
CA GLN D 171 1.35 1.92 11.99
C GLN D 171 1.88 0.51 11.76
N LYS D 172 1.48 -0.13 10.65
CA LYS D 172 2.01 -1.47 10.36
C LYS D 172 3.52 -1.46 10.19
N ALA D 173 4.04 -0.47 9.47
CA ALA D 173 5.49 -0.38 9.28
C ALA D 173 6.19 -0.03 10.58
N ALA D 174 5.55 0.76 11.45
CA ALA D 174 6.13 1.06 12.75
C ALA D 174 6.23 -0.19 13.61
N ARG D 175 5.20 -1.05 13.58
CA ARG D 175 5.24 -2.26 14.39
C ARG D 175 6.32 -3.23 13.89
N ASN D 176 6.45 -3.37 12.57
CA ASN D 176 7.33 -4.37 11.97
C ASN D 176 8.66 -3.79 11.50
N ALA D 177 9.13 -2.71 12.15
CA ALA D 177 10.38 -2.10 11.74
C ALA D 177 11.59 -2.94 12.09
N LYS D 178 11.46 -3.86 13.05
CA LYS D 178 12.59 -4.69 13.47
C LYS D 178 12.82 -5.89 12.57
N PHE D 179 11.85 -6.25 11.72
CA PHE D 179 11.91 -7.50 10.97
C PHE D 179 12.16 -7.30 9.48
N LEU D 180 12.46 -6.07 9.05
CA LEU D 180 12.68 -5.81 7.64
C LEU D 180 14.13 -6.12 7.27
N ASP D 181 14.37 -6.25 5.97
CA ASP D 181 15.68 -6.53 5.41
C ASP D 181 16.11 -5.35 4.53
N ALA D 182 17.19 -5.54 3.77
CA ALA D 182 17.80 -4.43 3.05
C ALA D 182 16.83 -3.80 2.05
N LYS D 183 16.08 -4.63 1.32
CA LYS D 183 15.15 -4.08 0.33
C LYS D 183 13.98 -3.38 0.98
N ASP D 184 13.39 -3.99 2.02
CA ASP D 184 12.14 -3.50 2.57
C ASP D 184 12.32 -2.14 3.24
N VAL D 185 13.43 -1.93 3.97
CA VAL D 185 13.61 -0.67 4.66
C VAL D 185 13.68 0.49 3.67
N THR D 186 14.48 0.35 2.60
CA THR D 186 14.60 1.42 1.63
C THR D 186 13.28 1.63 0.88
N ASN D 187 12.61 0.55 0.49
CA ASN D 187 11.35 0.71 -0.21
C ASN D 187 10.31 1.42 0.65
N ILE D 188 10.20 1.02 1.92
CA ILE D 188 9.22 1.61 2.82
C ILE D 188 9.55 3.07 3.09
N ILE D 189 10.83 3.39 3.35
CA ILE D 189 11.18 4.76 3.67
C ILE D 189 11.00 5.66 2.46
N SER D 190 11.28 5.16 1.25
CA SER D 190 11.02 5.95 0.06
C SER D 190 9.53 6.19 -0.14
N ALA D 191 8.73 5.14 0.01
CA ALA D 191 7.29 5.27 -0.17
C ALA D 191 6.69 6.26 0.82
N PHE D 192 7.18 6.24 2.07
CA PHE D 192 6.72 7.21 3.05
C PHE D 192 7.33 8.59 2.86
N SER D 193 8.45 8.69 2.14
CA SER D 193 8.98 9.99 1.77
C SER D 193 8.18 10.63 0.65
N LYS D 194 7.47 9.82 -0.13
CA LYS D 194 6.61 10.38 -1.16
C LYS D 194 5.46 11.10 -0.49
N THR D 195 4.75 10.40 0.39
CA THR D 195 3.64 11.00 1.12
C THR D 195 4.16 11.96 2.19
N GLY D 196 3.37 12.95 2.54
CA GLY D 196 3.76 13.89 3.58
C GLY D 196 3.21 13.48 4.93
N ILE D 197 4.04 12.85 5.76
CA ILE D 197 3.60 12.39 7.07
C ILE D 197 4.55 12.83 8.16
N ASN D 198 4.07 12.89 9.39
CA ASN D 198 4.92 13.36 10.49
C ASN D 198 5.05 12.32 11.61
N HIS D 199 5.00 11.04 11.26
CA HIS D 199 5.15 10.01 12.27
C HIS D 199 6.60 9.81 12.63
N GLU D 200 7.14 10.73 13.43
CA GLU D 200 8.54 10.66 13.82
C GLU D 200 8.92 9.28 14.34
N LYS D 201 8.07 8.69 15.18
CA LYS D 201 8.43 7.41 15.78
C LYS D 201 8.72 6.36 14.72
N LEU D 202 7.90 6.30 13.67
CA LEU D 202 8.15 5.36 12.59
C LEU D 202 9.46 5.65 11.89
N PHE D 203 9.76 6.92 11.65
CA PHE D 203 11.03 7.29 11.02
C PHE D 203 12.21 6.92 11.90
N ALA D 204 12.09 7.13 13.21
CA ALA D 204 13.16 6.74 14.12
C ALA D 204 13.38 5.24 14.14
N PHE D 205 12.31 4.46 14.14
CA PHE D 205 12.45 3.00 14.08
C PHE D 205 13.10 2.56 12.78
N LEU D 206 12.68 3.15 11.65
CA LEU D 206 13.29 2.80 10.38
C LEU D 206 14.76 3.20 10.34
N SER D 207 15.11 4.34 10.94
CA SER D 207 16.52 4.73 11.01
C SER D 207 17.33 3.77 11.86
N ARG D 208 16.77 3.31 12.98
CA ARG D 208 17.47 2.33 13.79
C ARG D 208 17.72 1.04 13.01
N ARG D 209 16.70 0.57 12.28
CA ARG D 209 16.89 -0.61 11.45
C ARG D 209 17.92 -0.37 10.35
N VAL D 210 17.91 0.81 9.73
CA VAL D 210 18.88 1.11 8.69
C VAL D 210 20.30 1.09 9.24
N GLN D 211 20.51 1.68 10.42
CA GLN D 211 21.83 1.64 11.04
C GLN D 211 22.25 0.22 11.36
N THR D 212 21.33 -0.59 11.90
CA THR D 212 21.65 -1.97 12.22
C THR D 212 22.05 -2.75 10.98
N LEU D 213 21.31 -2.58 9.88
CA LEU D 213 21.64 -3.27 8.65
C LEU D 213 22.93 -2.74 8.02
N ALA D 214 23.21 -1.44 8.17
CA ALA D 214 24.41 -0.86 7.58
C ALA D 214 25.67 -1.20 8.36
N ARG D 215 25.54 -1.59 9.64
CA ARG D 215 26.72 -1.99 10.38
C ARG D 215 27.38 -3.23 9.77
N VAL D 216 26.59 -4.19 9.31
CA VAL D 216 27.13 -5.39 8.68
C VAL D 216 27.39 -5.22 7.20
N GLY D 217 27.21 -4.01 6.67
CA GLY D 217 27.47 -3.75 5.26
C GLY D 217 26.48 -4.42 4.33
N GLU D 218 25.22 -3.99 4.38
CA GLU D 218 24.14 -4.62 3.63
C GLU D 218 23.38 -3.57 2.84
N PHE D 219 24.11 -2.72 2.11
CA PHE D 219 23.50 -1.70 1.27
C PHE D 219 24.39 -1.42 0.07
N GLU D 220 23.79 -1.37 -1.11
CA GLU D 220 24.50 -1.00 -2.32
C GLU D 220 24.40 0.50 -2.55
N ALA D 221 25.03 0.98 -3.62
CA ALA D 221 25.02 2.42 -3.90
C ALA D 221 23.61 2.93 -4.20
N ALA D 222 22.82 2.15 -4.95
CA ALA D 222 21.43 2.54 -5.21
C ALA D 222 20.63 2.60 -3.90
N HIS D 223 20.85 1.61 -3.02
CA HIS D 223 20.18 1.64 -1.73
C HIS D 223 20.59 2.87 -0.94
N LEU D 224 21.88 3.21 -0.95
CA LEU D 224 22.35 4.39 -0.22
C LEU D 224 21.73 5.67 -0.73
N VAL D 225 21.69 5.84 -2.06
CA VAL D 225 21.14 7.09 -2.60
C VAL D 225 19.63 7.17 -2.34
N ILE D 226 18.93 6.04 -2.46
CA ILE D 226 17.49 6.05 -2.17
C ILE D 226 17.25 6.38 -0.70
N LEU D 227 18.01 5.78 0.21
CA LEU D 227 17.84 6.06 1.63
C LEU D 227 18.14 7.51 1.96
N ALA D 228 19.24 8.04 1.42
CA ALA D 228 19.61 9.42 1.69
C ALA D 228 18.57 10.39 1.17
N ASN D 229 18.09 10.17 -0.06
CA ASN D 229 17.07 11.05 -0.62
C ASN D 229 15.77 10.97 0.18
N ALA D 230 15.37 9.75 0.57
CA ALA D 230 14.13 9.59 1.32
C ALA D 230 14.20 10.27 2.68
N PHE D 231 15.34 10.14 3.37
CA PHE D 231 15.46 10.74 4.70
C PHE D 231 15.68 12.24 4.64
N SER D 232 16.32 12.75 3.58
CA SER D 232 16.48 14.20 3.46
C SER D 232 15.17 14.85 3.01
N ARG D 233 14.33 14.10 2.28
CA ARG D 233 13.02 14.63 1.90
C ARG D 233 12.12 14.83 3.11
N LEU D 234 12.22 13.93 4.09
CA LEU D 234 11.40 14.03 5.29
C LEU D 234 11.93 15.05 6.29
N ARG D 235 13.04 15.71 5.98
CA ARG D 235 13.70 16.67 6.86
C ARG D 235 14.08 16.04 8.20
N TYR D 236 14.34 14.73 8.21
CA TYR D 236 14.69 14.01 9.42
C TYR D 236 16.19 14.16 9.64
N ARG D 237 16.58 15.05 10.55
CA ARG D 237 17.98 15.34 10.81
C ARG D 237 18.48 14.36 11.87
N ASP D 238 19.27 13.38 11.43
CA ASP D 238 19.92 12.42 12.32
C ASP D 238 21.39 12.38 11.93
N LYS D 239 22.26 12.83 12.85
CA LYS D 239 23.68 12.89 12.54
C LYS D 239 24.27 11.50 12.37
N PHE D 240 23.81 10.55 13.18
CA PHE D 240 24.38 9.20 13.17
C PHE D 240 23.91 8.38 11.97
N LEU D 241 22.65 8.52 11.57
CA LEU D 241 22.16 7.82 10.39
C LEU D 241 22.91 8.25 9.14
N PHE D 242 23.07 9.56 8.95
CA PHE D 242 23.79 10.05 7.79
C PHE D 242 25.28 9.79 7.88
N GLY D 243 25.85 9.80 9.09
CA GLY D 243 27.23 9.36 9.24
C GLY D 243 27.42 7.91 8.84
N ALA D 244 26.46 7.04 9.20
CA ALA D 244 26.52 5.64 8.80
C ALA D 244 26.39 5.50 7.29
N ILE D 245 25.51 6.30 6.67
CA ILE D 245 25.38 6.24 5.21
C ILE D 245 26.67 6.69 4.53
N ALA D 246 27.27 7.78 5.01
CA ALA D 246 28.52 8.25 4.44
C ALA D 246 29.64 7.23 4.62
N ARG D 247 29.70 6.58 5.79
CA ARG D 247 30.70 5.55 6.01
C ARG D 247 30.44 4.31 5.16
N ARG D 248 29.18 4.00 4.89
CA ARG D 248 28.87 2.91 3.97
C ARG D 248 29.32 3.23 2.56
N ALA D 249 29.16 4.48 2.12
CA ALA D 249 29.72 4.90 0.84
C ALA D 249 31.24 4.77 0.84
N MET D 250 31.88 5.22 1.92
CA MET D 250 33.32 5.00 2.07
C MET D 250 33.69 3.54 1.87
N SER D 251 32.99 2.64 2.55
CA SER D 251 33.36 1.22 2.50
C SER D 251 33.08 0.63 1.13
N LEU D 252 32.00 1.07 0.48
CA LEU D 252 31.71 0.61 -0.87
C LEU D 252 32.81 1.02 -1.85
N ARG D 253 33.38 2.21 -1.68
CA ARG D 253 34.53 2.65 -2.49
C ARG D 253 34.12 2.67 -3.96
N GLU D 254 34.73 1.86 -4.82
CA GLU D 254 34.64 2.03 -6.26
C GLU D 254 33.26 1.67 -6.83
N ARG D 255 32.43 1.00 -6.02
CA ARG D 255 31.07 0.65 -6.45
C ARG D 255 30.15 1.85 -6.55
N VAL D 256 30.58 3.03 -6.11
CA VAL D 256 29.81 4.26 -6.24
C VAL D 256 30.40 5.04 -7.42
N THR D 257 29.68 5.06 -8.53
CA THR D 257 30.14 5.72 -9.74
C THR D 257 29.73 7.19 -9.73
N VAL D 258 30.00 7.88 -10.85
CA VAL D 258 29.64 9.29 -10.96
C VAL D 258 28.14 9.46 -10.91
N ASN D 259 27.39 8.58 -11.59
CA ASN D 259 25.93 8.72 -11.62
C ASN D 259 25.31 8.47 -10.25
N GLU D 260 26.01 7.76 -9.37
CA GLU D 260 25.49 7.42 -8.06
C GLU D 260 26.14 8.22 -6.93
N LEU D 261 27.08 9.10 -7.24
CA LEU D 261 27.75 9.92 -6.24
C LEU D 261 27.16 11.32 -6.13
N VAL D 262 26.78 11.93 -7.27
CA VAL D 262 26.21 13.27 -7.23
C VAL D 262 24.91 13.33 -6.45
N PRO D 263 23.93 12.43 -6.66
CA PRO D 263 22.70 12.51 -5.84
C PRO D 263 22.96 12.31 -4.36
N LEU D 264 23.95 11.51 -3.98
CA LEU D 264 24.29 11.38 -2.57
C LEU D 264 24.76 12.71 -1.99
N ILE D 265 25.62 13.42 -2.72
CA ILE D 265 26.10 14.71 -2.25
C ILE D 265 24.94 15.71 -2.19
N VAL D 266 24.04 15.66 -3.16
CA VAL D 266 22.88 16.56 -3.15
C VAL D 266 22.00 16.30 -1.93
N ALA D 267 21.73 15.02 -1.64
CA ALA D 267 20.90 14.68 -0.50
C ALA D 267 21.57 15.05 0.82
N PHE D 268 22.89 14.88 0.90
CA PHE D 268 23.60 15.27 2.12
C PHE D 268 23.64 16.77 2.30
N SER D 269 23.70 17.52 1.20
CA SER D 269 23.67 18.97 1.29
C SER D 269 22.30 19.50 1.67
N LYS D 270 21.23 18.87 1.15
CA LYS D 270 19.89 19.38 1.40
C LYS D 270 19.49 19.26 2.87
N ILE D 271 19.90 18.17 3.53
CA ILE D 271 19.50 17.97 4.92
C ILE D 271 20.12 19.02 5.84
N GLY D 272 21.33 19.48 5.52
CA GLY D 272 21.97 20.52 6.31
C GLY D 272 22.42 20.06 7.69
N LEU D 273 23.44 19.20 7.72
CA LEU D 273 23.97 18.72 8.99
C LEU D 273 24.99 19.66 9.62
N LYS D 274 25.43 20.68 8.88
CA LYS D 274 26.42 21.65 9.38
C LYS D 274 27.70 20.96 9.83
N ASP D 275 28.11 19.92 9.09
CA ASP D 275 29.33 19.20 9.40
C ASP D 275 30.39 19.50 8.34
N PRO D 276 31.46 20.22 8.66
CA PRO D 276 32.50 20.50 7.67
C PRO D 276 33.45 19.33 7.43
N LYS D 277 33.37 18.27 8.23
CA LYS D 277 34.28 17.14 8.05
C LYS D 277 33.93 16.29 6.84
N LEU D 278 32.65 16.23 6.47
CA LEU D 278 32.24 15.42 5.32
C LEU D 278 32.10 16.25 4.05
N SER D 279 31.86 17.55 4.16
CA SER D 279 31.79 18.39 2.96
C SER D 279 33.14 18.44 2.26
N LYS D 280 34.23 18.59 3.03
CA LYS D 280 35.57 18.54 2.46
C LYS D 280 35.84 17.19 1.79
N ARG D 281 35.41 16.11 2.43
CA ARG D 281 35.62 14.78 1.86
C ARG D 281 34.85 14.61 0.55
N PHE D 282 33.61 15.09 0.52
CA PHE D 282 32.83 15.02 -0.72
C PHE D 282 33.47 15.86 -1.82
N ALA D 283 33.97 17.05 -1.47
CA ALA D 283 34.66 17.87 -2.46
C ALA D 283 35.90 17.15 -3.01
N THR D 284 36.68 16.54 -2.12
CA THR D 284 37.88 15.83 -2.56
C THR D 284 37.54 14.64 -3.44
N LYS D 285 36.50 13.89 -3.07
CA LYS D 285 36.11 12.72 -3.85
C LYS D 285 35.55 13.12 -5.20
N ALA D 286 34.81 14.22 -5.27
CA ALA D 286 34.23 14.65 -6.53
C ALA D 286 35.21 15.42 -7.41
N MET D 287 36.32 15.91 -6.86
CA MET D 287 37.28 16.65 -7.67
C MET D 287 37.92 15.77 -8.74
N GLU D 288 37.95 14.45 -8.54
CA GLU D 288 38.52 13.57 -9.55
C GLU D 288 37.50 13.15 -10.60
N TYR D 289 36.20 13.34 -10.32
CA TYR D 289 35.14 12.91 -11.22
C TYR D 289 34.56 14.06 -12.05
N VAL D 290 35.15 15.25 -11.99
CA VAL D 290 34.60 16.37 -12.73
C VAL D 290 34.73 16.15 -14.24
N ASP D 291 35.85 15.60 -14.69
CA ASP D 291 36.06 15.41 -16.12
C ASP D 291 35.05 14.46 -16.74
N GLN D 292 34.47 13.57 -15.93
CA GLN D 292 33.44 12.65 -16.41
C GLN D 292 32.03 13.20 -16.24
N MET D 293 31.87 14.28 -15.48
CA MET D 293 30.54 14.75 -15.10
C MET D 293 29.80 15.35 -16.30
N ASN D 294 28.49 15.10 -16.34
CA ASN D 294 27.62 15.71 -17.33
C ASN D 294 27.26 17.12 -16.91
N ALA D 295 26.64 17.87 -17.84
CA ALA D 295 26.20 19.22 -17.54
C ALA D 295 25.15 19.24 -16.45
N GLU D 296 24.19 18.31 -16.51
CA GLU D 296 23.18 18.18 -15.48
C GLU D 296 23.80 17.80 -14.14
N GLN D 297 24.94 17.12 -14.15
CA GLN D 297 25.65 16.82 -12.92
C GLN D 297 26.48 18.00 -12.43
N VAL D 298 27.04 18.79 -13.34
CA VAL D 298 27.77 19.99 -12.93
C VAL D 298 26.84 21.00 -12.28
N ALA D 299 25.64 21.18 -12.85
CA ALA D 299 24.68 22.11 -12.24
C ALA D 299 24.26 21.64 -10.86
N SER D 300 24.03 20.33 -10.71
CA SER D 300 23.66 19.79 -9.40
C SER D 300 24.81 19.92 -8.41
N MET D 301 26.05 19.77 -8.88
CA MET D 301 27.21 19.95 -8.02
C MET D 301 27.30 21.38 -7.52
N PHE D 302 27.12 22.35 -8.42
CA PHE D 302 27.08 23.75 -8.04
C PHE D 302 26.00 23.99 -6.99
N MET D 303 24.79 23.47 -7.22
CA MET D 303 23.70 23.69 -6.29
C MET D 303 23.99 23.06 -4.93
N ALA D 304 24.55 21.84 -4.92
CA ALA D 304 24.83 21.16 -3.66
C ALA D 304 25.89 21.89 -2.85
N PHE D 305 26.97 22.32 -3.49
CA PHE D 305 28.01 23.04 -2.74
C PHE D 305 27.68 24.50 -2.51
N ALA D 306 26.63 25.03 -3.13
CA ALA D 306 26.03 26.26 -2.63
C ALA D 306 25.18 26.00 -1.40
N TYR D 307 24.52 24.85 -1.34
CA TYR D 307 23.75 24.47 -0.16
C TYR D 307 24.67 24.28 1.04
N PHE D 308 25.84 23.67 0.83
CA PHE D 308 26.76 23.43 1.95
C PHE D 308 27.21 24.72 2.59
N GLY D 309 27.54 25.73 1.79
CA GLY D 309 27.90 27.04 2.29
C GLY D 309 29.37 27.26 2.56
N ILE D 310 30.20 26.24 2.42
CA ILE D 310 31.64 26.38 2.62
C ILE D 310 32.31 26.67 1.29
N ARG D 311 33.32 27.54 1.31
CA ARG D 311 33.99 27.98 0.10
C ARG D 311 35.14 27.02 -0.22
N TYR D 312 35.09 26.40 -1.40
CA TYR D 312 36.17 25.57 -1.91
C TYR D 312 36.56 26.13 -3.27
N ASP D 313 37.53 27.05 -3.27
CA ASP D 313 37.94 27.70 -4.51
C ASP D 313 38.56 26.71 -5.48
N GLN D 314 39.39 25.78 -4.98
CA GLN D 314 40.04 24.81 -5.85
C GLN D 314 39.06 23.86 -6.52
N LEU D 315 37.86 23.72 -5.97
CA LEU D 315 36.82 22.92 -6.60
C LEU D 315 35.92 23.76 -7.49
N PHE D 316 35.58 24.97 -7.05
CA PHE D 316 34.71 25.84 -7.85
C PHE D 316 35.39 26.26 -9.14
N GLY D 317 36.72 26.45 -9.12
CA GLY D 317 37.41 26.77 -10.36
C GLY D 317 37.31 25.66 -11.39
N VAL D 318 37.52 24.41 -10.96
CA VAL D 318 37.41 23.27 -11.86
C VAL D 318 35.98 23.13 -12.36
N LEU D 319 35.00 23.31 -11.47
CA LEU D 319 33.61 23.23 -11.88
C LEU D 319 33.27 24.32 -12.90
N THR D 320 33.80 25.53 -12.70
CA THR D 320 33.55 26.62 -13.64
C THR D 320 34.16 26.31 -15.00
N ASN D 321 35.40 25.78 -15.01
CA ASN D 321 36.01 25.42 -16.29
C ASN D 321 35.20 24.34 -17.01
N ARG D 322 34.74 23.32 -16.27
CA ARG D 322 33.94 22.28 -16.89
C ARG D 322 32.61 22.80 -17.40
N ALA D 323 31.99 23.73 -16.65
CA ALA D 323 30.74 24.33 -17.11
C ALA D 323 30.96 25.15 -18.38
N VAL D 324 32.08 25.87 -18.44
CA VAL D 324 32.40 26.63 -19.65
C VAL D 324 32.63 25.69 -20.83
N GLU D 325 33.25 24.54 -20.58
CA GLU D 325 33.47 23.58 -21.66
C GLU D 325 32.16 23.08 -22.25
N LEU D 326 31.16 22.82 -21.40
CA LEU D 326 29.87 22.31 -21.84
C LEU D 326 28.80 23.39 -21.92
N ILE D 327 29.18 24.60 -22.34
CA ILE D 327 28.22 25.70 -22.40
C ILE D 327 27.15 25.45 -23.46
N ASP D 328 27.48 24.70 -24.52
CA ASP D 328 26.52 24.45 -25.57
C ASP D 328 25.47 23.41 -25.19
N GLU D 329 25.70 22.67 -24.10
CA GLU D 329 24.77 21.63 -23.68
C GLU D 329 23.81 22.09 -22.59
N PHE D 330 24.07 23.24 -21.96
CA PHE D 330 23.24 23.71 -20.87
C PHE D 330 21.85 24.09 -21.39
N ASN D 331 20.82 23.66 -20.66
CA ASN D 331 19.45 24.05 -20.94
C ASN D 331 19.10 25.27 -20.09
N ALA D 332 17.82 25.66 -20.09
CA ALA D 332 17.39 26.75 -19.23
C ALA D 332 17.43 26.35 -17.76
N GLN D 333 17.06 25.11 -17.46
CA GLN D 333 17.07 24.64 -16.08
C GLN D 333 18.47 24.66 -15.48
N TYR D 334 19.47 24.20 -16.24
CA TYR D 334 20.83 24.19 -15.73
C TYR D 334 21.35 25.60 -15.51
N ILE D 335 21.05 26.51 -16.44
CA ILE D 335 21.49 27.91 -16.29
C ILE D 335 20.85 28.52 -15.04
N SER D 336 19.55 28.29 -14.85
CA SER D 336 18.87 28.83 -13.67
C SER D 336 19.44 28.24 -12.39
N THR D 337 19.73 26.93 -12.38
CA THR D 337 20.28 26.29 -11.19
C THR D 337 21.67 26.83 -10.87
N THR D 338 22.52 26.99 -11.88
CA THR D 338 23.85 27.53 -11.66
C THR D 338 23.79 28.96 -11.15
N LEU D 339 22.93 29.79 -11.74
CA LEU D 339 22.80 31.17 -11.29
C LEU D 339 22.28 31.25 -9.86
N ASN D 340 21.29 30.42 -9.52
CA ASN D 340 20.78 30.41 -8.16
C ASN D 340 21.83 29.93 -7.17
N ALA D 341 22.63 28.93 -7.55
CA ALA D 341 23.70 28.45 -6.69
C ALA D 341 24.74 29.52 -6.45
N PHE D 342 25.12 30.26 -7.51
CA PHE D 342 26.07 31.35 -7.34
C PHE D 342 25.49 32.48 -6.50
N GLN D 343 24.19 32.73 -6.62
CA GLN D 343 23.55 33.73 -5.77
C GLN D 343 23.59 33.31 -4.30
N ARG D 344 23.27 32.04 -4.03
CA ARG D 344 23.24 31.57 -2.65
C ARG D 344 24.64 31.57 -2.05
N ILE D 345 25.62 31.01 -2.76
CA ILE D 345 26.99 30.95 -2.23
C ILE D 345 27.63 32.34 -2.21
N GLY D 346 27.25 33.22 -3.14
CA GLY D 346 27.64 34.61 -3.08
C GLY D 346 28.83 35.01 -3.92
N ILE D 347 29.49 34.08 -4.61
CA ILE D 347 30.62 34.45 -5.46
C ILE D 347 30.10 35.25 -6.66
N ASN D 348 30.88 36.24 -7.07
CA ASN D 348 30.54 37.10 -8.21
C ASN D 348 31.59 36.84 -9.30
N ASN D 349 31.23 36.01 -10.26
CA ASN D 349 32.14 35.66 -11.35
C ASN D 349 31.56 36.12 -12.68
N PRO D 350 31.89 37.33 -13.14
CA PRO D 350 31.32 37.83 -14.40
C PRO D 350 31.66 36.98 -15.62
N GLU D 351 32.82 36.33 -15.59
CA GLU D 351 33.29 35.60 -16.76
C GLU D 351 32.37 34.43 -17.10
N LEU D 352 31.93 33.67 -16.09
CA LEU D 352 30.96 32.61 -16.34
C LEU D 352 29.56 33.18 -16.56
N PHE D 353 29.25 34.31 -15.92
CA PHE D 353 27.92 34.89 -16.02
C PHE D 353 27.64 35.37 -17.44
N ASP D 354 28.64 35.93 -18.11
CA ASP D 354 28.45 36.36 -19.50
C ASP D 354 28.09 35.19 -20.40
N ASN D 355 28.82 34.08 -20.27
CA ASN D 355 28.51 32.90 -21.07
C ASN D 355 27.13 32.35 -20.74
N LEU D 356 26.78 32.32 -19.45
CA LEU D 356 25.47 31.81 -19.06
C LEU D 356 24.34 32.67 -19.61
N ALA D 357 24.50 33.99 -19.56
CA ALA D 357 23.48 34.88 -20.11
C ALA D 357 23.37 34.73 -21.63
N GLU D 358 24.53 34.62 -22.31
CA GLU D 358 24.51 34.45 -23.75
C GLU D 358 23.83 33.13 -24.15
N ARG D 359 24.06 32.08 -23.37
CA ARG D 359 23.38 30.80 -23.63
C ARG D 359 21.89 30.90 -23.34
N ALA D 360 21.51 31.54 -22.23
CA ALA D 360 20.10 31.68 -21.89
C ALA D 360 19.35 32.53 -22.89
N LEU D 361 20.02 33.45 -23.58
CA LEU D 361 19.37 34.22 -24.63
C LEU D 361 18.95 33.33 -25.80
N ALA D 362 19.56 32.15 -25.94
CA ALA D 362 19.25 31.27 -27.06
C ALA D 362 18.16 30.25 -26.73
N VAL D 363 17.90 30.01 -25.45
CA VAL D 363 16.91 29.01 -25.04
C VAL D 363 15.76 29.68 -24.29
N VAL D 364 15.44 30.91 -24.70
CA VAL D 364 14.38 31.67 -24.02
C VAL D 364 13.05 30.92 -24.07
N GLN D 365 12.72 30.35 -25.23
CA GLN D 365 11.45 29.65 -25.38
C GLN D 365 11.37 28.37 -24.56
N ASP D 366 12.50 27.85 -24.09
CA ASP D 366 12.52 26.67 -23.25
C ASP D 366 12.36 26.99 -21.77
N HIS D 367 12.31 28.27 -21.40
CA HIS D 367 12.30 28.65 -19.99
C HIS D 367 10.94 28.38 -19.36
N ASP D 368 10.96 27.76 -18.18
CA ASP D 368 9.77 27.55 -17.38
C ASP D 368 9.59 28.71 -16.41
N ALA D 369 8.43 28.75 -15.76
CA ALA D 369 8.16 29.83 -14.80
C ALA D 369 9.16 29.83 -13.67
N ARG D 370 9.49 28.64 -13.15
CA ARG D 370 10.53 28.54 -12.12
C ARG D 370 11.87 29.01 -12.65
N ASP D 371 12.22 28.61 -13.88
CA ASP D 371 13.48 29.02 -14.48
C ASP D 371 13.52 30.52 -14.69
N ILE D 372 12.41 31.10 -15.18
CA ILE D 372 12.36 32.54 -15.37
C ILE D 372 12.54 33.26 -14.04
N SER D 373 11.82 32.82 -13.01
CA SER D 373 11.93 33.47 -11.70
C SER D 373 13.36 33.41 -11.17
N LYS D 374 13.96 32.23 -11.18
CA LYS D 374 15.30 32.08 -10.62
C LYS D 374 16.35 32.84 -11.42
N THR D 375 16.27 32.77 -12.75
CA THR D 375 17.24 33.47 -13.59
C THR D 375 17.13 34.98 -13.42
N VAL D 376 15.90 35.51 -13.42
CA VAL D 376 15.72 36.96 -13.28
C VAL D 376 16.17 37.41 -11.90
N THR D 377 15.85 36.64 -10.86
CA THR D 377 16.28 37.01 -9.51
C THR D 377 17.80 37.00 -9.40
N ALA D 378 18.46 35.99 -9.95
CA ALA D 378 19.91 35.92 -9.89
C ALA D 378 20.56 37.07 -10.66
N LEU D 379 20.04 37.39 -11.85
CA LEU D 379 20.61 38.48 -12.62
C LEU D 379 20.39 39.82 -11.94
N ALA D 380 19.23 39.99 -11.27
CA ALA D 380 18.97 41.23 -10.57
C ALA D 380 19.86 41.38 -9.34
N HIS D 381 20.12 40.27 -8.64
CA HIS D 381 20.95 40.33 -7.44
C HIS D 381 22.37 40.80 -7.75
N PHE D 382 22.94 40.30 -8.84
CA PHE D 382 24.32 40.61 -9.19
C PHE D 382 24.48 41.95 -9.90
N GLY D 383 23.38 42.63 -10.19
CA GLY D 383 23.47 43.90 -10.90
C GLY D 383 23.98 43.76 -12.32
N LEU D 384 23.53 42.72 -13.03
CA LEU D 384 23.94 42.49 -14.41
C LEU D 384 22.86 43.02 -15.35
N LYS D 385 23.27 43.82 -16.32
CA LYS D 385 22.36 44.48 -17.24
C LYS D 385 22.39 43.75 -18.59
N ASP D 386 21.28 43.12 -18.93
CA ASP D 386 21.09 42.46 -20.22
C ASP D 386 19.69 42.86 -20.70
N GLU D 387 19.62 43.95 -21.47
CA GLU D 387 18.33 44.49 -21.88
C GLU D 387 17.56 43.52 -22.77
N GLU D 388 18.24 42.91 -23.75
CA GLU D 388 17.56 41.98 -24.65
C GLU D 388 17.04 40.76 -23.90
N LEU D 389 17.88 40.17 -23.04
CA LEU D 389 17.46 38.99 -22.28
C LEU D 389 16.31 39.32 -21.35
N PHE D 390 16.36 40.47 -20.68
CA PHE D 390 15.29 40.86 -19.78
C PHE D 390 13.99 41.11 -20.53
N LYS D 391 14.07 41.75 -21.69
CA LYS D 391 12.87 41.96 -22.51
C LYS D 391 12.25 40.64 -22.95
N ARG D 392 13.08 39.72 -23.46
CA ARG D 392 12.56 38.44 -23.90
C ARG D 392 11.97 37.63 -22.75
N LEU D 393 12.63 37.66 -21.59
CA LEU D 393 12.13 36.93 -20.43
C LEU D 393 10.83 37.54 -19.91
N ALA D 394 10.72 38.87 -19.93
CA ALA D 394 9.47 39.50 -19.51
C ALA D 394 8.33 39.14 -20.44
N SER D 395 8.58 39.14 -21.75
CA SER D 395 7.54 38.73 -22.69
C SER D 395 7.15 37.27 -22.47
N HIS D 396 8.13 36.40 -22.26
CA HIS D 396 7.83 34.99 -22.03
C HIS D 396 7.02 34.80 -20.75
N ALA D 397 7.40 35.50 -19.67
CA ALA D 397 6.65 35.40 -18.42
C ALA D 397 5.23 35.92 -18.58
N ALA D 398 5.05 36.98 -19.39
CA ALA D 398 3.70 37.42 -19.71
C ALA D 398 2.94 36.37 -20.51
N SER D 399 3.65 35.56 -21.29
CA SER D 399 2.98 34.53 -22.07
C SER D 399 2.45 33.40 -21.19
N ILE D 400 3.19 33.03 -20.16
CA ILE D 400 2.86 31.87 -19.35
C ILE D 400 2.55 32.29 -17.91
N ALA D 401 1.92 33.44 -17.74
CA ALA D 401 1.67 34.00 -16.41
C ALA D 401 0.87 33.06 -15.52
N ASP D 402 0.08 32.15 -16.08
CA ASP D 402 -0.75 31.32 -15.21
C ASP D 402 -0.02 30.12 -14.65
N GLN D 403 1.20 29.88 -15.09
CA GLN D 403 1.99 28.77 -14.56
C GLN D 403 2.76 29.14 -13.30
N PHE D 404 2.76 30.41 -12.90
CA PHE D 404 3.54 30.84 -11.75
C PHE D 404 2.87 30.38 -10.46
N ASP D 405 3.67 29.86 -9.53
CA ASP D 405 3.13 29.45 -8.24
C ASP D 405 3.14 30.64 -7.30
N ALA D 406 2.99 30.40 -6.01
CA ALA D 406 2.89 31.49 -5.04
C ALA D 406 4.23 32.21 -4.88
N MET D 407 5.32 31.45 -4.74
CA MET D 407 6.63 32.08 -4.56
C MET D 407 7.18 32.63 -5.88
N GLY D 408 6.95 31.92 -6.98
CA GLY D 408 7.52 32.33 -8.24
C GLY D 408 6.99 33.65 -8.74
N LEU D 409 5.66 33.86 -8.60
CA LEU D 409 5.06 35.10 -9.08
C LEU D 409 5.64 36.30 -8.33
N VAL D 410 5.68 36.23 -7.00
CA VAL D 410 6.18 37.36 -6.22
C VAL D 410 7.67 37.55 -6.46
N ASN D 411 8.43 36.46 -6.58
CA ASN D 411 9.86 36.60 -6.85
C ASN D 411 10.11 37.26 -8.20
N THR D 412 9.38 36.84 -9.23
CA THR D 412 9.55 37.44 -10.55
C THR D 412 9.15 38.91 -10.55
N ALA D 413 8.02 39.23 -9.90
CA ALA D 413 7.57 40.62 -9.87
C ALA D 413 8.58 41.51 -9.12
N HIS D 414 9.07 41.04 -7.98
CA HIS D 414 10.03 41.82 -7.21
C HIS D 414 11.35 41.97 -7.96
N ALA D 415 11.80 40.91 -8.63
CA ALA D 415 13.05 41.00 -9.38
C ALA D 415 12.93 41.94 -10.56
N PHE D 416 11.77 41.96 -11.23
CA PHE D 416 11.58 42.86 -12.34
C PHE D 416 11.41 44.30 -11.87
N ALA D 417 10.80 44.50 -10.70
CA ALA D 417 10.58 45.85 -10.19
C ALA D 417 11.84 46.45 -9.57
N ARG D 418 12.71 45.61 -9.01
CA ARG D 418 13.93 46.13 -8.38
C ARG D 418 14.81 46.84 -9.39
N THR D 419 15.11 46.17 -10.50
CA THR D 419 15.78 46.84 -11.61
C THR D 419 14.81 47.80 -12.30
N ASN D 420 15.36 48.89 -12.84
CA ASN D 420 14.52 49.87 -13.50
C ASN D 420 14.03 49.33 -14.84
N PHE D 421 13.20 48.29 -14.78
CA PHE D 421 12.66 47.62 -15.97
C PHE D 421 11.16 47.46 -15.77
N LEU D 422 10.37 48.24 -16.49
CA LEU D 422 8.92 48.17 -16.44
C LEU D 422 8.40 47.81 -17.83
N GLN D 423 7.55 46.78 -17.89
CA GLN D 423 6.97 46.31 -19.13
C GLN D 423 5.49 46.03 -18.90
N GLN D 424 4.63 46.72 -19.65
CA GLN D 424 3.20 46.58 -19.43
C GLN D 424 2.69 45.17 -19.74
N ASP D 425 3.29 44.51 -20.74
CA ASP D 425 2.89 43.15 -21.06
C ASP D 425 3.11 42.22 -19.87
N MET D 426 4.27 42.32 -19.22
CA MET D 426 4.57 41.53 -18.03
C MET D 426 3.81 42.04 -16.81
N ALA D 427 3.77 43.37 -16.65
CA ALA D 427 3.19 43.94 -15.44
C ALA D 427 1.70 43.64 -15.33
N VAL D 428 0.94 43.87 -16.41
CA VAL D 428 -0.50 43.62 -16.38
C VAL D 428 -0.77 42.14 -16.13
N ALA D 429 -0.04 41.26 -16.81
CA ALA D 429 -0.27 39.82 -16.67
C ALA D 429 -0.03 39.36 -15.24
N LEU D 430 1.12 39.71 -14.66
CA LEU D 430 1.39 39.24 -13.30
C LEU D 430 0.53 39.95 -12.26
N SER D 431 0.17 41.22 -12.47
CA SER D 431 -0.74 41.87 -11.54
C SER D 431 -2.11 41.18 -11.54
N GLU D 432 -2.62 40.84 -12.72
CA GLU D 432 -3.88 40.12 -12.78
C GLU D 432 -3.79 38.73 -12.17
N ARG D 433 -2.67 38.03 -12.40
CA ARG D 433 -2.49 36.71 -11.81
C ARG D 433 -2.31 36.76 -10.29
N SER D 434 -1.87 37.91 -9.75
CA SER D 434 -1.58 38.03 -8.33
C SER D 434 -2.79 37.75 -7.45
N VAL D 435 -4.01 37.87 -7.98
CA VAL D 435 -5.20 37.68 -7.15
C VAL D 435 -5.28 36.27 -6.60
N TYR D 436 -4.92 35.27 -7.42
CA TYR D 436 -5.11 33.87 -7.06
C TYR D 436 -4.04 33.34 -6.10
N VAL D 437 -3.00 34.11 -5.82
CA VAL D 437 -1.90 33.66 -4.97
C VAL D 437 -1.78 34.45 -3.68
N CYS D 438 -2.65 35.44 -3.45
CA CYS D 438 -2.55 36.26 -2.25
C CYS D 438 -2.73 35.43 -0.99
N ARG D 439 -3.66 34.49 -1.01
CA ARG D 439 -4.03 33.62 0.10
C ARG D 439 -2.96 32.61 0.46
N LEU D 440 -1.85 32.54 -0.30
CA LEU D 440 -0.80 31.56 -0.06
C LEU D 440 0.53 32.23 0.27
N LEU D 441 0.52 33.46 0.74
CA LEU D 441 1.72 34.26 0.89
C LEU D 441 2.02 34.55 2.36
N ASP D 442 3.31 34.76 2.64
CA ASP D 442 3.79 35.18 3.94
C ASP D 442 3.65 36.70 4.07
N ALA D 443 3.83 37.21 5.29
CA ALA D 443 3.78 38.65 5.50
C ALA D 443 4.90 39.36 4.76
N GLY D 444 6.12 38.82 4.82
CA GLY D 444 7.21 39.40 4.06
C GLY D 444 7.00 39.28 2.55
N GLU D 445 6.50 38.13 2.10
CA GLU D 445 6.17 37.98 0.69
C GLU D 445 5.06 38.92 0.26
N THR D 446 4.07 39.12 1.13
CA THR D 446 3.01 40.08 0.82
C THR D 446 3.57 41.50 0.72
N ARG D 447 4.48 41.86 1.61
CA ARG D 447 5.11 43.17 1.54
C ARG D 447 5.90 43.34 0.24
N ARG D 448 6.67 42.32 -0.14
CA ARG D 448 7.43 42.38 -1.38
C ARG D 448 6.51 42.50 -2.59
N LEU D 449 5.43 41.71 -2.62
CA LEU D 449 4.49 41.78 -3.72
C LEU D 449 3.81 43.13 -3.79
N LEU D 450 3.44 43.70 -2.64
CA LEU D 450 2.81 45.01 -2.63
C LEU D 450 3.75 46.09 -3.13
N TRP D 451 5.03 46.03 -2.71
CA TRP D 451 5.99 47.00 -3.20
C TRP D 451 6.19 46.88 -4.71
N ALA D 452 6.29 45.64 -5.22
CA ALA D 452 6.44 45.44 -6.65
C ALA D 452 5.22 45.94 -7.41
N LEU D 453 4.03 45.70 -6.86
CA LEU D 453 2.80 46.16 -7.50
C LEU D 453 2.73 47.68 -7.52
N ALA D 454 3.19 48.32 -6.44
CA ALA D 454 3.22 49.77 -6.41
C ALA D 454 4.23 50.34 -7.40
N LYS D 455 5.36 49.65 -7.58
CA LYS D 455 6.33 50.09 -8.59
C LYS D 455 5.76 49.98 -10.00
N PHE D 456 4.79 49.10 -10.21
CA PHE D 456 4.13 48.99 -11.51
C PHE D 456 3.04 50.02 -11.72
N GLN D 457 2.72 50.82 -10.69
CA GLN D 457 1.67 51.83 -10.76
C GLN D 457 0.32 51.20 -11.10
N VAL D 458 -0.09 50.25 -10.26
CA VAL D 458 -1.34 49.52 -10.44
C VAL D 458 -2.34 50.04 -9.41
N ARG D 459 -3.52 50.44 -9.89
CA ARG D 459 -4.53 51.05 -9.03
C ARG D 459 -5.87 50.33 -9.07
N ASP D 460 -5.98 49.19 -9.74
CA ASP D 460 -7.25 48.50 -9.87
C ASP D 460 -7.68 47.93 -8.51
N PRO D 461 -8.84 48.31 -7.99
CA PRO D 461 -9.27 47.78 -6.68
C PRO D 461 -9.41 46.27 -6.65
N LYS D 462 -9.85 45.66 -7.75
CA LYS D 462 -10.02 44.22 -7.81
C LYS D 462 -8.71 43.46 -7.63
N ILE D 463 -7.57 44.12 -7.87
CA ILE D 463 -6.26 43.55 -7.62
C ILE D 463 -5.73 43.91 -6.24
N LEU D 464 -5.96 45.15 -5.80
CA LEU D 464 -5.38 45.63 -4.56
C LEU D 464 -6.10 45.13 -3.31
N THR D 465 -7.40 44.81 -3.42
CA THR D 465 -8.12 44.38 -2.22
C THR D 465 -7.59 43.06 -1.66
N PRO D 466 -7.33 42.02 -2.46
CA PRO D 466 -6.76 40.79 -1.87
C PRO D 466 -5.45 41.02 -1.13
N VAL D 467 -4.51 41.76 -1.72
CA VAL D 467 -3.20 41.92 -1.11
C VAL D 467 -3.30 42.76 0.16
N PHE D 468 -4.16 43.78 0.17
CA PHE D 468 -4.34 44.56 1.39
C PHE D 468 -5.03 43.75 2.48
N ASN D 469 -6.00 42.90 2.11
CA ASN D 469 -6.58 42.00 3.10
C ASN D 469 -5.53 41.06 3.69
N ARG D 470 -4.68 40.50 2.84
CA ARG D 470 -3.66 39.58 3.32
C ARG D 470 -2.64 40.27 4.23
N CYS D 471 -2.24 41.49 3.87
CA CYS D 471 -1.29 42.21 4.70
C CYS D 471 -1.93 42.77 5.97
N LEU D 472 -3.26 42.92 5.98
CA LEU D 472 -3.95 43.29 7.22
C LEU D 472 -4.09 42.10 8.16
N ALA D 473 -4.33 40.92 7.60
CA ALA D 473 -4.46 39.72 8.44
C ALA D 473 -3.14 39.32 9.07
N LEU D 474 -2.02 39.73 8.48
CA LEU D 474 -0.69 39.46 9.00
C LEU D 474 0.04 40.76 9.36
N HIS D 475 -0.69 41.72 9.94
CA HIS D 475 -0.14 43.06 10.14
C HIS D 475 1.02 43.07 11.13
N TYR D 476 0.96 42.25 12.18
CA TYR D 476 2.05 42.23 13.15
C TYR D 476 3.36 41.82 12.51
N ASP D 477 3.36 40.72 11.75
CA ASP D 477 4.56 40.34 11.03
C ASP D 477 4.83 41.24 9.83
N PHE D 478 3.80 41.93 9.34
CA PHE D 478 3.99 42.89 8.25
C PHE D 478 4.85 44.07 8.71
N PHE D 479 4.62 44.54 9.92
CA PHE D 479 5.32 45.71 10.43
C PHE D 479 6.47 45.37 11.37
N ALA D 480 6.78 44.10 11.58
CA ALA D 480 7.85 43.70 12.48
C ALA D 480 9.14 43.34 11.78
N ASP D 481 9.21 43.46 10.45
CA ASP D 481 10.43 43.13 9.72
C ASP D 481 11.22 44.41 9.48
N PRO D 482 12.38 44.59 10.13
CA PRO D 482 13.13 45.84 9.95
C PRO D 482 13.65 46.04 8.54
N THR D 483 14.11 44.97 7.88
CA THR D 483 14.75 45.12 6.57
C THR D 483 13.79 45.66 5.52
N GLY D 484 12.49 45.47 5.68
CA GLY D 484 11.51 46.00 4.76
C GLY D 484 11.00 47.38 5.11
N SER D 485 11.51 47.99 6.19
CA SER D 485 10.97 49.27 6.65
C SER D 485 10.98 50.31 5.54
N GLU D 486 12.11 50.44 4.84
CA GLU D 486 12.17 51.37 3.71
C GLU D 486 11.06 51.09 2.72
N GLU D 487 10.89 49.82 2.33
CA GLU D 487 9.82 49.48 1.40
C GLU D 487 8.48 49.99 1.90
N ILE D 488 8.24 49.89 3.20
CA ILE D 488 6.98 50.38 3.76
C ILE D 488 6.80 51.86 3.47
N GLU D 489 7.81 52.68 3.76
CA GLU D 489 7.64 54.11 3.54
C GLU D 489 7.58 54.44 2.05
N GLU D 490 7.89 53.48 1.18
CA GLU D 490 7.64 53.69 -0.24
C GLU D 490 6.20 53.35 -0.59
N ILE D 491 5.67 52.24 -0.03
CA ILE D 491 4.34 51.77 -0.40
C ILE D 491 3.29 52.82 -0.05
N PHE D 492 3.40 53.40 1.14
CA PHE D 492 2.46 54.44 1.55
C PHE D 492 2.77 55.78 0.92
N ASP D 493 3.93 55.94 0.28
CA ASP D 493 4.23 57.18 -0.42
C ASP D 493 3.46 57.25 -1.74
N PHE D 494 3.19 56.09 -2.35
CA PHE D 494 2.45 56.07 -3.60
C PHE D 494 0.95 56.07 -3.35
N TYR D 495 0.47 55.13 -2.53
CA TYR D 495 -0.97 54.98 -2.32
C TYR D 495 -1.54 56.11 -1.50
N GLY D 496 -0.85 56.51 -0.43
CA GLY D 496 -1.32 57.57 0.44
C GLY D 496 -2.28 57.05 1.49
N PRO D 497 -2.62 57.91 2.46
CA PRO D 497 -3.55 57.49 3.52
C PRO D 497 -4.93 57.14 3.03
N ASN D 498 -5.34 57.61 1.84
CA ASN D 498 -6.70 57.36 1.36
C ASN D 498 -6.92 55.87 1.11
N PHE D 499 -5.94 55.18 0.53
CA PHE D 499 -6.08 53.76 0.23
C PHE D 499 -5.92 52.94 1.51
N CYS D 500 -6.97 52.18 1.86
CA CYS D 500 -6.99 51.30 3.02
C CYS D 500 -6.58 52.04 4.29
N PRO D 501 -7.46 52.87 4.84
CA PRO D 501 -7.12 53.66 6.04
C PRO D 501 -6.62 52.81 7.20
N PRO D 502 -7.23 51.65 7.50
CA PRO D 502 -6.74 50.88 8.66
C PRO D 502 -5.27 50.51 8.58
N LEU D 503 -4.78 50.15 7.39
CA LEU D 503 -3.35 49.86 7.25
C LEU D 503 -2.50 51.10 7.53
N TYR D 504 -2.96 52.28 7.09
CA TYR D 504 -2.23 53.50 7.39
C TYR D 504 -2.19 53.78 8.88
N GLN D 505 -3.32 53.59 9.58
CA GLN D 505 -3.34 53.81 11.02
C GLN D 505 -2.44 52.83 11.75
N LEU D 506 -2.41 51.57 11.30
CA LEU D 506 -1.50 50.60 11.89
C LEU D 506 -0.05 50.97 11.61
N TYR D 507 0.23 51.53 10.44
CA TYR D 507 1.58 51.98 10.11
C TYR D 507 2.01 53.15 10.99
N ILE D 508 1.09 54.06 11.28
CA ILE D 508 1.42 55.21 12.11
C ILE D 508 1.83 54.77 13.51
N SER D 509 1.09 53.84 14.10
CA SER D 509 1.40 53.34 15.44
C SER D 509 2.70 52.53 15.42
N THR E 80 -57.13 -7.09 -13.06
CA THR E 80 -55.73 -6.67 -13.14
C THR E 80 -54.96 -7.54 -14.12
N ALA E 81 -53.63 -7.56 -13.98
CA ALA E 81 -52.77 -8.34 -14.85
C ALA E 81 -52.20 -9.58 -14.20
N LEU E 82 -52.19 -9.65 -12.86
CA LEU E 82 -51.62 -10.80 -12.17
C LEU E 82 -52.44 -12.06 -12.42
N ASP E 83 -53.78 -11.94 -12.45
CA ASP E 83 -54.63 -13.10 -12.66
C ASP E 83 -54.43 -13.70 -14.04
N VAL E 84 -54.31 -12.85 -15.07
CA VAL E 84 -54.07 -13.35 -16.42
C VAL E 84 -52.74 -14.07 -16.49
N ALA E 85 -51.71 -13.51 -15.87
CA ALA E 85 -50.41 -14.17 -15.85
C ALA E 85 -50.49 -15.50 -15.12
N MET E 86 -51.23 -15.56 -14.01
CA MET E 86 -51.35 -16.81 -13.26
C MET E 86 -52.06 -17.89 -14.07
N ARG E 87 -53.14 -17.52 -14.78
CA ARG E 87 -53.84 -18.53 -15.56
C ARG E 87 -53.03 -18.95 -16.80
N VAL E 88 -52.27 -18.02 -17.39
CA VAL E 88 -51.37 -18.41 -18.47
C VAL E 88 -50.28 -19.33 -17.96
N ASN E 89 -49.82 -19.10 -16.73
CA ASN E 89 -48.84 -20.00 -16.11
C ASN E 89 -49.45 -21.38 -15.86
N LYS E 90 -50.72 -21.42 -15.48
CA LYS E 90 -51.41 -22.71 -15.33
C LYS E 90 -51.46 -23.45 -16.67
N LEU E 91 -51.79 -22.73 -17.74
CA LEU E 91 -51.76 -23.34 -19.07
C LEU E 91 -50.35 -23.82 -19.42
N LYS E 92 -49.34 -23.04 -19.05
CA LYS E 92 -47.96 -23.40 -19.31
C LYS E 92 -47.59 -24.70 -18.58
N ARG E 93 -47.98 -24.82 -17.32
CA ARG E 93 -47.72 -26.05 -16.57
C ARG E 93 -48.48 -27.23 -17.16
N LEU E 94 -49.72 -27.03 -17.60
CA LEU E 94 -50.46 -28.11 -18.23
C LEU E 94 -49.75 -28.58 -19.50
N HIS E 95 -49.25 -27.65 -20.31
CA HIS E 95 -48.50 -28.02 -21.50
C HIS E 95 -47.18 -28.69 -21.14
N GLN E 96 -46.55 -28.28 -20.04
CA GLN E 96 -45.28 -28.86 -19.63
C GLN E 96 -45.46 -30.32 -19.20
N THR E 97 -46.46 -30.59 -18.37
CA THR E 97 -46.67 -31.95 -17.87
C THR E 97 -47.17 -32.87 -18.99
N GLY E 98 -48.32 -32.54 -19.57
CA GLY E 98 -48.87 -33.33 -20.65
C GLY E 98 -49.28 -32.49 -21.84
N GLY E 99 -50.44 -32.78 -22.41
CA GLY E 99 -50.96 -32.00 -23.51
C GLY E 99 -52.36 -31.49 -23.25
N GLY E 100 -53.05 -32.12 -22.30
CA GLY E 100 -54.40 -31.76 -21.97
C GLY E 100 -55.40 -32.47 -22.86
N PRO E 101 -56.66 -32.54 -22.41
CA PRO E 101 -57.69 -33.19 -23.24
C PRO E 101 -57.90 -32.54 -24.59
N SER E 102 -57.72 -31.22 -24.69
CA SER E 102 -57.92 -30.49 -25.93
C SER E 102 -56.68 -30.45 -26.82
N GLY E 103 -55.57 -31.02 -26.38
CA GLY E 103 -54.36 -31.02 -27.19
C GLY E 103 -53.43 -29.88 -26.84
N LYS E 104 -52.14 -30.11 -27.09
CA LYS E 104 -51.14 -29.09 -26.76
C LYS E 104 -51.17 -27.93 -27.73
N LYS E 105 -51.49 -28.18 -29.01
CA LYS E 105 -51.58 -27.10 -29.98
C LYS E 105 -52.71 -26.13 -29.62
N GLN E 106 -53.85 -26.67 -29.19
CA GLN E 106 -54.94 -25.81 -28.71
C GLN E 106 -54.51 -25.02 -27.48
N VAL E 107 -53.69 -25.62 -26.61
CA VAL E 107 -53.19 -24.92 -25.44
C VAL E 107 -52.31 -23.75 -25.86
N GLU E 108 -51.43 -23.97 -26.85
CA GLU E 108 -50.59 -22.90 -27.34
C GLU E 108 -51.41 -21.79 -27.97
N LEU E 109 -52.44 -22.15 -28.75
CA LEU E 109 -53.31 -21.14 -29.34
C LEU E 109 -54.03 -20.33 -28.28
N ASP E 110 -54.58 -21.00 -27.25
CA ASP E 110 -55.24 -20.30 -26.16
C ASP E 110 -54.27 -19.40 -25.42
N ALA E 111 -53.03 -19.84 -25.25
CA ALA E 111 -52.01 -19.00 -24.63
C ALA E 111 -51.76 -17.76 -25.48
N TRP E 112 -51.73 -17.90 -26.80
CA TRP E 112 -51.57 -16.73 -27.66
C TRP E 112 -52.72 -15.75 -27.49
N ARG E 113 -53.97 -16.25 -27.50
CA ARG E 113 -55.10 -15.34 -27.34
C ARG E 113 -55.08 -14.66 -25.98
N ASP E 114 -54.73 -15.40 -24.91
CA ASP E 114 -54.69 -14.82 -23.58
C ASP E 114 -53.59 -13.79 -23.47
N LEU E 115 -52.41 -14.06 -24.05
CA LEU E 115 -51.30 -13.11 -23.97
C LEU E 115 -51.61 -11.83 -24.74
N ASN E 116 -52.22 -11.96 -25.92
CA ASN E 116 -52.58 -10.76 -26.69
C ASN E 116 -53.73 -9.99 -26.07
N ASN E 117 -54.41 -10.55 -25.07
CA ASN E 117 -55.53 -9.85 -24.43
C ASN E 117 -55.08 -8.63 -23.64
N LEU E 118 -53.83 -8.61 -23.17
CA LEU E 118 -53.35 -7.52 -22.33
C LEU E 118 -53.44 -6.19 -23.06
N THR E 119 -53.97 -5.19 -22.37
CA THR E 119 -54.16 -3.85 -22.91
C THR E 119 -53.22 -2.88 -22.19
N GLU E 120 -53.22 -1.62 -22.65
CA GLU E 120 -52.36 -0.60 -22.08
C GLU E 120 -52.70 -0.30 -20.62
N ALA E 121 -53.93 -0.55 -20.20
CA ALA E 121 -54.32 -0.26 -18.82
C ALA E 121 -53.63 -1.20 -17.84
N GLN E 122 -53.62 -2.50 -18.15
CA GLN E 122 -53.06 -3.48 -17.22
C GLN E 122 -51.54 -3.38 -17.16
N ILE E 123 -50.89 -3.27 -18.32
CA ILE E 123 -49.43 -3.29 -18.37
C ILE E 123 -48.82 -2.01 -17.83
N ASN E 124 -49.57 -0.91 -17.80
CA ASN E 124 -49.08 0.35 -17.23
C ASN E 124 -49.24 0.39 -15.72
N SER E 125 -49.83 -0.65 -15.12
CA SER E 125 -49.97 -0.75 -13.67
C SER E 125 -49.60 -2.13 -13.16
N ALA E 126 -48.88 -2.91 -13.95
CA ALA E 126 -48.49 -4.25 -13.53
C ALA E 126 -47.31 -4.19 -12.55
N GLU E 127 -47.32 -5.11 -11.58
CA GLU E 127 -46.23 -5.20 -10.63
C GLU E 127 -45.10 -6.05 -11.18
N GLY E 128 -44.04 -6.21 -10.39
CA GLY E 128 -42.90 -6.99 -10.84
C GLY E 128 -43.22 -8.46 -11.04
N LYS E 129 -43.99 -9.05 -10.11
CA LYS E 129 -44.30 -10.47 -10.20
C LYS E 129 -45.11 -10.79 -11.45
N ALA E 130 -46.11 -9.96 -11.76
CA ALA E 130 -46.91 -10.19 -12.96
C ALA E 130 -46.07 -10.07 -14.22
N VAL E 131 -45.18 -9.07 -14.28
CA VAL E 131 -44.33 -8.90 -15.45
C VAL E 131 -43.40 -10.09 -15.61
N SER E 132 -42.80 -10.56 -14.50
CA SER E 132 -41.91 -11.70 -14.57
C SER E 132 -42.64 -12.96 -15.02
N LEU E 133 -43.85 -13.18 -14.49
CA LEU E 133 -44.64 -14.34 -14.90
C LEU E 133 -45.01 -14.28 -16.37
N LEU E 134 -45.42 -13.11 -16.85
CA LEU E 134 -45.75 -12.95 -18.27
C LEU E 134 -44.54 -13.20 -19.14
N LEU E 135 -43.38 -12.67 -18.74
CA LEU E 135 -42.16 -12.89 -19.51
C LEU E 135 -41.78 -14.36 -19.55
N ASN E 136 -41.89 -15.05 -18.41
CA ASN E 136 -41.56 -16.48 -18.37
C ASN E 136 -42.48 -17.28 -19.28
N SER E 137 -43.80 -17.02 -19.19
CA SER E 137 -44.74 -17.75 -20.02
C SER E 137 -44.52 -17.47 -21.50
N TRP E 138 -44.29 -16.21 -21.86
CA TRP E 138 -44.06 -15.86 -23.26
C TRP E 138 -42.78 -16.51 -23.78
N ALA E 139 -41.71 -16.50 -22.97
CA ALA E 139 -40.46 -17.11 -23.39
C ALA E 139 -40.61 -18.61 -23.58
N TYR E 140 -41.35 -19.27 -22.67
CA TYR E 140 -41.54 -20.71 -22.81
C TYR E 140 -42.38 -21.02 -24.06
N PHE E 141 -43.45 -20.26 -24.28
CA PHE E 141 -44.33 -20.54 -25.41
C PHE E 141 -43.73 -20.14 -26.74
N ALA E 142 -42.72 -19.27 -26.75
CA ALA E 142 -42.05 -18.94 -28.01
C ALA E 142 -41.22 -20.10 -28.54
N LYS E 143 -40.88 -21.06 -27.68
CA LYS E 143 -40.13 -22.23 -28.14
C LYS E 143 -40.98 -23.11 -29.06
N TYR E 144 -42.24 -23.32 -28.72
CA TYR E 144 -43.09 -24.24 -29.46
C TYR E 144 -43.81 -23.59 -30.63
N TRP E 145 -44.08 -22.29 -30.56
CA TRP E 145 -44.75 -21.60 -31.66
C TRP E 145 -43.87 -21.65 -32.90
N GLU E 146 -44.48 -21.98 -34.04
CA GLU E 146 -43.72 -22.07 -35.29
C GLU E 146 -43.16 -20.71 -35.67
N LYS E 147 -43.94 -19.64 -35.50
CA LYS E 147 -43.43 -18.29 -35.65
C LYS E 147 -42.66 -17.88 -34.40
N GLY E 148 -41.79 -16.90 -34.57
CA GLY E 148 -40.99 -16.40 -33.46
C GLY E 148 -41.84 -15.81 -32.34
N ALA E 149 -42.49 -14.69 -32.62
CA ALA E 149 -43.37 -14.01 -31.67
C ALA E 149 -42.66 -13.73 -30.33
N ALA F 19 -38.41 -10.00 -33.15
CA ALA F 19 -39.60 -9.19 -33.29
C ALA F 19 -40.44 -9.21 -32.01
N ARG F 20 -40.78 -8.02 -31.51
CA ARG F 20 -41.54 -7.89 -30.28
C ARG F 20 -42.94 -7.41 -30.59
N PRO F 21 -43.99 -8.21 -30.35
CA PRO F 21 -45.37 -7.73 -30.54
C PRO F 21 -45.71 -6.60 -29.58
N SER F 22 -46.92 -6.05 -29.70
CA SER F 22 -47.28 -4.85 -28.96
C SER F 22 -47.21 -5.07 -27.45
N ALA F 23 -47.76 -6.18 -26.97
CA ALA F 23 -47.73 -6.44 -25.52
C ALA F 23 -46.31 -6.68 -25.03
N LEU F 24 -45.54 -7.49 -25.76
CA LEU F 24 -44.16 -7.74 -25.38
C LEU F 24 -43.33 -6.46 -25.50
N HIS F 25 -43.57 -5.67 -26.54
CA HIS F 25 -42.85 -4.40 -26.69
C HIS F 25 -43.13 -3.46 -25.53
N LEU F 26 -44.40 -3.36 -25.11
CA LEU F 26 -44.73 -2.48 -24.00
C LEU F 26 -44.19 -2.99 -22.68
N ILE F 27 -44.18 -4.31 -22.47
CA ILE F 27 -43.58 -4.86 -21.27
C ILE F 27 -42.09 -4.56 -21.24
N PHE F 28 -41.41 -4.75 -22.37
CA PHE F 28 -39.98 -4.47 -22.44
C PHE F 28 -39.70 -2.99 -22.21
N GLU F 29 -40.55 -2.12 -22.76
CA GLU F 29 -40.38 -0.68 -22.52
C GLU F 29 -40.57 -0.32 -21.06
N ARG F 30 -41.58 -0.90 -20.41
CA ARG F 30 -41.78 -0.63 -18.99
C ARG F 30 -40.59 -1.10 -18.18
N CYS F 31 -40.00 -2.23 -18.56
CA CYS F 31 -38.79 -2.68 -17.87
C CYS F 31 -37.61 -1.76 -18.14
N LYS F 32 -37.51 -1.21 -19.36
CA LYS F 32 -36.36 -0.39 -19.71
C LYS F 32 -36.38 0.97 -19.01
N LEU F 33 -37.57 1.50 -18.74
CA LEU F 33 -37.73 2.86 -18.22
C LEU F 33 -37.73 2.93 -16.70
N ASN F 34 -37.47 1.81 -16.01
CA ASN F 34 -37.46 1.77 -14.56
C ASN F 34 -38.81 2.21 -13.99
N LEU F 35 -39.88 1.87 -14.69
CA LEU F 35 -41.23 2.19 -14.25
C LEU F 35 -41.91 1.02 -13.54
N VAL F 36 -41.21 -0.09 -13.34
CA VAL F 36 -41.75 -1.28 -12.69
C VAL F 36 -40.91 -1.58 -11.46
N GLU F 37 -41.57 -1.78 -10.33
CA GLU F 37 -40.89 -2.06 -9.08
C GLU F 37 -40.63 -3.57 -8.99
N PHE F 38 -39.37 -3.95 -9.22
CA PHE F 38 -38.96 -5.35 -9.20
C PHE F 38 -38.36 -5.70 -7.85
N THR F 39 -38.77 -6.84 -7.30
CA THR F 39 -38.12 -7.40 -6.13
C THR F 39 -36.96 -8.30 -6.56
N ALA F 40 -36.19 -8.76 -5.58
CA ALA F 40 -35.05 -9.62 -5.88
C ALA F 40 -35.51 -10.95 -6.47
N GLN F 41 -36.63 -11.48 -5.97
CA GLN F 41 -37.13 -12.75 -6.48
C GLN F 41 -37.54 -12.64 -7.95
N ASP F 42 -38.21 -11.55 -8.31
CA ASP F 42 -38.63 -11.37 -9.70
C ASP F 42 -37.43 -11.20 -10.63
N VAL F 43 -36.42 -10.45 -10.18
CA VAL F 43 -35.20 -10.31 -10.97
C VAL F 43 -34.52 -11.67 -11.15
N TYR F 44 -34.50 -12.48 -10.08
CA TYR F 44 -33.91 -13.81 -10.18
C TYR F 44 -34.67 -14.68 -11.16
N GLN F 45 -36.00 -14.62 -11.13
CA GLN F 45 -36.80 -15.40 -12.07
C GLN F 45 -36.55 -14.96 -13.51
N ILE F 46 -36.47 -13.66 -13.75
CA ILE F 46 -36.22 -13.16 -15.10
C ILE F 46 -34.83 -13.60 -15.59
N CYS F 47 -33.83 -13.50 -14.71
CA CYS F 47 -32.49 -13.91 -15.10
C CYS F 47 -32.42 -15.41 -15.37
N THR F 48 -33.10 -16.22 -14.55
CA THR F 48 -33.13 -17.66 -14.78
C THR F 48 -33.81 -17.98 -16.11
N THR F 49 -34.92 -17.31 -16.41
CA THR F 49 -35.60 -17.52 -17.68
C THR F 49 -34.70 -17.14 -18.85
N ALA F 50 -33.99 -16.01 -18.72
CA ALA F 50 -33.08 -15.60 -19.79
C ALA F 50 -31.96 -16.61 -19.99
N TYR F 51 -31.39 -17.12 -18.89
CA TYR F 51 -30.31 -18.09 -19.01
C TYR F 51 -30.80 -19.43 -19.56
N ASN F 52 -32.07 -19.76 -19.33
CA ASN F 52 -32.58 -21.05 -19.79
C ASN F 52 -33.05 -21.00 -21.24
N MET F 53 -33.87 -20.01 -21.59
CA MET F 53 -34.44 -19.89 -22.92
C MET F 53 -34.10 -18.53 -23.50
N ASP F 54 -33.59 -18.52 -24.73
CA ASP F 54 -33.15 -17.30 -25.40
C ASP F 54 -34.08 -16.93 -26.56
N THR F 55 -35.34 -17.32 -26.49
CA THR F 55 -36.26 -17.05 -27.59
C THR F 55 -36.59 -15.56 -27.70
N LEU F 56 -36.68 -14.86 -26.57
CA LEU F 56 -37.03 -13.45 -26.58
C LEU F 56 -35.83 -12.54 -26.79
N GLY F 57 -34.62 -13.08 -26.73
CA GLY F 57 -33.42 -12.27 -26.89
C GLY F 57 -33.21 -11.26 -25.78
N MET F 58 -33.39 -11.67 -24.52
CA MET F 58 -33.25 -10.75 -23.40
C MET F 58 -31.80 -10.27 -23.26
N LEU F 59 -30.83 -11.18 -23.40
CA LEU F 59 -29.43 -10.79 -23.29
C LEU F 59 -28.93 -10.01 -24.50
N GLN F 60 -29.70 -9.96 -25.58
CA GLN F 60 -29.32 -9.20 -26.77
C GLN F 60 -29.82 -7.77 -26.74
N ASP F 61 -30.49 -7.35 -25.67
CA ASP F 61 -30.94 -5.98 -25.52
C ASP F 61 -30.18 -5.32 -24.38
N PRO F 62 -29.13 -4.54 -24.66
CA PRO F 62 -28.38 -3.90 -23.57
C PRO F 62 -29.23 -2.93 -22.77
N ASP F 63 -30.17 -2.23 -23.40
CA ASP F 63 -30.99 -1.25 -22.70
C ASP F 63 -32.03 -1.90 -21.81
N PHE F 64 -32.31 -3.19 -21.98
CA PHE F 64 -33.21 -3.93 -21.11
C PHE F 64 -32.47 -4.56 -19.95
N MET F 65 -31.30 -5.15 -20.22
CA MET F 65 -30.50 -5.72 -19.15
C MET F 65 -29.96 -4.63 -18.23
N ARG F 66 -29.64 -3.45 -18.77
CA ARG F 66 -29.20 -2.35 -17.91
C ARG F 66 -30.31 -1.88 -17.00
N GLY F 67 -31.54 -1.81 -17.51
CA GLY F 67 -32.67 -1.49 -16.65
C GLY F 67 -32.93 -2.53 -15.60
N LEU F 68 -32.80 -3.81 -15.95
CA LEU F 68 -32.93 -4.88 -14.97
C LEU F 68 -31.85 -4.78 -13.90
N HIS F 69 -30.62 -4.45 -14.29
CA HIS F 69 -29.55 -4.26 -13.31
C HIS F 69 -29.84 -3.07 -12.40
N ASP F 70 -30.35 -1.97 -12.97
CA ASP F 70 -30.73 -0.82 -12.16
C ASP F 70 -31.81 -1.18 -11.15
N ALA F 71 -32.77 -2.01 -11.57
CA ALA F 71 -33.76 -2.51 -10.61
C ALA F 71 -33.11 -3.40 -9.56
N PHE F 72 -32.09 -4.18 -9.95
CA PHE F 72 -31.41 -5.05 -9.00
C PHE F 72 -30.69 -4.25 -7.92
N ARG F 73 -30.04 -3.15 -8.28
CA ARG F 73 -29.31 -2.37 -7.28
C ARG F 73 -30.24 -1.78 -6.23
N ARG F 74 -31.41 -1.29 -6.65
CA ARG F 74 -32.32 -0.60 -5.74
C ARG F 74 -33.34 -1.53 -5.10
N SER F 75 -33.04 -2.82 -5.02
CA SER F 75 -33.95 -3.79 -4.41
C SER F 75 -33.35 -4.33 -3.11
N ASP F 76 -34.20 -5.03 -2.36
CA ASP F 76 -33.79 -5.65 -1.09
C ASP F 76 -33.26 -7.04 -1.42
N GLN F 77 -31.94 -7.18 -1.45
CA GLN F 77 -31.30 -8.44 -1.83
C GLN F 77 -31.18 -9.43 -0.68
N THR F 78 -31.58 -9.05 0.54
CA THR F 78 -31.43 -9.95 1.67
C THR F 78 -32.45 -11.09 1.63
N VAL F 79 -33.54 -10.92 0.87
CA VAL F 79 -34.56 -11.95 0.82
C VAL F 79 -34.06 -13.20 0.09
N ILE F 80 -33.25 -13.02 -0.94
CA ILE F 80 -32.74 -14.13 -1.72
C ILE F 80 -31.49 -14.70 -1.06
N SER F 81 -31.16 -15.94 -1.43
CA SER F 81 -29.95 -16.57 -0.92
C SER F 81 -28.71 -15.90 -1.51
N PRO F 82 -27.57 -16.00 -0.83
CA PRO F 82 -26.34 -15.40 -1.37
C PRO F 82 -26.00 -15.85 -2.77
N PHE F 83 -26.18 -17.14 -3.09
CA PHE F 83 -25.82 -17.59 -4.42
C PHE F 83 -26.79 -17.07 -5.48
N GLN F 84 -28.03 -16.79 -5.11
CA GLN F 84 -28.94 -16.19 -6.08
C GLN F 84 -28.47 -14.80 -6.48
N ALA F 85 -28.04 -13.98 -5.51
CA ALA F 85 -27.45 -12.69 -5.84
C ALA F 85 -26.17 -12.85 -6.65
N ASN F 86 -25.35 -13.86 -6.30
CA ASN F 86 -24.14 -14.10 -7.07
C ASN F 86 -24.47 -14.49 -8.52
N LEU F 87 -25.54 -15.26 -8.72
CA LEU F 87 -25.94 -15.66 -10.06
C LEU F 87 -26.46 -14.47 -10.86
N ILE F 88 -27.21 -13.58 -10.21
CA ILE F 88 -27.64 -12.36 -10.90
C ILE F 88 -26.43 -11.52 -11.30
N ALA F 89 -25.46 -11.38 -10.40
CA ALA F 89 -24.25 -10.64 -10.72
C ALA F 89 -23.48 -11.30 -11.85
N ASP F 90 -23.42 -12.64 -11.87
CA ASP F 90 -22.70 -13.35 -12.92
C ASP F 90 -23.38 -13.19 -14.26
N THR F 91 -24.71 -13.29 -14.30
CA THR F 91 -25.41 -13.12 -15.58
C THR F 91 -25.41 -11.68 -16.04
N PHE F 92 -25.23 -10.72 -15.13
CA PHE F 92 -25.01 -9.34 -15.58
C PHE F 92 -23.59 -9.13 -16.07
N ARG F 93 -22.60 -9.79 -15.46
CA ARG F 93 -21.22 -9.66 -15.92
C ARG F 93 -21.04 -10.30 -17.30
N LYS F 94 -21.71 -11.43 -17.54
CA LYS F 94 -21.55 -12.13 -18.81
C LYS F 94 -22.04 -11.29 -19.98
N VAL F 95 -23.09 -10.50 -19.78
CA VAL F 95 -23.60 -9.66 -20.85
C VAL F 95 -22.78 -8.38 -21.01
N GLY F 96 -21.97 -8.03 -20.02
CA GLY F 96 -21.10 -6.88 -20.15
C GLY F 96 -21.31 -5.80 -19.10
N ILE F 97 -22.19 -6.04 -18.14
CA ILE F 97 -22.51 -5.06 -17.11
C ILE F 97 -21.68 -5.35 -15.86
N ASN F 98 -21.03 -4.33 -15.33
CA ASN F 98 -20.24 -4.46 -14.11
C ASN F 98 -21.18 -4.36 -12.91
N SER F 99 -21.43 -5.49 -12.25
CA SER F 99 -22.37 -5.55 -11.14
C SER F 99 -21.74 -6.31 -9.97
N MET F 100 -22.19 -5.97 -8.77
CA MET F 100 -21.71 -6.59 -7.55
C MET F 100 -22.83 -6.58 -6.52
N PRO F 101 -23.16 -7.72 -5.91
CA PRO F 101 -24.20 -7.73 -4.88
C PRO F 101 -23.77 -6.93 -3.66
N LYS F 102 -24.76 -6.35 -2.98
CA LYS F 102 -24.48 -5.51 -1.83
C LYS F 102 -23.99 -6.35 -0.65
N GLU F 103 -23.08 -5.75 0.12
CA GLU F 103 -22.59 -6.40 1.34
C GLU F 103 -23.68 -6.43 2.39
N VAL F 104 -23.78 -7.55 3.10
CA VAL F 104 -24.77 -7.69 4.17
C VAL F 104 -24.22 -7.03 5.43
N SER F 105 -25.12 -6.42 6.20
CA SER F 105 -24.71 -5.79 7.45
C SER F 105 -24.66 -6.82 8.58
N VAL F 106 -23.80 -6.56 9.54
CA VAL F 106 -23.69 -7.45 10.72
C VAL F 106 -24.97 -7.35 11.53
N PRO F 107 -25.56 -8.47 11.93
CA PRO F 107 -26.80 -8.41 12.75
C PRO F 107 -26.55 -7.69 14.06
N GLU F 108 -27.57 -6.96 14.52
CA GLU F 108 -27.46 -6.14 15.72
C GLU F 108 -28.66 -6.36 16.63
N GLU F 109 -28.44 -6.19 17.93
CA GLU F 109 -29.47 -6.26 18.97
C GLU F 109 -30.09 -7.66 18.95
N ASP F 110 -31.38 -7.81 18.70
CA ASP F 110 -32.00 -9.13 18.73
C ASP F 110 -31.67 -9.99 17.53
N ALA F 111 -31.04 -9.42 16.50
CA ALA F 111 -30.80 -10.15 15.26
C ALA F 111 -29.68 -11.18 15.36
N ILE F 112 -28.84 -11.12 16.39
CA ILE F 112 -27.75 -12.09 16.54
C ILE F 112 -28.35 -13.45 16.85
N SER F 113 -28.28 -14.35 15.86
CA SER F 113 -28.59 -15.76 16.00
C SER F 113 -27.52 -16.52 15.23
N PRO F 114 -27.30 -17.80 15.55
CA PRO F 114 -26.26 -18.56 14.82
C PRO F 114 -26.46 -18.56 13.31
N GLU F 115 -27.70 -18.73 12.86
CA GLU F 115 -27.96 -18.78 11.43
C GLU F 115 -27.65 -17.45 10.75
N SER F 116 -28.06 -16.34 11.37
CA SER F 116 -27.82 -15.03 10.78
C SER F 116 -26.33 -14.71 10.71
N LEU F 117 -25.57 -15.19 11.70
CA LEU F 117 -24.12 -14.94 11.68
C LEU F 117 -23.42 -15.84 10.68
N ILE F 118 -23.91 -17.06 10.47
CA ILE F 118 -23.34 -17.92 9.43
C ILE F 118 -23.65 -17.37 8.05
N LEU F 119 -24.82 -16.74 7.89
CA LEU F 119 -25.19 -16.15 6.61
C LEU F 119 -24.22 -15.07 6.16
N VAL F 120 -23.68 -14.28 7.10
CA VAL F 120 -22.73 -13.24 6.72
C VAL F 120 -21.46 -13.85 6.12
N LEU F 121 -20.93 -14.88 6.75
CA LEU F 121 -19.76 -15.56 6.23
C LEU F 121 -20.07 -16.22 4.89
N ARG F 122 -21.25 -16.82 4.75
CA ARG F 122 -21.63 -17.45 3.49
C ARG F 122 -21.71 -16.42 2.36
N ASN F 123 -22.28 -15.25 2.64
CA ASN F 123 -22.33 -14.21 1.61
C ASN F 123 -20.94 -13.73 1.26
N MET F 124 -20.08 -13.54 2.25
CA MET F 124 -18.71 -13.12 1.98
C MET F 124 -17.99 -14.15 1.12
N ASN F 125 -18.29 -15.43 1.32
CA ASN F 125 -17.68 -16.46 0.50
C ASN F 125 -18.20 -16.44 -0.92
N ILE F 126 -19.52 -16.59 -1.09
CA ILE F 126 -20.09 -16.82 -2.41
C ILE F 126 -19.89 -15.60 -3.31
N THR F 127 -20.15 -14.41 -2.79
CA THR F 127 -20.12 -13.20 -3.59
C THR F 127 -18.73 -12.57 -3.69
N LYS F 128 -17.72 -13.15 -3.05
CA LYS F 128 -16.34 -12.67 -3.09
C LYS F 128 -16.26 -11.22 -2.64
N GLN F 129 -16.72 -10.97 -1.41
CA GLN F 129 -16.65 -9.63 -0.82
C GLN F 129 -16.09 -9.90 0.56
N ARG F 130 -14.80 -10.18 0.65
CA ARG F 130 -14.16 -10.56 1.89
C ARG F 130 -13.84 -9.30 2.65
N ASP F 131 -14.12 -9.32 3.95
CA ASP F 131 -13.90 -8.14 4.78
C ASP F 131 -13.39 -8.60 6.14
N GLU F 132 -12.16 -8.23 6.47
CA GLU F 132 -11.57 -8.69 7.73
C GLU F 132 -12.29 -8.09 8.93
N ARG F 133 -12.72 -6.82 8.83
CA ARG F 133 -13.35 -6.17 9.96
C ARG F 133 -14.67 -6.84 10.33
N LYS F 134 -15.50 -7.13 9.33
CA LYS F 134 -16.77 -7.79 9.61
C LYS F 134 -16.56 -9.23 10.06
N ILE F 135 -15.51 -9.89 9.58
CA ILE F 135 -15.18 -11.22 10.08
C ILE F 135 -14.85 -11.17 11.56
N ASN F 136 -14.03 -10.19 11.96
CA ASN F 136 -13.70 -10.05 13.38
C ASN F 136 -14.93 -9.73 14.21
N GLU F 137 -15.80 -8.84 13.72
CA GLU F 137 -17.01 -8.53 14.46
C GLU F 137 -17.92 -9.74 14.61
N VAL F 138 -18.05 -10.54 13.54
CA VAL F 138 -18.88 -11.73 13.60
C VAL F 138 -18.30 -12.74 14.59
N LEU F 139 -16.97 -12.87 14.60
CA LEU F 139 -16.34 -13.78 15.56
C LEU F 139 -16.56 -13.32 17.00
N LYS F 140 -16.44 -12.03 17.26
CA LYS F 140 -16.70 -11.51 18.60
C LYS F 140 -18.16 -11.68 19.00
N LEU F 141 -19.09 -11.57 18.05
CA LEU F 141 -20.50 -11.76 18.37
C LEU F 141 -20.82 -13.24 18.59
N MET F 142 -20.13 -14.13 17.88
CA MET F 142 -20.35 -15.56 17.96
C MET F 142 -19.65 -16.22 19.14
N PHE F 143 -18.66 -15.56 19.73
CA PHE F 143 -18.01 -16.12 20.91
C PHE F 143 -18.98 -16.40 22.05
N PRO F 144 -19.82 -15.45 22.50
CA PRO F 144 -20.68 -15.75 23.65
C PRO F 144 -21.75 -16.80 23.38
N ILE F 145 -22.27 -16.88 22.17
CA ILE F 145 -23.39 -17.77 21.87
C ILE F 145 -22.92 -19.06 21.18
N LEU F 146 -21.65 -19.43 21.35
CA LEU F 146 -21.12 -20.63 20.70
C LEU F 146 -21.81 -21.90 21.20
N ASP F 147 -22.48 -21.86 22.35
CA ASP F 147 -23.13 -23.04 22.89
C ASP F 147 -24.47 -23.36 22.23
N GLU F 148 -25.02 -22.44 21.45
CA GLU F 148 -26.30 -22.65 20.78
C GLU F 148 -26.15 -23.28 19.40
N PHE F 149 -24.93 -23.49 18.93
CA PHE F 149 -24.69 -24.01 17.59
C PHE F 149 -25.03 -25.50 17.53
N SER F 150 -25.73 -25.90 16.48
CA SER F 150 -25.95 -27.30 16.18
C SER F 150 -24.67 -27.93 15.63
N PRO F 151 -24.55 -29.25 15.68
CA PRO F 151 -23.32 -29.89 15.18
C PRO F 151 -23.01 -29.57 13.72
N THR F 152 -24.03 -29.40 12.88
CA THR F 152 -23.78 -29.09 11.48
C THR F 152 -23.32 -27.64 11.30
N GLN F 153 -23.87 -26.73 12.10
CA GLN F 153 -23.49 -25.32 11.99
C GLN F 153 -22.03 -25.11 12.40
N LEU F 154 -21.53 -25.89 13.34
CA LEU F 154 -20.11 -25.79 13.71
C LEU F 154 -19.21 -26.14 12.52
N SER F 155 -19.53 -27.23 11.82
CA SER F 155 -18.75 -27.60 10.65
C SER F 155 -18.90 -26.58 9.52
N LEU F 156 -20.10 -26.03 9.34
CA LEU F 156 -20.28 -24.97 8.35
C LEU F 156 -19.43 -23.76 8.68
N THR F 157 -19.38 -23.38 9.95
CA THR F 157 -18.54 -22.25 10.38
C THR F 157 -17.07 -22.55 10.14
N VAL F 158 -16.63 -23.77 10.46
CA VAL F 158 -15.23 -24.13 10.25
C VAL F 158 -14.88 -24.03 8.76
N THR F 159 -15.75 -24.54 7.90
CA THR F 159 -15.49 -24.46 6.46
C THR F 159 -15.46 -23.02 5.98
N GLU F 160 -16.43 -22.21 6.40
CA GLU F 160 -16.49 -20.82 5.94
C GLU F 160 -15.27 -20.03 6.41
N LEU F 161 -14.83 -20.26 7.65
CA LEU F 161 -13.64 -19.57 8.13
C LEU F 161 -12.38 -20.08 7.45
N ALA F 162 -12.34 -21.37 7.09
CA ALA F 162 -11.19 -21.90 6.37
C ALA F 162 -11.06 -21.28 4.98
N ARG F 163 -12.19 -21.12 4.28
CA ARG F 163 -12.13 -20.54 2.94
C ARG F 163 -11.70 -19.08 2.97
N LEU F 164 -12.17 -18.32 3.95
CA LEU F 164 -11.87 -16.89 4.04
C LEU F 164 -10.45 -16.59 4.49
N LYS F 165 -9.63 -17.61 4.71
CA LYS F 165 -8.23 -17.45 5.11
C LYS F 165 -8.11 -16.61 6.38
N SER F 166 -8.94 -16.95 7.36
CA SER F 166 -8.93 -16.24 8.63
C SER F 166 -7.69 -16.60 9.44
N THR F 167 -7.19 -15.61 10.18
CA THR F 167 -6.02 -15.79 11.03
C THR F 167 -6.37 -16.11 12.48
N ASN F 168 -7.66 -16.11 12.84
CA ASN F 168 -8.08 -16.39 14.21
C ASN F 168 -8.12 -17.90 14.43
N ALA F 169 -6.91 -18.46 14.59
CA ALA F 169 -6.79 -19.91 14.79
C ALA F 169 -7.33 -20.35 16.14
N ASP F 170 -7.41 -19.43 17.11
CA ASP F 170 -7.93 -19.78 18.42
C ASP F 170 -9.42 -20.13 18.34
N PHE F 171 -10.19 -19.32 17.62
CA PHE F 171 -11.62 -19.58 17.48
C PHE F 171 -11.85 -20.87 16.70
N VAL F 172 -11.05 -21.10 15.65
CA VAL F 172 -11.16 -22.34 14.88
C VAL F 172 -10.80 -23.54 15.74
N GLY F 173 -9.82 -23.38 16.63
CA GLY F 173 -9.50 -24.47 17.55
C GLY F 173 -10.63 -24.77 18.52
N LYS F 174 -11.27 -23.72 19.03
CA LYS F 174 -12.45 -23.93 19.88
C LYS F 174 -13.55 -24.66 19.13
N LEU F 175 -13.82 -24.24 17.89
CA LEU F 175 -14.83 -24.91 17.08
C LEU F 175 -14.46 -26.36 16.82
N ALA F 176 -13.17 -26.63 16.58
CA ALA F 176 -12.71 -28.00 16.35
C ALA F 176 -12.91 -28.86 17.60
N LYS F 177 -12.61 -28.31 18.77
CA LYS F 177 -12.84 -29.05 20.00
C LYS F 177 -14.31 -29.37 20.20
N ARG F 178 -15.18 -28.38 19.96
CA ARG F 178 -16.61 -28.62 20.10
C ARG F 178 -17.11 -29.64 19.10
N ILE F 179 -16.60 -29.60 17.86
CA ILE F 179 -16.99 -30.57 16.85
C ILE F 179 -16.54 -31.97 17.25
N MET F 180 -15.29 -32.09 17.69
CA MET F 180 -14.73 -33.38 18.06
C MET F 180 -15.36 -33.96 19.32
N GLU F 181 -15.98 -33.11 20.15
CA GLU F 181 -16.77 -33.63 21.27
C GLU F 181 -17.96 -34.45 20.78
N TYR F 182 -18.42 -34.21 19.56
CA TYR F 182 -19.60 -34.87 18.98
C TYR F 182 -19.22 -35.92 17.94
N ASN F 183 -18.18 -36.71 18.21
CA ASN F 183 -17.67 -37.65 17.22
C ASN F 183 -18.76 -38.63 16.78
N ASP F 184 -19.56 -39.12 17.72
CA ASP F 184 -20.58 -40.12 17.38
C ASP F 184 -21.61 -39.56 16.40
N ASP F 185 -22.01 -38.30 16.57
CA ASP F 185 -23.04 -37.73 15.70
C ASP F 185 -22.53 -37.57 14.27
N LEU F 186 -21.29 -37.11 14.10
CA LEU F 186 -20.80 -36.76 12.78
C LEU F 186 -20.64 -37.99 11.89
N SER F 187 -20.77 -37.77 10.59
CA SER F 187 -20.59 -38.81 9.58
C SER F 187 -19.18 -38.75 9.01
N ALA F 188 -18.88 -39.67 8.09
CA ALA F 188 -17.55 -39.71 7.48
C ALA F 188 -17.26 -38.46 6.66
N LEU F 189 -18.25 -37.99 5.89
CA LEU F 189 -18.04 -36.80 5.07
C LEU F 189 -17.76 -35.57 5.93
N ASP F 190 -18.52 -35.42 7.02
CA ASP F 190 -18.28 -34.30 7.93
C ASP F 190 -16.91 -34.40 8.59
N ILE F 191 -16.50 -35.61 8.96
CA ILE F 191 -15.19 -35.79 9.57
C ILE F 191 -14.09 -35.39 8.59
N SER F 192 -14.20 -35.84 7.34
CA SER F 192 -13.20 -35.51 6.34
C SER F 192 -13.16 -34.01 6.05
N SER F 193 -14.34 -33.39 5.95
CA SER F 193 -14.40 -31.96 5.70
C SER F 193 -13.78 -31.17 6.85
N ALA F 194 -14.08 -31.56 8.09
CA ALA F 194 -13.46 -30.90 9.23
C ALA F 194 -11.96 -31.10 9.24
N ALA F 195 -11.48 -32.30 8.90
CA ALA F 195 -10.04 -32.56 8.87
C ALA F 195 -9.35 -31.66 7.85
N VAL F 196 -9.89 -31.59 6.64
CA VAL F 196 -9.23 -30.78 5.61
C VAL F 196 -9.33 -29.29 5.94
N SER F 197 -10.47 -28.83 6.47
CA SER F 197 -10.59 -27.42 6.84
C SER F 197 -9.62 -27.05 7.96
N LEU F 198 -9.46 -27.93 8.95
CA LEU F 198 -8.48 -27.68 10.00
C LEU F 198 -7.07 -27.69 9.45
N ALA F 199 -6.77 -28.60 8.52
CA ALA F 199 -5.45 -28.65 7.92
C ALA F 199 -5.13 -27.39 7.14
N TYR F 200 -6.15 -26.76 6.54
CA TYR F 200 -5.91 -25.54 5.78
C TYR F 200 -5.60 -24.35 6.67
N CYS F 201 -6.16 -24.29 7.87
CA CYS F 201 -5.88 -23.18 8.77
C CYS F 201 -4.45 -23.25 9.27
N PRO F 202 -3.68 -22.15 9.21
CA PRO F 202 -2.25 -22.25 9.50
C PRO F 202 -1.92 -22.40 10.98
N GLY F 203 -2.60 -21.65 11.85
CA GLY F 203 -2.19 -21.53 13.24
C GLY F 203 -2.78 -22.51 14.22
N ILE F 204 -3.46 -23.56 13.75
CA ILE F 204 -4.10 -24.51 14.66
C ILE F 204 -3.03 -25.20 15.50
N SER F 205 -3.28 -25.35 16.80
CA SER F 205 -2.36 -26.05 17.67
C SER F 205 -2.27 -27.51 17.27
N HIS F 206 -1.06 -28.06 17.33
CA HIS F 206 -0.83 -29.41 16.84
C HIS F 206 -1.53 -30.47 17.67
N ASN F 207 -1.90 -30.17 18.92
CA ASN F 207 -2.64 -31.14 19.72
C ASN F 207 -4.01 -31.40 19.12
N ILE F 208 -4.71 -30.35 18.69
CA ILE F 208 -6.02 -30.52 18.07
C ILE F 208 -5.89 -31.30 16.76
N LEU F 209 -4.85 -31.00 15.98
CA LEU F 209 -4.62 -31.75 14.74
C LEU F 209 -4.34 -33.22 15.02
N TYR F 210 -3.55 -33.50 16.06
CA TYR F 210 -3.27 -34.89 16.43
C TYR F 210 -4.54 -35.62 16.83
N ARG F 211 -5.39 -34.97 17.63
CA ARG F 211 -6.63 -35.62 18.06
C ARG F 211 -7.59 -35.82 16.89
N MET F 212 -7.66 -34.84 15.98
CA MET F 212 -8.50 -34.99 14.80
C MET F 212 -8.00 -36.12 13.90
N MET F 213 -6.68 -36.22 13.73
CA MET F 213 -6.12 -37.31 12.94
C MET F 213 -6.32 -38.66 13.62
N GLN F 214 -6.30 -38.69 14.96
CA GLN F 214 -6.65 -39.91 15.68
C GLN F 214 -8.09 -40.31 15.42
N ILE F 215 -9.00 -39.33 15.39
CA ILE F 215 -10.39 -39.61 15.05
C ILE F 215 -10.49 -40.14 13.63
N VAL F 216 -9.76 -39.53 12.69
CA VAL F 216 -9.77 -39.96 11.30
C VAL F 216 -9.20 -41.37 11.17
N GLU F 217 -8.25 -41.74 12.03
CA GLU F 217 -7.63 -43.07 11.95
C GLU F 217 -8.68 -44.16 12.16
N GLU F 218 -9.56 -43.99 13.14
CA GLU F 218 -10.71 -44.86 13.25
C GLU F 218 -11.77 -44.41 12.23
N ARG F 219 -12.80 -45.25 12.05
CA ARG F 219 -13.78 -45.08 10.98
C ARG F 219 -13.09 -45.11 9.62
N MET F 220 -11.99 -45.86 9.52
CA MET F 220 -11.17 -45.83 8.31
C MET F 220 -11.87 -46.53 7.15
N GLY F 221 -12.55 -47.65 7.42
CA GLY F 221 -13.21 -48.39 6.36
C GLY F 221 -14.49 -47.74 5.87
N GLU F 222 -15.08 -46.83 6.65
CA GLU F 222 -16.29 -46.14 6.23
C GLU F 222 -16.02 -45.11 5.14
N PHE F 223 -14.76 -44.83 4.82
CA PHE F 223 -14.43 -43.75 3.91
C PHE F 223 -14.84 -44.07 2.49
N GLN F 224 -15.34 -43.06 1.80
CA GLN F 224 -15.66 -43.09 0.38
C GLN F 224 -14.55 -42.41 -0.41
N PRO F 225 -14.57 -42.51 -1.75
CA PRO F 225 -13.51 -41.85 -2.54
C PRO F 225 -13.35 -40.36 -2.24
N GLU F 226 -14.46 -39.64 -2.04
CA GLU F 226 -14.34 -38.23 -1.66
C GLU F 226 -13.70 -38.07 -0.29
N ASP F 227 -14.02 -38.97 0.64
CA ASP F 227 -13.36 -38.96 1.94
C ASP F 227 -11.87 -39.21 1.81
N TYR F 228 -11.49 -40.15 0.94
CA TYR F 228 -10.07 -40.41 0.67
C TYR F 228 -9.39 -39.17 0.11
N ILE F 229 -10.04 -38.49 -0.83
CA ILE F 229 -9.45 -37.29 -1.42
C ILE F 229 -9.28 -36.20 -0.38
N ASN F 230 -10.29 -35.99 0.47
CA ASN F 230 -10.20 -34.97 1.50
C ASN F 230 -9.09 -35.28 2.50
N VAL F 231 -9.00 -36.55 2.93
CA VAL F 231 -7.97 -36.93 3.89
C VAL F 231 -6.58 -36.79 3.28
N LEU F 232 -6.43 -37.16 2.00
CA LEU F 232 -5.15 -37.00 1.33
C LEU F 232 -4.77 -35.53 1.18
N HIS F 233 -5.73 -34.66 0.89
CA HIS F 233 -5.46 -33.23 0.83
C HIS F 233 -5.01 -32.70 2.19
N ALA F 234 -5.69 -33.13 3.26
CA ALA F 234 -5.30 -32.69 4.60
C ALA F 234 -3.90 -33.17 4.94
N LEU F 235 -3.58 -34.42 4.62
CA LEU F 235 -2.25 -34.96 4.91
C LEU F 235 -1.18 -34.25 4.09
N ASN F 236 -1.48 -33.93 2.84
CA ASN F 236 -0.53 -33.17 2.02
C ASN F 236 -0.27 -31.80 2.62
N THR F 237 -1.32 -31.12 3.09
CA THR F 237 -1.13 -29.80 3.69
C THR F 237 -0.37 -29.89 5.00
N LEU F 238 -0.62 -30.93 5.80
CA LEU F 238 -0.03 -31.00 7.14
C LEU F 238 1.47 -31.20 7.09
N GLY F 239 1.94 -32.17 6.30
CA GLY F 239 3.36 -32.42 6.18
C GLY F 239 3.78 -33.77 6.69
N PRO F 240 5.09 -34.00 6.79
CA PRO F 240 5.61 -35.32 7.17
C PRO F 240 5.35 -35.72 8.61
N LYS F 241 5.06 -34.76 9.50
CA LYS F 241 4.86 -35.10 10.91
C LYS F 241 3.70 -36.06 11.12
N PHE F 242 2.76 -36.12 10.19
CA PHE F 242 1.62 -37.02 10.28
C PHE F 242 1.78 -38.27 9.42
N VAL F 243 3.04 -38.63 9.12
CA VAL F 243 3.30 -39.76 8.22
C VAL F 243 2.66 -41.03 8.75
N ASN F 244 2.66 -41.23 10.08
CA ASN F 244 2.01 -42.40 10.66
C ASN F 244 0.56 -42.49 10.20
N THR F 245 -0.18 -41.39 10.27
CA THR F 245 -1.55 -41.39 9.79
C THR F 245 -1.61 -41.76 8.31
N PHE F 246 -0.71 -41.18 7.51
CA PHE F 246 -0.65 -41.56 6.10
C PHE F 246 -0.39 -43.05 5.93
N ARG F 247 0.39 -43.63 6.83
CA ARG F 247 0.58 -45.08 6.80
C ARG F 247 -0.75 -45.81 6.86
N LYS F 248 -1.60 -45.43 7.82
CA LYS F 248 -2.90 -46.08 7.94
C LYS F 248 -3.76 -45.82 6.71
N ILE F 249 -3.43 -44.79 5.93
CA ILE F 249 -4.11 -44.59 4.66
C ILE F 249 -3.67 -45.67 3.67
N VAL F 250 -2.36 -45.83 3.50
CA VAL F 250 -1.84 -46.64 2.41
C VAL F 250 -2.29 -48.09 2.56
N GLU F 251 -2.11 -48.67 3.74
CA GLU F 251 -2.58 -50.02 3.98
C GLU F 251 -4.09 -50.12 3.75
N CYS F 252 -4.84 -49.13 4.22
CA CYS F 252 -6.29 -49.16 4.01
C CYS F 252 -6.62 -49.09 2.53
N GLY F 253 -5.76 -48.44 1.74
CA GLY F 253 -5.97 -48.40 0.31
C GLY F 253 -5.34 -49.53 -0.45
N LEU F 254 -4.70 -50.48 0.23
CA LEU F 254 -4.03 -51.57 -0.47
C LEU F 254 -5.01 -52.59 -1.06
N GLN F 255 -6.20 -52.73 -0.45
CA GLN F 255 -7.18 -53.70 -0.92
C GLN F 255 -8.13 -53.12 -1.96
N HIS F 256 -8.06 -51.83 -2.24
CA HIS F 256 -8.95 -51.19 -3.22
C HIS F 256 -8.17 -50.50 -4.34
N VAL F 257 -6.86 -50.72 -4.42
CA VAL F 257 -6.04 -49.99 -5.38
C VAL F 257 -6.35 -50.41 -6.81
N GLU F 258 -6.71 -51.68 -7.03
CA GLU F 258 -6.91 -52.17 -8.39
C GLU F 258 -8.11 -51.52 -9.06
N ASN F 259 -9.10 -51.07 -8.28
CA ASN F 259 -10.24 -50.31 -8.81
C ASN F 259 -10.33 -49.02 -7.99
N MET F 260 -9.61 -47.99 -8.44
CA MET F 260 -9.60 -46.70 -7.77
C MET F 260 -9.59 -45.59 -8.80
N ASP F 261 -10.04 -44.41 -8.37
CA ASP F 261 -10.11 -43.27 -9.27
C ASP F 261 -8.71 -42.74 -9.58
N ALA F 262 -8.58 -42.15 -10.77
CA ALA F 262 -7.27 -41.64 -11.20
C ALA F 262 -6.82 -40.46 -10.34
N VAL F 263 -7.74 -39.54 -10.02
CA VAL F 263 -7.36 -38.39 -9.21
C VAL F 263 -6.98 -38.82 -7.80
N THR F 264 -7.65 -39.85 -7.27
CA THR F 264 -7.25 -40.38 -5.97
C THR F 264 -5.84 -40.93 -6.01
N LEU F 265 -5.48 -41.63 -7.08
CA LEU F 265 -4.12 -42.15 -7.21
C LEU F 265 -3.12 -41.01 -7.38
N THR F 266 -3.49 -39.93 -8.08
CA THR F 266 -2.60 -38.78 -8.18
C THR F 266 -2.36 -38.16 -6.82
N ASN F 267 -3.42 -38.01 -6.02
CA ASN F 267 -3.25 -37.52 -4.66
C ASN F 267 -2.39 -38.46 -3.82
N TYR F 268 -2.54 -39.78 -4.03
CA TYR F 268 -1.69 -40.74 -3.35
C TYR F 268 -0.22 -40.53 -3.70
N MET F 269 0.08 -40.35 -5.00
CA MET F 269 1.46 -40.14 -5.42
C MET F 269 2.01 -38.84 -4.86
N VAL F 270 1.20 -37.79 -4.83
CA VAL F 270 1.64 -36.52 -4.26
C VAL F 270 1.95 -36.68 -2.77
N CYS F 271 1.10 -37.42 -2.05
CA CYS F 271 1.36 -37.67 -0.64
C CYS F 271 2.63 -38.50 -0.45
N PHE F 272 2.85 -39.50 -1.31
CA PHE F 272 4.07 -40.29 -1.24
C PHE F 272 5.29 -39.41 -1.42
N SER F 273 5.24 -38.49 -2.39
CA SER F 273 6.36 -37.58 -2.60
C SER F 273 6.56 -36.65 -1.41
N THR F 274 5.47 -36.15 -0.83
CA THR F 274 5.58 -35.18 0.25
C THR F 274 6.14 -35.81 1.53
N MET F 275 5.58 -36.96 1.94
CA MET F 275 6.00 -37.59 3.18
C MET F 275 7.37 -38.26 3.09
N ASP F 276 7.95 -38.38 1.90
CA ASP F 276 9.20 -39.12 1.68
C ASP F 276 9.05 -40.55 2.21
N TYR F 277 8.08 -41.25 1.64
CA TYR F 277 7.75 -42.60 2.08
C TYR F 277 8.92 -43.54 1.84
N LYS F 278 9.09 -44.50 2.76
CA LYS F 278 10.22 -45.42 2.71
C LYS F 278 9.88 -46.79 2.17
N GLN F 279 8.66 -47.28 2.40
CA GLN F 279 8.25 -48.60 1.91
C GLN F 279 8.04 -48.51 0.41
N ARG F 280 9.00 -49.06 -0.35
CA ARG F 280 8.98 -48.93 -1.81
C ARG F 280 7.93 -49.82 -2.46
N GLU F 281 7.57 -50.94 -1.84
CA GLU F 281 6.62 -51.87 -2.45
C GLU F 281 5.27 -51.21 -2.69
N HIS F 282 4.76 -50.50 -1.68
CA HIS F 282 3.48 -49.80 -1.83
C HIS F 282 3.56 -48.70 -2.86
N ILE F 283 4.67 -47.96 -2.90
CA ILE F 283 4.84 -46.91 -3.90
C ILE F 283 4.81 -47.49 -5.30
N ASP F 284 5.52 -48.60 -5.51
CA ASP F 284 5.53 -49.25 -6.82
C ASP F 284 4.13 -49.74 -7.19
N ILE F 285 3.41 -50.33 -6.23
CA ILE F 285 2.06 -50.82 -6.50
C ILE F 285 1.16 -49.66 -6.93
N TYR F 286 1.21 -48.56 -6.18
CA TYR F 286 0.35 -47.43 -6.49
C TYR F 286 0.70 -46.79 -7.83
N ALA F 287 2.00 -46.67 -8.13
CA ALA F 287 2.40 -46.10 -9.42
C ALA F 287 1.98 -46.99 -10.59
N ASP F 288 2.15 -48.31 -10.43
CA ASP F 288 1.75 -49.24 -11.48
C ASP F 288 0.25 -49.22 -11.69
N ALA F 289 -0.53 -49.05 -10.63
CA ALA F 289 -1.97 -48.92 -10.79
C ALA F 289 -2.35 -47.58 -11.39
N LEU F 290 -1.59 -46.52 -11.09
CA LEU F 290 -1.89 -45.20 -11.62
C LEU F 290 -1.68 -45.16 -13.12
N VAL F 291 -0.54 -45.66 -13.60
CA VAL F 291 -0.22 -45.54 -15.01
C VAL F 291 -1.17 -46.32 -15.90
N GLU F 292 -1.97 -47.22 -15.32
CA GLU F 292 -3.00 -47.91 -16.11
C GLU F 292 -4.11 -46.94 -16.51
N VAL F 293 -4.48 -46.01 -15.63
CA VAL F 293 -5.61 -45.12 -15.88
C VAL F 293 -5.12 -43.68 -15.98
N ALA F 294 -3.82 -43.50 -16.18
CA ALA F 294 -3.26 -42.15 -16.31
C ALA F 294 -3.85 -41.37 -17.48
N THR F 295 -4.48 -42.06 -18.45
CA THR F 295 -5.08 -41.36 -19.58
C THR F 295 -6.32 -40.57 -19.20
N ASP F 296 -6.89 -40.80 -18.01
CA ASP F 296 -8.12 -40.14 -17.60
C ASP F 296 -7.87 -38.85 -16.82
N LEU F 297 -6.62 -38.42 -16.69
CA LEU F 297 -6.28 -37.28 -15.86
C LEU F 297 -6.38 -35.98 -16.65
N SER F 298 -6.73 -34.91 -15.93
CA SER F 298 -6.74 -33.57 -16.50
C SER F 298 -5.32 -33.04 -16.64
N GLU F 299 -5.20 -31.79 -17.10
CA GLU F 299 -3.87 -31.22 -17.31
C GLU F 299 -3.13 -31.05 -15.98
N LYS F 300 -3.77 -30.42 -15.00
CA LYS F 300 -3.12 -30.17 -13.71
C LYS F 300 -2.78 -31.47 -12.99
N ASP F 301 -3.74 -32.40 -12.95
CA ASP F 301 -3.49 -33.67 -12.27
C ASP F 301 -2.38 -34.45 -12.95
N LEU F 302 -2.35 -34.46 -14.29
CA LEU F 302 -1.28 -35.13 -15.01
C LEU F 302 0.07 -34.49 -14.72
N VAL F 303 0.12 -33.16 -14.65
CA VAL F 303 1.38 -32.48 -14.36
C VAL F 303 1.86 -32.85 -12.96
N MET F 304 0.96 -32.83 -11.98
CA MET F 304 1.37 -33.16 -10.61
C MET F 304 1.80 -34.62 -10.50
N ALA F 305 1.11 -35.53 -11.19
CA ALA F 305 1.54 -36.93 -11.19
C ALA F 305 2.89 -37.11 -11.84
N PHE F 306 3.15 -36.37 -12.93
CA PHE F 306 4.44 -36.45 -13.61
C PHE F 306 5.56 -35.93 -12.72
N ILE F 307 5.32 -34.86 -11.96
CA ILE F 307 6.33 -34.37 -11.03
C ILE F 307 6.55 -35.36 -9.90
N ALA F 308 5.45 -35.92 -9.36
CA ALA F 308 5.57 -36.84 -8.23
C ALA F 308 6.32 -38.11 -8.62
N LEU F 309 6.07 -38.62 -9.83
CA LEU F 309 6.79 -39.81 -10.27
C LEU F 309 8.28 -39.54 -10.44
N GLN F 310 8.63 -38.33 -10.89
CA GLN F 310 10.04 -37.97 -11.00
C GLN F 310 10.70 -37.84 -9.63
N ARG F 311 10.00 -37.24 -8.66
CA ARG F 311 10.60 -37.02 -7.36
C ARG F 311 10.80 -38.30 -6.56
N LEU F 312 10.13 -39.39 -6.95
CA LEU F 312 10.26 -40.67 -6.26
C LEU F 312 11.20 -41.63 -6.98
N ARG F 313 11.89 -41.18 -8.02
CA ARG F 313 12.81 -42.01 -8.80
C ARG F 313 12.11 -43.27 -9.32
N LEU F 314 11.05 -43.03 -10.10
CA LEU F 314 10.22 -44.11 -10.63
C LEU F 314 9.94 -43.97 -12.12
N LEU F 315 10.69 -43.13 -12.83
CA LEU F 315 10.45 -42.88 -14.25
C LEU F 315 11.35 -43.81 -15.07
N SER F 316 10.87 -45.02 -15.28
CA SER F 316 11.55 -45.99 -16.14
C SER F 316 11.23 -45.68 -17.60
N ASP F 317 11.70 -46.53 -18.52
CA ASP F 317 11.45 -46.30 -19.94
C ASP F 317 9.97 -46.37 -20.27
N THR F 318 9.31 -47.46 -19.86
CA THR F 318 7.88 -47.59 -20.12
C THR F 318 7.09 -46.54 -19.37
N MET F 319 7.49 -46.24 -18.13
CA MET F 319 6.80 -45.23 -17.33
C MET F 319 6.81 -43.88 -18.03
N PHE F 320 8.01 -43.42 -18.41
CA PHE F 320 8.15 -42.12 -19.05
C PHE F 320 7.47 -42.09 -20.41
N GLY F 321 7.61 -43.16 -21.19
CA GLY F 321 6.95 -43.20 -22.49
C GLY F 321 5.44 -43.12 -22.38
N THR F 322 4.86 -43.91 -21.47
CA THR F 322 3.42 -43.90 -21.29
C THR F 322 2.92 -42.55 -20.81
N MET F 323 3.62 -41.91 -19.87
CA MET F 323 3.14 -40.62 -19.38
C MET F 323 3.37 -39.49 -20.36
N ALA F 324 4.46 -39.54 -21.14
CA ALA F 324 4.68 -38.53 -22.16
C ALA F 324 3.68 -38.64 -23.30
N SER F 325 3.28 -39.87 -23.65
CA SER F 325 2.24 -40.02 -24.66
C SER F 325 0.94 -39.36 -24.22
N CYS F 326 0.64 -39.41 -22.91
CA CYS F 326 -0.54 -38.73 -22.39
C CYS F 326 -0.38 -37.23 -22.31
N VAL F 327 0.82 -36.74 -21.96
CA VAL F 327 1.02 -35.30 -21.82
C VAL F 327 1.14 -34.60 -23.18
N ILE F 328 1.48 -35.32 -24.25
CA ILE F 328 1.55 -34.71 -25.57
C ILE F 328 0.17 -34.19 -25.99
N ARG F 329 -0.90 -34.85 -25.55
CA ARG F 329 -2.25 -34.41 -25.91
C ARG F 329 -2.52 -32.99 -25.41
N TYR F 330 -2.14 -32.69 -24.17
CA TYR F 330 -2.33 -31.36 -23.61
C TYR F 330 -1.21 -30.40 -23.96
N ALA F 331 -0.09 -30.90 -24.48
CA ALA F 331 1.02 -30.01 -24.82
C ALA F 331 0.66 -28.98 -25.89
N ALA F 332 -0.36 -29.24 -26.71
CA ALA F 332 -0.72 -28.32 -27.77
C ALA F 332 -1.21 -26.98 -27.21
N LYS F 333 -2.08 -27.01 -26.21
CA LYS F 333 -2.64 -25.81 -25.59
C LYS F 333 -2.31 -25.78 -24.11
N MET F 334 -1.05 -26.07 -23.77
CA MET F 334 -0.63 -26.17 -22.39
C MET F 334 -0.66 -24.81 -21.70
N ASP F 335 -0.98 -24.84 -20.41
CA ASP F 335 -0.94 -23.62 -19.61
C ASP F 335 0.50 -23.12 -19.50
N PRO F 336 0.72 -21.81 -19.47
CA PRO F 336 2.09 -21.31 -19.27
C PRO F 336 2.74 -21.81 -17.99
N ARG F 337 1.96 -22.06 -16.95
CA ARG F 337 2.50 -22.55 -15.69
C ARG F 337 2.94 -24.00 -15.76
N ASN F 338 2.58 -24.72 -16.82
CA ASN F 338 2.92 -26.14 -16.94
C ASN F 338 4.04 -26.42 -17.93
N ILE F 339 4.48 -25.43 -18.70
CA ILE F 339 5.55 -25.68 -19.67
C ILE F 339 6.86 -25.98 -18.96
N ALA F 340 7.23 -25.15 -17.98
CA ALA F 340 8.51 -25.33 -17.28
C ALA F 340 8.63 -26.65 -16.54
N PRO F 341 7.61 -27.11 -15.77
CA PRO F 341 7.75 -28.39 -15.05
C PRO F 341 8.09 -29.57 -15.96
N ILE F 342 7.28 -29.80 -16.99
CA ILE F 342 7.52 -30.94 -17.87
C ILE F 342 8.86 -30.79 -18.61
N MET F 343 9.29 -29.55 -18.86
CA MET F 343 10.64 -29.35 -19.36
C MET F 343 11.69 -29.82 -18.35
N ASP F 344 11.46 -29.57 -17.06
CA ASP F 344 12.39 -30.06 -16.04
C ASP F 344 12.40 -31.59 -15.98
N ILE F 345 11.22 -32.21 -16.03
CA ILE F 345 11.16 -33.67 -16.02
C ILE F 345 11.81 -34.26 -17.27
N CYS F 346 11.70 -33.57 -18.42
CA CYS F 346 12.30 -34.08 -19.65
C CYS F 346 13.81 -34.18 -19.52
N SER F 347 14.43 -33.22 -18.84
CA SER F 347 15.85 -33.33 -18.50
C SER F 347 16.02 -34.23 -17.28
N THR F 348 17.27 -34.43 -16.87
CA THR F 348 17.67 -35.25 -15.73
C THR F 348 17.23 -36.70 -15.86
N VAL F 349 16.78 -37.13 -17.03
CA VAL F 349 16.43 -38.53 -17.27
C VAL F 349 17.09 -39.00 -18.56
N PRO F 350 17.57 -40.25 -18.63
CA PRO F 350 18.20 -40.76 -19.84
C PRO F 350 17.21 -41.43 -20.80
N HIS F 351 16.19 -40.69 -21.20
CA HIS F 351 15.16 -41.22 -22.08
C HIS F 351 14.91 -40.24 -23.22
N ALA F 352 14.44 -40.79 -24.34
CA ALA F 352 14.20 -40.00 -25.54
C ALA F 352 12.90 -39.22 -25.41
N SER F 353 12.99 -37.90 -25.51
CA SER F 353 11.83 -37.02 -25.41
C SER F 353 11.91 -35.90 -26.44
N ASP F 354 12.30 -36.25 -27.67
CA ASP F 354 12.46 -35.23 -28.71
C ASP F 354 11.12 -34.65 -29.14
N HIS F 355 10.14 -35.51 -29.38
CA HIS F 355 8.83 -35.05 -29.85
C HIS F 355 8.11 -34.22 -28.81
N LEU F 356 8.21 -34.60 -27.53
CA LEU F 356 7.61 -33.81 -26.47
C LEU F 356 8.25 -32.42 -26.39
N MET F 357 9.58 -32.36 -26.43
CA MET F 357 10.27 -31.09 -26.31
C MET F 357 10.03 -30.20 -27.51
N LYS F 358 9.86 -30.77 -28.70
CA LYS F 358 9.56 -29.94 -29.87
C LYS F 358 8.26 -29.18 -29.70
N VAL F 359 7.18 -29.89 -29.35
CA VAL F 359 5.88 -29.23 -29.19
C VAL F 359 5.89 -28.32 -27.97
N LEU F 360 6.63 -28.68 -26.91
CA LEU F 360 6.72 -27.80 -25.75
C LEU F 360 7.42 -26.50 -26.11
N MET F 361 8.51 -26.57 -26.89
CA MET F 361 9.21 -25.37 -27.31
C MET F 361 8.33 -24.52 -28.22
N ASP F 362 7.57 -25.16 -29.11
CA ASP F 362 6.65 -24.41 -29.97
C ASP F 362 5.59 -23.70 -29.14
N ARG F 363 5.03 -24.39 -28.14
CA ARG F 363 4.03 -23.77 -27.29
C ARG F 363 4.63 -22.60 -26.50
N ALA F 364 5.86 -22.76 -26.01
CA ALA F 364 6.53 -21.66 -25.33
C ALA F 364 6.76 -20.48 -26.26
N VAL F 365 7.06 -20.75 -27.53
CA VAL F 365 7.20 -19.69 -28.52
C VAL F 365 5.87 -18.95 -28.69
N GLU F 366 4.76 -19.70 -28.74
CA GLU F 366 3.47 -19.09 -29.01
C GLU F 366 3.09 -18.06 -27.94
N CYS F 367 3.34 -18.38 -26.66
CA CYS F 367 2.93 -17.54 -25.55
C CYS F 367 4.10 -16.76 -24.95
N THR F 368 5.02 -16.28 -25.79
CA THR F 368 6.20 -15.57 -25.28
C THR F 368 5.87 -14.19 -24.73
N ARG F 369 4.73 -13.60 -25.10
CA ARG F 369 4.38 -12.25 -24.68
C ARG F 369 3.56 -12.22 -23.40
N ILE F 370 3.15 -13.38 -22.86
CA ILE F 370 2.39 -13.44 -21.63
C ILE F 370 3.16 -14.09 -20.49
N LEU F 371 4.29 -14.74 -20.78
CA LEU F 371 5.09 -15.36 -19.73
C LEU F 371 5.63 -14.30 -18.78
N THR F 372 5.56 -14.58 -17.49
CA THR F 372 6.14 -13.69 -16.49
C THR F 372 7.67 -13.77 -16.56
N ALA F 373 8.32 -12.89 -15.78
CA ALA F 373 9.78 -12.89 -15.75
C ALA F 373 10.32 -14.19 -15.19
N ASN F 374 9.72 -14.70 -14.11
CA ASN F 374 10.20 -15.94 -13.51
C ASN F 374 10.02 -17.13 -14.44
N GLN F 375 8.85 -17.23 -15.09
CA GLN F 375 8.61 -18.35 -16.00
C GLN F 375 9.53 -18.30 -17.21
N LEU F 376 9.75 -17.10 -17.77
CA LEU F 376 10.66 -16.96 -18.90
C LEU F 376 12.08 -17.33 -18.50
N GLY F 377 12.54 -16.86 -17.34
CA GLY F 377 13.86 -17.22 -16.86
C GLY F 377 14.00 -18.71 -16.63
N ASP F 378 12.96 -19.34 -16.05
CA ASP F 378 13.01 -20.78 -15.84
C ASP F 378 13.10 -21.54 -17.16
N ILE F 379 12.26 -21.18 -18.13
CA ILE F 379 12.26 -21.86 -19.41
C ILE F 379 13.62 -21.71 -20.09
N LEU F 380 14.19 -20.50 -20.05
CA LEU F 380 15.51 -20.30 -20.63
C LEU F 380 16.56 -21.12 -19.88
N ASP F 381 16.44 -21.25 -18.56
CA ASP F 381 17.41 -22.01 -17.79
C ASP F 381 17.38 -23.49 -18.18
N ILE F 382 16.18 -24.07 -18.32
CA ILE F 382 16.11 -25.46 -18.76
C ILE F 382 16.60 -25.62 -20.19
N LEU F 383 16.28 -24.66 -21.06
CA LEU F 383 16.69 -24.77 -22.46
C LEU F 383 18.12 -24.34 -22.72
N GLY F 384 18.85 -23.90 -21.70
CA GLY F 384 20.21 -23.40 -21.92
C GLY F 384 21.13 -24.45 -22.52
N LEU F 385 21.12 -25.65 -21.96
CA LEU F 385 22.03 -26.71 -22.37
C LEU F 385 21.41 -27.70 -23.35
N TYR F 386 20.20 -27.42 -23.85
CA TYR F 386 19.56 -28.31 -24.79
C TYR F 386 20.14 -28.09 -26.17
N PRO F 387 20.73 -29.10 -26.81
CA PRO F 387 21.34 -28.91 -28.14
C PRO F 387 20.33 -28.46 -29.19
N PRO F 388 19.16 -29.11 -29.33
CA PRO F 388 18.25 -28.69 -30.41
C PRO F 388 17.57 -27.35 -30.16
N ALA F 389 17.81 -26.68 -29.04
CA ALA F 389 17.18 -25.41 -28.78
C ALA F 389 17.94 -24.23 -29.35
N ARG F 390 19.20 -24.41 -29.74
CA ARG F 390 19.98 -23.31 -30.30
C ARG F 390 19.46 -22.91 -31.68
N GLU F 391 19.16 -23.89 -32.53
CA GLU F 391 18.65 -23.63 -33.88
C GLU F 391 17.13 -23.46 -33.88
N HIS F 392 16.65 -22.51 -33.09
CA HIS F 392 15.23 -22.23 -32.93
C HIS F 392 15.00 -20.74 -32.90
N PRO F 393 13.84 -20.26 -33.37
CA PRO F 393 13.52 -18.84 -33.20
C PRO F 393 13.33 -18.45 -31.74
N LEU F 394 13.16 -19.42 -30.86
CA LEU F 394 12.86 -19.13 -29.46
C LEU F 394 14.00 -18.38 -28.79
N VAL F 395 15.25 -18.67 -29.17
CA VAL F 395 16.37 -18.00 -28.52
C VAL F 395 16.33 -16.50 -28.80
N GLN F 396 16.09 -16.11 -30.05
CA GLN F 396 16.04 -14.68 -30.38
C GLN F 396 14.78 -14.03 -29.79
N LEU F 397 13.64 -14.69 -29.91
CA LEU F 397 12.41 -14.11 -29.37
C LEU F 397 12.51 -13.92 -27.86
N PHE F 398 13.06 -14.91 -27.17
CA PHE F 398 13.22 -14.82 -25.72
C PHE F 398 14.30 -13.82 -25.34
N GLY F 399 15.32 -13.63 -26.19
CA GLY F 399 16.27 -12.57 -25.93
C GLY F 399 15.64 -11.20 -25.97
N LYS F 400 14.82 -10.93 -26.98
CA LYS F 400 14.11 -9.66 -27.03
C LYS F 400 13.15 -9.52 -25.84
N GLN F 401 12.42 -10.59 -25.51
CA GLN F 401 11.49 -10.52 -24.40
C GLN F 401 12.22 -10.28 -23.07
N ALA F 402 13.38 -10.91 -22.88
CA ALA F 402 14.14 -10.72 -21.66
C ALA F 402 14.72 -9.32 -21.59
N ARG F 403 15.17 -8.77 -22.72
CA ARG F 403 15.62 -7.39 -22.72
C ARG F 403 14.48 -6.45 -22.34
N LEU F 404 13.26 -6.75 -22.80
CA LEU F 404 12.10 -5.97 -22.39
C LEU F 404 11.82 -6.12 -20.90
N ARG F 405 11.92 -7.33 -20.37
CA ARG F 405 11.47 -7.66 -19.03
C ARG F 405 12.57 -7.56 -17.98
N LEU F 406 13.77 -7.09 -18.34
CA LEU F 406 14.85 -6.96 -17.36
C LEU F 406 14.44 -6.07 -16.19
N ASP F 407 13.53 -5.12 -16.41
CA ASP F 407 13.10 -4.25 -15.33
C ASP F 407 12.29 -4.98 -14.26
N LEU F 408 11.63 -6.08 -14.62
CA LEU F 408 10.76 -6.82 -13.71
C LEU F 408 11.42 -8.08 -13.17
N MET F 409 12.72 -8.24 -13.36
CA MET F 409 13.41 -9.48 -13.02
C MET F 409 14.17 -9.32 -11.71
N GLY F 410 13.94 -10.25 -10.79
CA GLY F 410 14.74 -10.32 -9.57
C GLY F 410 16.08 -10.96 -9.82
N PRO F 411 16.88 -11.06 -8.75
CA PRO F 411 18.21 -11.67 -8.90
C PRO F 411 18.16 -13.10 -9.40
N ASP F 412 17.19 -13.89 -8.95
CA ASP F 412 17.08 -15.28 -9.41
C ASP F 412 16.66 -15.33 -10.88
N ALA F 413 15.68 -14.50 -11.26
CA ALA F 413 15.27 -14.44 -12.66
C ALA F 413 16.39 -13.93 -13.54
N LEU F 414 17.12 -12.91 -13.07
CA LEU F 414 18.29 -12.43 -13.81
C LEU F 414 19.29 -13.54 -14.05
N ALA F 415 19.65 -14.28 -12.98
CA ALA F 415 20.63 -15.35 -13.12
C ALA F 415 20.14 -16.42 -14.08
N ASN F 416 18.89 -16.85 -13.93
CA ASN F 416 18.36 -17.91 -14.78
C ASN F 416 18.33 -17.49 -16.24
N ALA F 417 17.79 -16.30 -16.53
CA ALA F 417 17.68 -15.86 -17.92
C ALA F 417 19.06 -15.65 -18.54
N THR F 418 19.98 -15.01 -17.81
CA THR F 418 21.30 -14.75 -18.37
C THR F 418 22.06 -16.05 -18.61
N ARG F 419 21.99 -16.99 -17.66
CA ARG F 419 22.66 -18.28 -17.86
C ARG F 419 22.07 -19.04 -19.03
N GLY F 420 20.74 -19.04 -19.16
CA GLY F 420 20.12 -19.75 -20.27
C GLY F 420 20.47 -19.13 -21.62
N LEU F 421 20.50 -17.81 -21.69
CA LEU F 421 20.85 -17.15 -22.95
C LEU F 421 22.33 -17.33 -23.30
N ALA F 422 23.20 -17.29 -22.29
CA ALA F 422 24.62 -17.50 -22.54
C ALA F 422 24.90 -18.93 -22.98
N ASN F 423 24.23 -19.90 -22.37
CA ASN F 423 24.44 -21.29 -22.74
C ASN F 423 23.93 -21.59 -24.15
N LEU F 424 22.96 -20.82 -24.62
CA LEU F 424 22.37 -21.04 -25.95
C LEU F 424 23.15 -20.35 -27.06
N GLY F 425 24.23 -19.64 -26.75
CA GLY F 425 25.00 -18.94 -27.76
C GLY F 425 24.39 -17.63 -28.22
N TYR F 426 23.37 -17.13 -27.55
CA TYR F 426 22.75 -15.87 -27.93
C TYR F 426 23.74 -14.73 -27.73
N ALA F 427 24.03 -14.00 -28.81
CA ALA F 427 25.02 -12.93 -28.80
C ALA F 427 24.31 -11.59 -28.93
N ASP F 428 24.37 -10.79 -27.88
CA ASP F 428 23.80 -9.45 -27.87
C ASP F 428 24.48 -8.61 -26.80
N PRO F 429 25.51 -7.83 -27.15
CA PRO F 429 26.25 -7.09 -26.13
C PRO F 429 25.39 -6.13 -25.31
N GLU F 430 24.41 -5.48 -25.94
CA GLU F 430 23.58 -4.52 -25.23
C GLU F 430 22.77 -5.19 -24.13
N TYR F 431 22.21 -6.38 -24.41
CA TYR F 431 21.43 -7.08 -23.40
C TYR F 431 22.30 -7.49 -22.21
N TYR F 432 23.51 -7.99 -22.48
CA TYR F 432 24.37 -8.42 -21.39
C TYR F 432 24.84 -7.23 -20.56
N ALA F 433 25.14 -6.11 -21.22
CA ALA F 433 25.50 -4.91 -20.47
C ALA F 433 24.34 -4.41 -19.61
N GLN F 434 23.13 -4.44 -20.16
CA GLN F 434 21.96 -4.03 -19.39
C GLN F 434 21.71 -4.97 -18.22
N ALA F 435 21.94 -6.27 -18.42
CA ALA F 435 21.77 -7.23 -17.33
C ALA F 435 22.79 -6.99 -16.23
N ALA F 436 24.05 -6.71 -16.61
CA ALA F 436 25.06 -6.38 -15.61
C ALA F 436 24.69 -5.12 -14.84
N GLU F 437 24.20 -4.09 -15.54
CA GLU F 437 23.82 -2.86 -14.86
C GLU F 437 22.64 -3.10 -13.92
N THR F 438 21.66 -3.91 -14.36
CA THR F 438 20.52 -4.23 -13.51
C THR F 438 20.94 -5.00 -12.27
N GLY F 439 21.86 -5.96 -12.44
CA GLY F 439 22.37 -6.70 -11.30
C GLY F 439 23.27 -5.90 -10.39
N PHE F 440 23.82 -4.79 -10.87
CA PHE F 440 24.56 -3.88 -10.01
C PHE F 440 23.65 -3.09 -9.07
N ARG F 441 22.36 -3.01 -9.37
CA ARG F 441 21.44 -2.26 -8.50
C ARG F 441 21.26 -2.94 -7.16
N TYR F 442 21.10 -4.27 -7.17
CA TYR F 442 21.09 -5.07 -5.95
C TYR F 442 22.20 -6.10 -6.03
N GLY F 443 23.14 -6.04 -5.09
CA GLY F 443 24.35 -6.82 -5.21
C GLY F 443 24.08 -8.33 -5.24
N PHE F 444 25.02 -9.03 -5.88
CA PHE F 444 24.92 -10.47 -6.04
C PHE F 444 25.26 -11.16 -4.72
N LYS F 445 24.27 -11.84 -4.14
CA LYS F 445 24.51 -12.53 -2.88
C LYS F 445 25.47 -13.71 -3.05
N ASP F 446 25.37 -14.42 -4.16
CA ASP F 446 26.07 -15.67 -4.36
C ASP F 446 26.91 -15.64 -5.62
N TRP F 447 27.85 -16.58 -5.71
CA TRP F 447 28.61 -16.80 -6.93
C TRP F 447 27.74 -17.37 -8.04
N THR F 448 26.72 -18.17 -7.69
CA THR F 448 25.83 -18.71 -8.71
C THR F 448 24.98 -17.62 -9.36
N LEU F 449 24.66 -16.56 -8.62
CA LEU F 449 23.94 -15.43 -9.20
C LEU F 449 24.85 -14.55 -10.04
N LEU F 450 26.11 -14.37 -9.61
CA LEU F 450 27.03 -13.48 -10.29
C LEU F 450 27.59 -14.09 -11.57
N GLU F 451 27.79 -15.42 -11.58
CA GLU F 451 28.45 -16.05 -12.72
C GLU F 451 27.77 -15.78 -14.07
N PRO F 452 26.43 -15.87 -14.20
CA PRO F 452 25.83 -15.66 -15.53
C PRO F 452 26.16 -14.31 -16.15
N MET F 453 26.32 -13.26 -15.34
CA MET F 453 26.75 -11.98 -15.89
C MET F 453 28.13 -12.11 -16.53
N LEU F 454 29.05 -12.81 -15.87
CA LEU F 454 30.38 -13.00 -16.43
C LEU F 454 30.33 -13.85 -17.71
N MET F 455 29.52 -14.91 -17.71
CA MET F 455 29.41 -15.74 -18.92
C MET F 455 28.84 -14.94 -20.08
N GLY F 456 27.83 -14.10 -19.81
CA GLY F 456 27.27 -13.27 -20.87
C GLY F 456 28.24 -12.23 -21.38
N LEU F 457 28.98 -11.58 -20.47
CA LEU F 457 29.90 -10.53 -20.88
C LEU F 457 31.16 -11.08 -21.54
N SER F 458 31.52 -12.34 -21.28
CA SER F 458 32.71 -12.92 -21.89
C SER F 458 32.46 -13.35 -23.34
N ILE F 459 31.21 -13.38 -23.79
CA ILE F 459 30.94 -13.75 -25.18
C ILE F 459 31.50 -12.70 -26.13
N THR F 460 31.21 -11.43 -25.86
CA THR F 460 31.73 -10.36 -26.70
C THR F 460 33.20 -10.09 -26.43
N GLY F 461 33.65 -10.28 -25.19
CA GLY F 461 35.04 -10.08 -24.83
C GLY F 461 35.44 -8.65 -24.54
N GLN F 462 34.48 -7.73 -24.44
CA GLN F 462 34.79 -6.34 -24.15
C GLN F 462 33.68 -5.73 -23.30
N CYS F 463 34.07 -4.83 -22.41
CA CYS F 463 33.15 -4.12 -21.54
C CYS F 463 33.84 -2.84 -21.07
N PRO F 464 33.06 -1.84 -20.65
CA PRO F 464 33.67 -0.61 -20.17
C PRO F 464 34.53 -0.87 -18.95
N PRO F 465 35.61 -0.11 -18.77
CA PRO F 465 36.48 -0.33 -17.60
C PRO F 465 35.75 -0.17 -16.28
N THR F 466 34.75 0.71 -16.21
CA THR F 466 33.96 0.83 -15.00
C THR F 466 33.24 -0.47 -14.68
N MET F 467 32.68 -1.12 -15.71
CA MET F 467 31.96 -2.38 -15.49
C MET F 467 32.88 -3.48 -14.98
N VAL F 468 34.06 -3.64 -15.59
CA VAL F 468 34.98 -4.68 -15.12
C VAL F 468 35.53 -4.32 -13.75
N ARG F 469 35.68 -3.03 -13.45
CA ARG F 469 36.14 -2.58 -12.14
C ARG F 469 35.13 -2.90 -11.05
N VAL F 470 33.84 -2.66 -11.31
CA VAL F 470 32.79 -3.04 -10.35
C VAL F 470 32.67 -4.55 -10.25
N LEU F 471 32.82 -5.26 -11.37
CA LEU F 471 32.75 -6.72 -11.33
C LEU F 471 33.87 -7.31 -10.50
N GLY F 472 35.09 -6.77 -10.63
CA GLY F 472 36.18 -7.20 -9.77
C GLY F 472 35.95 -6.86 -8.31
N SER F 473 35.37 -5.68 -8.04
CA SER F 473 35.04 -5.35 -6.66
C SER F 473 34.04 -6.34 -6.08
N HIS F 474 33.11 -6.85 -6.90
CA HIS F 474 32.20 -7.88 -6.44
C HIS F 474 32.88 -9.24 -6.28
N ILE F 475 33.80 -9.56 -7.20
CA ILE F 475 34.42 -10.89 -7.22
C ILE F 475 35.35 -11.08 -6.03
N ALA F 476 36.16 -10.06 -5.72
CA ALA F 476 37.26 -10.25 -4.76
C ALA F 476 36.79 -10.76 -3.40
N PRO F 477 35.73 -10.23 -2.78
CA PRO F 477 35.24 -10.84 -1.54
C PRO F 477 34.83 -12.29 -1.69
N MET F 478 34.24 -12.67 -2.83
CA MET F 478 33.70 -14.01 -3.02
C MET F 478 34.77 -15.07 -3.20
N ALA F 479 36.02 -14.69 -3.43
CA ALA F 479 37.07 -15.66 -3.72
C ALA F 479 37.53 -16.43 -2.50
N ARG F 480 37.06 -16.08 -1.30
CA ARG F 480 37.49 -16.74 -0.08
C ARG F 480 36.75 -18.05 0.19
N SER F 481 35.80 -18.43 -0.66
CA SER F 481 35.04 -19.66 -0.48
C SER F 481 34.93 -20.53 -1.73
N MET F 482 35.20 -19.98 -2.92
CA MET F 482 35.08 -20.76 -4.14
C MET F 482 36.17 -21.81 -4.23
N SER F 483 35.84 -22.96 -4.82
CA SER F 483 36.78 -24.06 -4.96
C SER F 483 37.68 -23.85 -6.17
N LEU F 484 38.54 -24.83 -6.44
CA LEU F 484 39.55 -24.69 -7.49
C LEU F 484 38.91 -24.54 -8.87
N MET F 485 37.86 -25.32 -9.14
CA MET F 485 37.19 -25.21 -10.44
C MET F 485 36.56 -23.82 -10.62
N GLU F 486 35.92 -23.32 -9.57
CA GLU F 486 35.37 -21.97 -9.62
C GLU F 486 36.47 -20.92 -9.75
N ILE F 487 37.62 -21.14 -9.12
CA ILE F 487 38.74 -20.23 -9.28
C ILE F 487 39.20 -20.19 -10.73
N GLU F 488 39.31 -21.36 -11.36
CA GLU F 488 39.74 -21.40 -12.75
C GLU F 488 38.73 -20.71 -13.66
N ARG F 489 37.44 -20.97 -13.44
CA ARG F 489 36.42 -20.32 -14.27
C ARG F 489 36.42 -18.81 -14.08
N ALA F 490 36.55 -18.36 -12.83
CA ALA F 490 36.59 -16.91 -12.56
C ALA F 490 37.82 -16.28 -13.19
N ASN F 491 38.97 -16.95 -13.13
CA ASN F 491 40.18 -16.43 -13.76
C ASN F 491 39.99 -16.34 -15.28
N ARG F 492 39.38 -17.36 -15.88
CA ARG F 492 39.11 -17.33 -17.31
C ARG F 492 38.23 -16.13 -17.68
N TYR F 493 37.13 -15.95 -16.95
CA TYR F 493 36.24 -14.82 -17.25
C TYR F 493 36.93 -13.48 -17.01
N LEU F 494 37.73 -13.37 -15.95
CA LEU F 494 38.41 -12.11 -15.65
C LEU F 494 39.43 -11.77 -16.74
N ARG F 495 40.19 -12.76 -17.21
CA ARG F 495 41.14 -12.50 -18.28
C ARG F 495 40.42 -12.18 -19.58
N ARG F 496 39.27 -12.82 -19.82
CA ARG F 496 38.51 -12.52 -21.02
C ARG F 496 37.99 -11.08 -21.01
N LEU F 497 37.49 -10.63 -19.86
CA LEU F 497 36.97 -9.27 -19.76
C LEU F 497 38.08 -8.23 -19.71
N GLY F 498 39.30 -8.61 -19.35
CA GLY F 498 40.40 -7.68 -19.32
C GLY F 498 40.50 -6.90 -18.02
N CYS F 499 40.55 -7.60 -16.89
CA CYS F 499 40.65 -6.95 -15.59
C CYS F 499 42.11 -6.73 -15.23
N GLU F 500 42.46 -5.48 -14.91
CA GLU F 500 43.82 -5.12 -14.55
C GLU F 500 44.00 -4.86 -13.05
N ASP F 501 42.94 -5.04 -12.26
CA ASP F 501 43.06 -4.82 -10.82
C ASP F 501 43.92 -5.91 -10.18
N ASP F 502 44.77 -5.50 -9.25
CA ASP F 502 45.68 -6.43 -8.58
C ASP F 502 45.05 -7.11 -7.38
N PHE F 503 44.08 -6.46 -6.73
CA PHE F 503 43.48 -7.01 -5.52
C PHE F 503 42.76 -8.33 -5.80
N VAL F 504 42.01 -8.39 -6.89
CA VAL F 504 41.23 -9.59 -7.18
C VAL F 504 42.14 -10.77 -7.50
N TYR F 505 43.19 -10.53 -8.31
CA TYR F 505 44.14 -11.58 -8.61
C TYR F 505 44.91 -12.03 -7.38
N LYS F 506 45.27 -11.09 -6.49
CA LYS F 506 45.91 -11.47 -5.25
C LYS F 506 44.99 -12.35 -4.40
N ALA F 507 43.70 -11.99 -4.32
CA ALA F 507 42.77 -12.80 -3.55
C ALA F 507 42.61 -14.20 -4.15
N MET F 508 42.51 -14.30 -5.47
CA MET F 508 42.38 -15.61 -6.11
C MET F 508 43.63 -16.45 -5.93
N ALA F 509 44.81 -15.85 -6.06
CA ALA F 509 46.05 -16.59 -5.83
C ALA F 509 46.18 -17.03 -4.38
N SER F 510 45.75 -16.19 -3.44
CA SER F 510 45.75 -16.57 -2.04
C SER F 510 44.82 -17.75 -1.80
N ARG F 511 43.64 -17.74 -2.42
CA ARG F 511 42.74 -18.89 -2.29
C ARG F 511 43.35 -20.14 -2.90
N VAL F 512 44.02 -20.01 -4.04
CA VAL F 512 44.64 -21.18 -4.67
C VAL F 512 45.72 -21.77 -3.76
N LEU F 513 46.57 -20.92 -3.20
CA LEU F 513 47.65 -21.41 -2.36
C LEU F 513 47.15 -22.35 -1.26
N GLN F 514 45.90 -22.18 -0.83
CA GLN F 514 45.38 -22.99 0.26
C GLN F 514 45.38 -24.48 -0.09
N PHE F 515 44.89 -24.81 -1.27
CA PHE F 515 44.87 -26.21 -1.69
C PHE F 515 46.25 -26.67 -2.17
N VAL F 516 46.85 -25.95 -3.11
CA VAL F 516 48.14 -26.37 -3.66
C VAL F 516 49.30 -26.13 -2.70
N LYS F 517 49.35 -24.95 -2.07
CA LYS F 517 50.41 -24.62 -1.11
C LYS F 517 51.75 -24.42 -1.80
N GLU F 518 51.85 -24.79 -3.07
CA GLU F 518 53.11 -24.71 -3.80
C GLU F 518 52.87 -24.68 -5.29
N VAL F 519 53.87 -24.24 -6.05
CA VAL F 519 53.75 -24.21 -7.50
C VAL F 519 54.20 -25.53 -8.10
N THR F 520 53.29 -26.49 -8.18
CA THR F 520 53.63 -27.79 -8.76
C THR F 520 54.09 -27.62 -10.20
N PRO F 521 55.07 -28.43 -10.60
CA PRO F 521 55.54 -28.36 -11.99
C PRO F 521 54.42 -28.72 -12.96
N GLU F 522 53.62 -29.73 -12.61
CA GLU F 522 52.53 -30.16 -13.48
C GLU F 522 51.37 -29.16 -13.45
N MET F 523 51.36 -28.28 -12.46
CA MET F 523 50.27 -27.31 -12.34
C MET F 523 49.93 -26.72 -13.70
N PRO F 524 48.63 -26.69 -14.05
CA PRO F 524 48.20 -26.18 -15.35
C PRO F 524 48.81 -24.83 -15.66
N GLU F 525 49.28 -24.63 -16.88
CA GLU F 525 49.91 -23.37 -17.25
C GLU F 525 49.07 -22.16 -16.87
N ASP F 526 47.74 -22.30 -16.91
CA ASP F 526 46.88 -21.18 -16.54
C ASP F 526 47.02 -20.83 -15.07
N LEU F 527 47.35 -21.81 -14.22
CA LEU F 527 47.46 -21.55 -12.79
C LEU F 527 48.75 -20.82 -12.43
N GLN F 528 49.84 -21.10 -13.16
CA GLN F 528 51.10 -20.40 -12.89
C GLN F 528 50.97 -18.90 -13.14
N VAL F 529 50.25 -18.53 -14.20
CA VAL F 529 50.02 -17.12 -14.48
C VAL F 529 49.24 -16.47 -13.34
N LEU F 530 48.28 -17.21 -12.77
CA LEU F 530 47.54 -16.71 -11.61
C LEU F 530 48.46 -16.54 -10.41
N LEU F 531 49.38 -17.49 -10.20
CA LEU F 531 50.30 -17.39 -9.07
C LEU F 531 51.23 -16.19 -9.18
N GLN F 532 51.51 -15.72 -10.39
CA GLN F 532 52.26 -14.47 -10.57
C GLN F 532 51.43 -13.24 -10.27
N ARG F 533 50.11 -13.39 -10.09
CA ARG F 533 49.21 -12.29 -9.73
C ARG F 533 49.25 -11.18 -10.78
N GLY F 534 48.88 -11.56 -12.00
CA GLY F 534 48.85 -10.62 -13.11
C GLY F 534 47.74 -9.59 -12.99
N PRO G 97 -12.20 54.31 -0.77
CA PRO G 97 -11.54 53.35 0.12
C PRO G 97 -11.72 51.91 -0.34
N LEU G 98 -10.71 51.08 -0.11
CA LEU G 98 -10.80 49.68 -0.50
C LEU G 98 -11.85 48.97 0.35
N PRO G 99 -12.63 48.07 -0.24
CA PRO G 99 -13.65 47.33 0.53
C PRO G 99 -13.07 46.13 1.25
N VAL G 100 -12.13 46.39 2.16
CA VAL G 100 -11.52 45.32 2.94
C VAL G 100 -12.55 44.71 3.88
N SER G 101 -12.40 43.41 4.16
CA SER G 101 -13.35 42.67 4.98
C SER G 101 -12.62 41.82 6.00
N TYR G 102 -11.65 42.45 6.68
CA TYR G 102 -10.89 41.76 7.74
C TYR G 102 -11.35 42.15 9.12
N SER G 103 -11.95 41.24 9.84
CA SER G 103 -12.42 41.46 11.19
C SER G 103 -11.56 40.67 12.18
N PRO G 104 -11.31 41.22 13.36
CA PRO G 104 -10.42 40.54 14.32
C PRO G 104 -10.94 39.15 14.69
N GLY G 105 -10.01 38.21 14.81
CA GLY G 105 -10.39 36.86 15.19
C GLY G 105 -10.92 36.76 16.60
N SER G 106 -10.29 37.45 17.54
CA SER G 106 -10.72 37.43 18.93
C SER G 106 -11.55 38.67 19.27
N VAL G 114 -17.63 45.25 18.27
CA VAL G 114 -17.23 45.61 16.92
C VAL G 114 -17.77 44.59 15.92
N THR G 115 -18.50 45.08 14.91
CA THR G 115 -19.13 44.24 13.89
C THR G 115 -19.96 43.14 14.52
N SER G 116 -20.78 43.50 15.51
CA SER G 116 -21.54 42.55 16.31
C SER G 116 -22.93 42.36 15.71
N THR G 117 -23.27 41.10 15.41
CA THR G 117 -24.58 40.73 14.91
C THR G 117 -25.36 39.97 15.98
N ALA G 118 -26.55 39.47 15.61
CA ALA G 118 -27.38 38.72 16.54
C ALA G 118 -26.75 37.38 16.91
N ILE G 119 -25.75 36.93 16.16
CA ILE G 119 -25.06 35.70 16.50
C ILE G 119 -24.43 35.81 17.89
N THR G 120 -23.98 37.01 18.25
CA THR G 120 -23.43 37.23 19.58
C THR G 120 -24.48 36.95 20.65
N ALA G 121 -25.70 37.45 20.45
CA ALA G 121 -26.77 37.21 21.42
C ALA G 121 -27.14 35.73 21.48
N HIS G 122 -27.22 35.07 20.32
CA HIS G 122 -27.54 33.64 20.31
C HIS G 122 -26.47 32.84 21.05
N CYS G 123 -25.20 33.15 20.81
CA CYS G 123 -24.12 32.44 21.48
C CYS G 123 -24.09 32.76 22.97
N ASP G 124 -24.48 33.97 23.36
CA ASP G 124 -24.58 34.29 24.78
C ASP G 124 -25.68 33.47 25.46
N VAL G 125 -26.82 33.31 24.78
CA VAL G 125 -27.89 32.47 25.32
C VAL G 125 -27.41 31.03 25.48
N LEU G 126 -26.75 30.50 24.45
CA LEU G 126 -26.21 29.14 24.54
C LEU G 126 -25.18 29.02 25.65
N SER G 127 -24.33 30.04 25.80
CA SER G 127 -23.31 30.02 26.84
C SER G 127 -23.94 29.98 28.22
N GLU G 128 -24.97 30.79 28.45
CA GLU G 128 -25.61 30.81 29.75
C GLU G 128 -26.32 29.48 30.03
N CYS G 129 -26.94 28.89 29.02
CA CYS G 129 -27.60 27.60 29.21
C CYS G 129 -26.58 26.52 29.57
N VAL G 130 -25.46 26.46 28.83
CA VAL G 130 -24.42 25.49 29.12
C VAL G 130 -23.82 25.73 30.50
N ALA G 131 -23.67 27.00 30.88
CA ALA G 131 -23.12 27.33 32.20
C ALA G 131 -24.04 26.85 33.31
N LYS G 132 -25.34 27.05 33.17
CA LYS G 132 -26.27 26.56 34.19
C LYS G 132 -26.24 25.04 34.26
N ALA G 133 -26.18 24.37 33.11
CA ALA G 133 -26.12 22.91 33.12
C ALA G 133 -24.86 22.41 33.83
N ASP G 134 -23.71 23.05 33.57
CA ASP G 134 -22.47 22.62 34.19
C ASP G 134 -22.46 22.95 35.68
N GLU G 135 -23.11 24.05 36.06
CA GLU G 135 -23.24 24.38 37.48
C GLU G 135 -24.09 23.34 38.21
N LEU G 136 -25.18 22.88 37.57
CA LEU G 136 -25.93 21.78 38.16
C LEU G 136 -25.09 20.50 38.24
N ALA G 137 -24.28 20.25 37.21
CA ALA G 137 -23.41 19.07 37.21
C ALA G 137 -22.45 19.11 38.39
N VAL G 138 -21.87 20.28 38.68
CA VAL G 138 -21.02 20.43 39.86
C VAL G 138 -21.86 20.29 41.13
N GLN G 139 -23.08 20.83 41.11
CA GLN G 139 -23.92 20.87 42.32
C GLN G 139 -24.34 19.48 42.76
N LEU G 140 -24.47 18.54 41.82
CA LEU G 140 -24.84 17.17 42.21
C LEU G 140 -23.81 16.57 43.14
N LYS G 141 -22.52 16.76 42.85
CA LYS G 141 -21.47 16.21 43.68
C LYS G 141 -21.15 17.15 44.85
N THR G 154 -31.42 13.99 44.30
CA THR G 154 -32.36 14.60 43.37
C THR G 154 -31.84 14.50 41.93
N GLN G 155 -31.42 13.30 41.55
CA GLN G 155 -30.92 13.10 40.19
C GLN G 155 -32.03 13.29 39.16
N GLU G 156 -33.25 12.86 39.48
CA GLU G 156 -34.33 12.92 38.50
C GLU G 156 -34.77 14.36 38.24
N GLY G 157 -34.96 15.15 39.29
CA GLY G 157 -35.26 16.56 39.10
C GLY G 157 -34.13 17.29 38.40
N MET G 158 -32.88 16.94 38.74
CA MET G 158 -31.73 17.45 38.01
C MET G 158 -31.83 17.19 36.52
N GLU G 159 -32.14 15.96 36.13
CA GLU G 159 -32.24 15.63 34.72
C GLU G 159 -33.44 16.30 34.08
N GLU G 160 -34.48 16.60 34.87
CA GLU G 160 -35.60 17.39 34.35
C GLU G 160 -35.16 18.80 33.99
N PHE G 161 -34.41 19.46 34.88
CA PHE G 161 -33.89 20.78 34.54
C PHE G 161 -32.91 20.72 33.37
N VAL G 162 -32.10 19.66 33.33
CA VAL G 162 -31.18 19.47 32.22
C VAL G 162 -31.96 19.34 30.92
N GLU G 163 -33.07 18.61 30.95
CA GLU G 163 -33.92 18.46 29.78
C GLU G 163 -34.53 19.78 29.33
N GLU G 164 -35.01 20.60 30.29
CA GLU G 164 -35.60 21.88 29.89
C GLU G 164 -34.55 22.81 29.31
N LEU G 165 -33.34 22.83 29.89
CA LEU G 165 -32.25 23.62 29.31
C LEU G 165 -31.87 23.11 27.93
N LYS G 166 -31.87 21.78 27.75
CA LYS G 166 -31.57 21.22 26.44
C LYS G 166 -32.60 21.62 25.40
N THR G 167 -33.88 21.62 25.79
CA THR G 167 -34.92 22.05 24.87
C THR G 167 -34.76 23.52 24.50
N SER G 168 -34.45 24.37 25.49
CA SER G 168 -34.23 25.78 25.21
C SER G 168 -33.05 25.97 24.25
N ALA G 169 -31.94 25.26 24.49
CA ALA G 169 -30.79 25.36 23.61
C ALA G 169 -31.10 24.84 22.21
N THR G 170 -31.88 23.78 22.10
CA THR G 170 -32.27 23.26 20.80
C THR G 170 -33.12 24.27 20.03
N ASN G 171 -34.06 24.93 20.71
CA ASN G 171 -34.86 25.96 20.06
C ASN G 171 -33.98 27.13 19.61
N GLU G 172 -33.04 27.54 20.46
CA GLU G 172 -32.15 28.64 20.10
C GLU G 172 -31.30 28.29 18.88
N MET G 173 -30.75 27.07 18.85
CA MET G 173 -29.95 26.65 17.70
C MET G 173 -30.79 26.51 16.44
N THR G 174 -32.04 26.05 16.57
CA THR G 174 -32.92 25.97 15.40
C THR G 174 -33.18 27.35 14.83
N ALA G 175 -33.45 28.34 15.70
CA ALA G 175 -33.63 29.71 15.24
C ALA G 175 -32.37 30.22 14.56
N LEU G 176 -31.20 29.95 15.15
CA LEU G 176 -29.95 30.40 14.54
C LEU G 176 -29.73 29.77 13.17
N VAL G 177 -30.01 28.47 13.03
CA VAL G 177 -29.81 27.80 11.76
C VAL G 177 -30.77 28.35 10.71
N LYS G 178 -32.02 28.59 11.10
CA LYS G 178 -32.98 29.16 10.15
C LYS G 178 -32.56 30.55 9.71
N GLN G 179 -32.06 31.37 10.64
CA GLN G 179 -31.58 32.70 10.27
C GLN G 179 -30.36 32.63 9.36
N MET G 180 -29.45 31.71 9.62
CA MET G 180 -28.27 31.55 8.77
C MET G 180 -28.64 31.05 7.37
N GLN G 181 -29.68 30.22 7.27
CA GLN G 181 -30.10 29.73 5.96
C GLN G 181 -30.82 30.80 5.16
N THR G 182 -31.82 31.47 5.77
CA THR G 182 -32.66 32.38 5.01
C THR G 182 -31.94 33.69 4.70
N THR G 183 -31.19 34.23 5.65
CA THR G 183 -30.67 35.56 5.40
C THR G 183 -29.16 35.52 5.15
N PRO G 184 -28.63 36.48 4.38
CA PRO G 184 -27.17 36.54 4.19
C PRO G 184 -26.46 37.05 5.44
N LEU G 185 -26.52 36.27 6.51
CA LEU G 185 -25.96 36.69 7.79
C LEU G 185 -24.47 36.44 7.89
N LEU G 186 -23.98 35.33 7.32
CA LEU G 186 -22.58 34.97 7.45
C LEU G 186 -21.67 36.02 6.82
N GLN G 187 -22.05 36.53 5.64
CA GLN G 187 -21.23 37.53 4.97
C GLN G 187 -21.16 38.82 5.80
N ARG G 188 -22.29 39.25 6.36
CA ARG G 188 -22.31 40.47 7.17
C ARG G 188 -21.71 40.25 8.55
N ALA G 189 -21.67 39.01 9.03
CA ALA G 189 -21.20 38.74 10.38
C ALA G 189 -19.70 39.01 10.50
N GLY G 190 -19.26 39.20 11.74
CA GLY G 190 -17.84 39.34 12.04
C GLY G 190 -17.12 38.02 11.89
N MET G 191 -16.02 37.87 12.62
CA MET G 191 -15.27 36.62 12.56
C MET G 191 -15.21 35.90 13.90
N HIS G 192 -15.12 36.64 15.01
CA HIS G 192 -15.18 36.00 16.32
C HIS G 192 -16.51 35.28 16.53
N GLU G 193 -17.60 35.87 16.04
CA GLU G 193 -18.90 35.21 16.10
C GLU G 193 -18.92 33.92 15.30
N LEU G 194 -18.29 33.90 14.13
CA LEU G 194 -18.16 32.66 13.37
C LEU G 194 -17.38 31.61 14.15
N ARG G 195 -16.30 32.02 14.83
CA ARG G 195 -15.51 31.07 15.61
C ARG G 195 -16.31 30.48 16.76
N ARG G 196 -17.06 31.31 17.50
CA ARG G 196 -17.83 30.76 18.61
C ARG G 196 -19.03 29.97 18.10
N THR G 197 -19.58 30.32 16.94
CA THR G 197 -20.64 29.51 16.35
C THR G 197 -20.12 28.11 16.01
N LEU G 198 -18.94 28.04 15.40
CA LEU G 198 -18.34 26.74 15.13
C LEU G 198 -18.08 25.98 16.42
N TYR G 199 -17.56 26.68 17.44
CA TYR G 199 -17.28 26.04 18.72
C TYR G 199 -18.55 25.43 19.31
N TYR G 200 -19.64 26.19 19.34
CA TYR G 200 -20.87 25.70 19.94
C TYR G 200 -21.51 24.59 19.11
N THR G 201 -21.46 24.71 17.79
CA THR G 201 -22.00 23.65 16.93
C THR G 201 -21.26 22.35 17.16
N THR G 202 -19.93 22.40 17.30
CA THR G 202 -19.18 21.17 17.55
C THR G 202 -19.36 20.67 18.99
N SER G 203 -19.47 21.58 19.96
CA SER G 203 -19.50 21.17 21.35
C SER G 203 -20.86 20.61 21.75
N LEU G 204 -21.95 21.20 21.26
CA LEU G 204 -23.27 20.70 21.61
C LEU G 204 -23.55 19.33 21.03
N LYS G 205 -22.81 18.92 20.00
CA LYS G 205 -22.96 17.58 19.46
C LYS G 205 -22.37 16.53 20.39
N GLU G 206 -21.22 16.83 21.01
CA GLU G 206 -20.64 15.91 21.97
C GLU G 206 -21.46 15.83 23.25
N ARG G 207 -22.18 16.89 23.59
CA ARG G 207 -23.06 16.90 24.75
C ARG G 207 -24.41 16.24 24.46
N ASP G 208 -24.64 15.84 23.20
CA ASP G 208 -25.89 15.19 22.79
C ASP G 208 -27.08 16.12 22.98
N TRP G 209 -26.95 17.35 22.47
CA TRP G 209 -28.03 18.32 22.50
C TRP G 209 -28.53 18.70 21.11
N LEU G 210 -27.95 18.14 20.06
CA LEU G 210 -28.35 18.44 18.70
C LEU G 210 -28.48 17.14 17.91
N GLU G 211 -29.38 17.16 16.92
CA GLU G 211 -29.57 16.00 16.07
C GLU G 211 -28.57 16.00 14.92
N GLU G 212 -28.57 14.90 14.15
CA GLU G 212 -27.61 14.76 13.06
C GLU G 212 -27.90 15.74 11.94
N LYS G 213 -29.16 15.84 11.52
CA LYS G 213 -29.51 16.69 10.38
C LYS G 213 -29.19 18.15 10.64
N GLN G 214 -29.59 18.66 11.82
CA GLN G 214 -29.31 20.05 12.16
C GLN G 214 -27.83 20.32 12.32
N TYR G 215 -27.09 19.38 12.92
CA TYR G 215 -25.65 19.55 13.07
C TYR G 215 -24.95 19.63 11.72
N THR G 216 -25.31 18.72 10.80
CA THR G 216 -24.72 18.76 9.46
C THR G 216 -25.10 20.03 8.73
N ALA G 217 -26.35 20.46 8.84
CA ALA G 217 -26.78 21.68 8.17
C ALA G 217 -26.03 22.89 8.70
N ALA G 218 -25.82 22.95 10.02
CA ALA G 218 -25.10 24.07 10.59
C ALA G 218 -23.62 24.05 10.21
N MET G 219 -23.01 22.87 10.16
CA MET G 219 -21.59 22.80 9.84
C MET G 219 -21.29 23.00 8.37
N ARG G 220 -22.19 22.60 7.46
CA ARG G 220 -21.93 22.76 6.04
C ARG G 220 -21.77 24.23 5.66
N MET G 221 -22.67 25.09 6.14
CA MET G 221 -22.55 26.51 5.84
C MET G 221 -21.39 27.17 6.56
N LEU G 222 -21.02 26.68 7.75
CA LEU G 222 -19.82 27.18 8.41
C LEU G 222 -18.60 26.89 7.57
N THR G 223 -18.49 25.66 7.04
CA THR G 223 -17.37 25.33 6.16
C THR G 223 -17.41 26.15 4.88
N VAL G 224 -18.60 26.37 4.32
CA VAL G 224 -18.70 27.17 3.10
C VAL G 224 -18.20 28.60 3.35
N GLU G 225 -18.63 29.21 4.45
CA GLU G 225 -18.20 30.57 4.75
C GLU G 225 -16.71 30.63 5.07
N VAL G 226 -16.19 29.60 5.77
CA VAL G 226 -14.77 29.56 6.08
C VAL G 226 -13.95 29.46 4.78
N LEU G 227 -14.40 28.63 3.85
CA LEU G 227 -13.71 28.53 2.56
C LEU G 227 -13.79 29.84 1.78
N ARG G 228 -14.95 30.51 1.84
CA ARG G 228 -15.08 31.80 1.16
C ARG G 228 -14.11 32.82 1.73
N ARG G 229 -13.97 32.86 3.07
CA ARG G 229 -13.03 33.79 3.68
C ARG G 229 -11.59 33.39 3.41
N ASP G 230 -11.31 32.09 3.31
CA ASP G 230 -9.98 31.62 2.94
C ASP G 230 -9.61 32.08 1.54
N GLY G 231 -10.58 32.04 0.62
CA GLY G 231 -10.31 32.52 -0.73
C GLY G 231 -9.89 33.97 -0.76
N ASP G 232 -10.49 34.80 0.09
CA ASP G 232 -10.11 36.21 0.16
C ASP G 232 -8.75 36.38 0.81
N GLY G 233 -8.38 35.47 1.72
CA GLY G 233 -7.13 35.56 2.43
C GLY G 233 -7.19 36.18 3.80
N VAL G 234 -8.39 36.47 4.32
CA VAL G 234 -8.53 37.09 5.63
C VAL G 234 -8.35 36.11 6.77
N LEU G 235 -8.09 34.83 6.47
CA LEU G 235 -7.82 33.84 7.51
C LEU G 235 -6.48 34.14 8.16
N SER G 236 -6.50 34.57 9.42
CA SER G 236 -5.27 34.88 10.11
C SER G 236 -4.55 33.60 10.52
N ALA G 237 -3.34 33.76 11.06
CA ALA G 237 -2.54 32.61 11.47
C ALA G 237 -3.14 31.89 12.66
N ASP G 238 -4.00 32.55 13.44
CA ASP G 238 -4.63 31.91 14.59
C ASP G 238 -5.95 31.26 14.23
N ASP G 239 -6.73 31.87 13.34
CA ASP G 239 -8.02 31.30 12.96
C ASP G 239 -7.87 29.99 12.20
N VAL G 240 -6.80 29.84 11.41
CA VAL G 240 -6.57 28.57 10.73
C VAL G 240 -6.38 27.45 11.76
N LEU G 241 -5.52 27.69 12.76
CA LEU G 241 -5.32 26.70 13.81
C LEU G 241 -6.62 26.42 14.56
N TYR G 242 -7.37 27.47 14.89
CA TYR G 242 -8.61 27.29 15.63
C TYR G 242 -9.60 26.42 14.86
N VAL G 243 -9.83 26.76 13.59
CA VAL G 243 -10.78 26.00 12.77
C VAL G 243 -10.30 24.57 12.59
N THR G 244 -9.00 24.38 12.36
CA THR G 244 -8.48 23.03 12.19
C THR G 244 -8.69 22.20 13.44
N THR G 245 -8.34 22.75 14.61
CA THR G 245 -8.49 22.00 15.86
C THR G 245 -9.95 21.69 16.15
N HIS G 246 -10.86 22.63 15.86
CA HIS G 246 -12.25 22.38 16.20
C HIS G 246 -13.02 21.66 15.10
N VAL G 247 -12.41 21.40 13.96
CA VAL G 247 -13.04 20.60 12.90
C VAL G 247 -12.52 19.17 12.90
N VAL G 248 -11.20 18.99 13.04
CA VAL G 248 -10.66 17.63 13.00
C VAL G 248 -11.06 16.85 14.25
N THR G 249 -11.10 17.51 15.42
CA THR G 249 -11.47 16.82 16.64
C THR G 249 -12.94 16.43 16.64
N ALA G 250 -13.78 17.19 15.92
CA ALA G 250 -15.17 16.80 15.73
C ALA G 250 -15.35 15.78 14.60
N ASN G 251 -14.29 15.51 13.85
CA ASN G 251 -14.29 14.51 12.77
C ASN G 251 -15.38 14.81 11.74
N PHE G 252 -15.44 16.06 11.32
CA PHE G 252 -16.27 16.50 10.21
C PHE G 252 -15.39 16.63 8.99
N TYR G 253 -15.69 15.85 7.94
CA TYR G 253 -14.84 15.77 6.77
C TYR G 253 -15.38 16.64 5.65
N ASN G 254 -14.55 17.57 5.18
CA ASN G 254 -14.76 18.27 3.93
C ASN G 254 -13.45 18.21 3.16
N ARG G 255 -13.50 17.69 1.93
CA ARG G 255 -12.26 17.47 1.18
C ARG G 255 -11.50 18.76 0.96
N HIS G 256 -12.18 19.77 0.41
CA HIS G 256 -11.50 21.03 0.12
C HIS G 256 -11.05 21.74 1.39
N LEU G 257 -11.91 21.76 2.41
CA LEU G 257 -11.53 22.41 3.66
C LEU G 257 -10.31 21.74 4.30
N TRP G 258 -10.32 20.40 4.36
CA TRP G 258 -9.19 19.69 4.96
C TRP G 258 -7.91 19.91 4.15
N ASN G 259 -8.00 19.85 2.82
CA ASN G 259 -6.82 20.05 2.00
C ASN G 259 -6.27 21.48 2.14
N ARG G 260 -7.16 22.47 2.17
CA ARG G 260 -6.73 23.86 2.31
C ARG G 260 -6.05 24.07 3.66
N MET G 261 -6.65 23.56 4.74
CA MET G 261 -6.04 23.71 6.05
C MET G 261 -4.70 23.00 6.14
N GLU G 262 -4.62 21.79 5.58
CA GLU G 262 -3.38 21.03 5.62
C GLU G 262 -2.27 21.74 4.84
N LYS G 263 -2.61 22.32 3.68
CA LYS G 263 -1.61 23.04 2.91
C LYS G 263 -1.23 24.36 3.57
N SER G 264 -2.15 24.99 4.29
CA SER G 264 -1.84 26.25 4.96
C SER G 264 -1.12 26.06 6.28
N LEU G 265 -1.12 24.85 6.84
CA LEU G 265 -0.39 24.58 8.07
C LEU G 265 1.10 24.34 7.84
N LEU G 266 1.55 24.33 6.59
CA LEU G 266 2.96 24.15 6.28
C LEU G 266 3.72 25.46 6.14
N LYS G 267 3.03 26.60 6.28
CA LYS G 267 3.68 27.90 6.26
C LYS G 267 4.04 28.26 7.71
N PHE G 268 5.18 27.74 8.15
CA PHE G 268 5.60 27.90 9.54
C PHE G 268 5.91 29.34 9.90
N SER G 269 6.22 30.19 8.91
CA SER G 269 6.53 31.58 9.21
C SER G 269 5.32 32.35 9.72
N ASN G 270 4.11 31.88 9.42
CA ASN G 270 2.90 32.56 9.91
C ASN G 270 2.70 32.31 11.40
N TYR G 271 2.95 31.08 11.85
CA TYR G 271 2.71 30.68 13.23
C TYR G 271 3.97 30.93 14.04
N GLU G 272 4.26 32.21 14.27
CA GLU G 272 5.46 32.63 14.98
C GLU G 272 5.20 33.42 16.25
N ASN G 273 4.06 34.11 16.37
CA ASN G 273 3.76 34.97 17.50
C ASN G 273 2.39 34.64 18.08
N ILE G 274 2.07 33.35 18.17
CA ILE G 274 0.80 32.92 18.72
C ILE G 274 0.77 33.17 20.22
N ASP G 275 -0.41 33.52 20.73
CA ASP G 275 -0.56 33.77 22.16
C ASP G 275 -0.45 32.46 22.95
N MET G 276 -0.05 32.60 24.21
CA MET G 276 0.09 31.43 25.08
C MET G 276 -1.25 30.75 25.31
N SER G 277 -2.30 31.54 25.54
CA SER G 277 -3.62 30.97 25.80
C SER G 277 -4.12 30.15 24.61
N SER G 278 -3.91 30.65 23.39
CA SER G 278 -4.31 29.91 22.20
C SER G 278 -3.56 28.59 22.08
N VAL G 279 -2.25 28.61 22.34
CA VAL G 279 -1.45 27.40 22.27
C VAL G 279 -1.95 26.38 23.28
N LYS G 280 -2.15 26.81 24.53
CA LYS G 280 -2.59 25.87 25.56
C LYS G 280 -3.98 25.32 25.26
N ALA G 281 -4.89 26.17 24.78
CA ALA G 281 -6.25 25.72 24.48
C ALA G 281 -6.24 24.70 23.35
N PHE G 282 -5.51 24.99 22.26
CA PHE G 282 -5.44 24.04 21.15
C PHE G 282 -4.78 22.74 21.56
N SER G 283 -3.69 22.81 22.33
CA SER G 283 -3.01 21.59 22.76
C SER G 283 -3.92 20.75 23.64
N THR G 284 -4.65 21.38 24.56
CA THR G 284 -5.56 20.64 25.42
C THR G 284 -6.69 20.01 24.60
N ARG G 285 -7.24 20.76 23.64
CA ARG G 285 -8.31 20.23 22.80
C ARG G 285 -7.85 19.03 22.01
N LEU G 286 -6.63 19.08 21.48
CA LEU G 286 -6.10 17.93 20.74
C LEU G 286 -5.75 16.77 21.66
N PHE G 287 -5.33 17.07 22.89
CA PHE G 287 -4.90 16.01 23.80
C PHE G 287 -6.07 15.21 24.34
N LYS G 288 -7.15 15.91 24.74
CA LYS G 288 -8.25 15.23 25.41
C LYS G 288 -8.95 14.22 24.50
N THR G 289 -9.11 14.54 23.23
CA THR G 289 -9.86 13.70 22.30
C THR G 289 -8.96 12.73 21.54
N ARG G 290 -7.77 12.43 22.06
CA ARG G 290 -6.83 11.55 21.37
C ARG G 290 -7.19 10.08 21.50
N ARG G 291 -7.91 9.70 22.56
CA ARG G 291 -8.05 8.29 22.90
C ARG G 291 -8.68 7.48 21.78
N GLY G 292 -9.82 7.93 21.26
CA GLY G 292 -10.53 7.18 20.24
C GLY G 292 -10.68 7.91 18.92
N CYS G 293 -9.70 8.75 18.58
CA CYS G 293 -9.78 9.51 17.35
C CYS G 293 -9.63 8.61 16.13
N ALA G 294 -10.26 9.02 15.04
CA ALA G 294 -10.18 8.27 13.79
C ALA G 294 -8.77 8.34 13.21
N LYS G 295 -8.40 7.31 12.45
CA LYS G 295 -7.05 7.23 11.91
C LYS G 295 -6.79 8.35 10.91
N GLU G 296 -7.75 8.63 10.03
CA GLU G 296 -7.55 9.66 9.01
C GLU G 296 -7.34 11.03 9.62
N THR G 297 -7.77 11.24 10.86
CA THR G 297 -7.59 12.50 11.56
C THR G 297 -6.22 12.64 12.22
N LEU G 298 -5.41 11.57 12.23
CA LEU G 298 -4.17 11.61 13.00
C LEU G 298 -3.15 12.55 12.37
N ASP G 299 -2.82 12.35 11.09
CA ASP G 299 -1.72 13.08 10.48
C ASP G 299 -1.95 14.58 10.56
N ILE G 300 -3.15 15.03 10.17
CA ILE G 300 -3.44 16.46 10.23
C ILE G 300 -3.32 16.98 11.65
N ARG G 301 -3.73 16.18 12.64
CA ARG G 301 -3.52 16.56 14.03
C ARG G 301 -2.06 16.89 14.29
N ARG G 302 -1.15 16.03 13.82
CA ARG G 302 0.28 16.29 14.01
C ARG G 302 0.68 17.59 13.33
N LYS G 303 0.11 17.87 12.15
CA LYS G 303 0.46 19.10 11.46
C LYS G 303 0.01 20.32 12.24
N VAL G 304 -1.00 20.17 13.10
CA VAL G 304 -1.37 21.27 14.00
C VAL G 304 -0.30 21.45 15.07
N LEU G 305 0.21 20.34 15.61
CA LEU G 305 1.18 20.44 16.71
C LEU G 305 2.52 20.99 16.22
N LEU G 306 2.95 20.58 15.03
CA LEU G 306 4.25 21.01 14.53
C LEU G 306 4.23 22.45 14.01
N ALA G 307 3.05 22.97 13.68
CA ALA G 307 2.95 24.36 13.23
C ALA G 307 3.32 25.31 14.36
N MET G 308 2.92 25.00 15.59
CA MET G 308 3.20 25.83 16.76
C MET G 308 4.33 25.29 17.62
N SER G 309 5.14 24.38 17.08
CA SER G 309 6.21 23.78 17.88
C SER G 309 7.25 24.82 18.30
N ARG G 310 7.58 25.76 17.40
CA ARG G 310 8.56 26.79 17.75
C ARG G 310 8.00 27.78 18.76
N ARG G 311 6.70 28.07 18.68
CA ARG G 311 6.11 28.96 19.68
C ARG G 311 6.15 28.32 21.06
N VAL G 312 5.92 27.01 21.13
CA VAL G 312 6.07 26.28 22.38
C VAL G 312 7.53 26.31 22.84
N GLY G 313 8.47 26.12 21.90
CA GLY G 313 9.87 26.11 22.27
C GLY G 313 10.36 27.43 22.84
N VAL G 314 9.97 28.53 22.21
CA VAL G 314 10.32 29.85 22.74
C VAL G 314 9.52 30.17 24.00
N LEU G 315 8.35 29.56 24.16
CA LEU G 315 7.54 29.70 25.36
C LEU G 315 7.91 28.71 26.45
N ALA G 316 9.06 28.05 26.32
CA ALA G 316 9.43 26.99 27.26
C ALA G 316 9.58 27.52 28.68
N ASN G 317 10.23 28.67 28.83
CA ASN G 317 10.45 29.26 30.15
C ASN G 317 9.25 30.06 30.66
N ASP G 318 8.11 29.97 29.98
CA ASP G 318 6.91 30.67 30.37
C ASP G 318 5.78 29.76 30.85
N PHE G 319 5.79 28.49 30.48
CA PHE G 319 4.78 27.56 30.95
C PHE G 319 4.91 27.32 32.45
N ASP G 320 3.80 26.99 33.08
CA ASP G 320 3.84 26.49 34.44
C ASP G 320 4.16 25.00 34.45
N LEU G 321 4.55 24.50 35.63
CA LEU G 321 4.92 23.09 35.74
C LEU G 321 3.80 22.13 35.37
N PRO G 322 2.55 22.30 35.86
CA PRO G 322 1.49 21.35 35.45
C PRO G 322 1.23 21.34 33.96
N SER G 323 1.35 22.49 33.27
CA SER G 323 1.09 22.53 31.84
C SER G 323 2.29 22.13 31.01
N LEU G 324 3.51 22.20 31.58
CA LEU G 324 4.68 21.70 30.86
C LEU G 324 4.54 20.21 30.57
N LEU G 325 4.18 19.42 31.59
CA LEU G 325 3.94 18.00 31.39
C LEU G 325 2.76 17.76 30.47
N GLY G 326 1.75 18.64 30.49
CA GLY G 326 0.66 18.51 29.56
C GLY G 326 1.09 18.65 28.12
N VAL G 327 1.90 19.67 27.83
CA VAL G 327 2.42 19.85 26.48
C VAL G 327 3.26 18.65 26.07
N LEU G 328 4.13 18.18 26.98
CA LEU G 328 5.00 17.06 26.66
C LEU G 328 4.20 15.80 26.36
N GLN G 329 3.18 15.50 27.16
CA GLN G 329 2.34 14.33 26.90
C GLN G 329 1.53 14.50 25.62
N CYS G 330 1.03 15.70 25.35
CA CYS G 330 0.28 15.92 24.11
C CYS G 330 1.15 15.68 22.89
N TYR G 331 2.42 16.09 22.95
CA TYR G 331 3.30 15.88 21.81
C TYR G 331 3.73 14.43 21.69
N THR G 332 4.01 13.77 22.82
CA THR G 332 4.50 12.39 22.76
C THR G 332 3.39 11.41 22.42
N VAL G 333 2.14 11.72 22.80
CA VAL G 333 1.03 10.82 22.53
C VAL G 333 0.66 10.83 21.05
N HIS G 334 1.04 11.88 20.33
CA HIS G 334 0.89 11.94 18.88
C HIS G 334 2.18 11.57 18.16
N ASP G 335 2.98 10.68 18.77
CA ASP G 335 4.27 10.22 18.28
C ASP G 335 5.07 11.35 17.63
N LEU G 336 5.21 12.43 18.39
CA LEU G 336 5.99 13.60 17.96
C LEU G 336 6.98 13.97 19.04
N THR G 337 8.25 14.04 18.67
CA THR G 337 9.32 14.52 19.57
C THR G 337 10.17 15.53 18.82
N PRO G 338 9.62 16.70 18.49
CA PRO G 338 10.38 17.68 17.71
C PRO G 338 11.53 18.26 18.52
N PHE G 339 12.61 18.59 17.81
CA PHE G 339 13.77 19.20 18.45
C PHE G 339 13.47 20.58 19.02
N HIS G 340 12.49 21.29 18.45
CA HIS G 340 12.16 22.63 18.93
C HIS G 340 11.66 22.63 20.36
N LEU G 341 11.12 21.52 20.84
CA LEU G 341 10.67 21.38 22.21
C LEU G 341 11.74 20.78 23.11
N GLU G 342 12.99 20.74 22.66
CA GLU G 342 14.07 20.20 23.48
C GLU G 342 14.26 20.96 24.78
N PRO G 343 14.30 22.30 24.82
CA PRO G 343 14.37 22.98 26.13
C PRO G 343 13.17 22.67 27.02
N LEU G 344 11.99 22.47 26.43
CA LEU G 344 10.79 22.19 27.23
C LEU G 344 11.01 21.01 28.17
N ALA G 345 11.62 19.94 27.66
CA ALA G 345 11.93 18.79 28.52
C ALA G 345 13.03 19.13 29.50
N ILE G 346 14.06 19.86 29.03
CA ILE G 346 15.24 20.09 29.87
C ILE G 346 14.86 20.82 31.15
N ARG G 347 14.03 21.86 31.03
CA ARG G 347 13.55 22.56 32.21
C ARG G 347 12.92 21.60 33.20
N ALA G 348 12.08 20.68 32.71
CA ALA G 348 11.47 19.70 33.60
C ALA G 348 12.53 18.87 34.31
N THR G 349 13.56 18.44 33.58
CA THR G 349 14.65 17.70 34.20
C THR G 349 15.32 18.54 35.28
N ASN G 350 15.43 19.84 35.05
CA ASN G 350 16.03 20.75 36.02
C ASN G 350 15.03 21.28 37.04
N HIS G 351 13.77 20.81 37.00
CA HIS G 351 12.75 21.29 37.92
C HIS G 351 12.05 20.14 38.64
N VAL G 352 12.70 18.99 38.78
CA VAL G 352 12.10 17.89 39.51
C VAL G 352 12.07 18.23 41.00
N GLY G 353 11.14 17.59 41.71
CA GLY G 353 10.88 17.90 43.10
C GLY G 353 9.68 18.79 43.31
N ASP G 354 9.25 19.52 42.28
CA ASP G 354 7.99 20.27 42.32
C ASP G 354 6.84 19.47 41.75
N PHE G 355 7.08 18.24 41.32
CA PHE G 355 6.06 17.38 40.75
C PHE G 355 5.52 16.42 41.80
N THR G 356 4.23 16.11 41.69
CA THR G 356 3.64 15.11 42.56
C THR G 356 4.23 13.73 42.21
N PRO G 357 4.24 12.80 43.17
CA PRO G 357 4.83 11.48 42.88
C PRO G 357 4.22 10.77 41.69
N HIS G 358 2.92 10.92 41.47
CA HIS G 358 2.30 10.29 40.30
C HIS G 358 2.83 10.90 39.00
N GLU G 359 3.00 12.22 38.97
CA GLU G 359 3.49 12.87 37.75
C GLU G 359 4.90 12.44 37.40
N CYS G 360 5.67 11.99 38.38
CA CYS G 360 7.05 11.59 38.11
C CYS G 360 7.15 10.37 37.23
N ALA G 361 6.15 9.47 37.29
CA ALA G 361 6.16 8.30 36.41
C ALA G 361 6.00 8.72 34.95
N THR G 362 5.03 9.58 34.67
CA THR G 362 4.84 10.06 33.30
C THR G 362 6.03 10.91 32.86
N LEU G 363 6.62 11.67 33.78
CA LEU G 363 7.83 12.41 33.45
C LEU G 363 8.98 11.47 33.10
N ALA G 364 9.12 10.37 33.83
CA ALA G 364 10.14 9.38 33.50
C ALA G 364 9.92 8.81 32.11
N HIS G 365 8.68 8.45 31.80
CA HIS G 365 8.40 7.90 30.47
C HIS G 365 8.69 8.94 29.37
N VAL G 366 8.28 10.19 29.59
CA VAL G 366 8.52 11.23 28.59
C VAL G 366 10.01 11.46 28.39
N LEU G 367 10.77 11.57 29.49
CA LEU G 367 12.20 11.79 29.38
C LEU G 367 12.89 10.61 28.73
N ARG G 368 12.39 9.39 28.96
CA ARG G 368 12.92 8.23 28.28
C ARG G 368 12.68 8.30 26.78
N LYS G 369 11.50 8.81 26.38
CA LYS G 369 11.20 8.93 24.95
C LYS G 369 11.84 10.14 24.29
N TRP G 370 12.42 11.07 25.07
CA TRP G 370 13.07 12.25 24.51
C TRP G 370 14.59 12.11 24.48
N ARG G 371 15.14 10.92 24.75
CA ARG G 371 16.58 10.69 24.76
C ARG G 371 17.28 11.66 25.70
N THR G 372 16.62 11.96 26.83
CA THR G 372 17.14 12.88 27.84
C THR G 372 17.41 12.11 29.13
N MET G 373 17.07 10.82 29.17
CA MET G 373 17.07 10.03 30.39
C MET G 373 18.49 9.54 30.67
N ARG G 374 19.13 10.15 31.67
CA ARG G 374 20.50 9.82 32.06
C ARG G 374 20.52 9.33 33.50
N LEU G 375 21.73 9.05 33.99
CA LEU G 375 21.89 8.49 35.33
C LEU G 375 21.53 9.51 36.41
N GLU G 376 21.95 10.78 36.23
CA GLU G 376 21.80 11.75 37.31
C GLU G 376 20.34 12.07 37.57
N VAL G 377 19.50 12.08 36.53
CA VAL G 377 18.09 12.39 36.72
C VAL G 377 17.33 11.20 37.28
N CYS G 378 17.83 9.98 37.02
CA CYS G 378 17.15 8.78 37.49
C CYS G 378 17.13 8.70 39.01
N GLU G 379 18.23 9.10 39.67
CA GLU G 379 18.27 9.06 41.13
C GLU G 379 17.22 9.99 41.73
N ARG G 380 17.15 11.23 41.24
CA ARG G 380 16.15 12.18 41.75
C ARG G 380 14.75 11.68 41.47
N LEU G 381 14.51 11.15 40.26
CA LEU G 381 13.18 10.69 39.90
C LEU G 381 12.73 9.53 40.78
N VAL G 382 13.62 8.56 41.01
CA VAL G 382 13.26 7.41 41.83
C VAL G 382 13.07 7.83 43.29
N GLU G 383 13.90 8.75 43.78
CA GLU G 383 13.72 9.25 45.14
C GLU G 383 12.37 9.94 45.29
N ARG G 384 12.00 10.77 44.31
CA ARG G 384 10.71 11.45 44.37
C ARG G 384 9.55 10.45 44.29
N ILE G 385 9.73 9.38 43.52
CA ILE G 385 8.73 8.31 43.48
C ILE G 385 8.60 7.66 44.86
N CYS G 386 9.74 7.38 45.50
CA CYS G 386 9.74 6.73 46.81
C CYS G 386 9.27 7.65 47.93
N THR G 387 9.20 8.96 47.69
CA THR G 387 8.62 9.86 48.68
C THR G 387 7.10 9.75 48.77
N SER G 388 6.48 8.97 47.88
CA SER G 388 5.03 8.83 47.87
C SER G 388 4.55 8.12 49.12
N ASP G 389 3.29 8.41 49.48
CA ASP G 389 2.69 7.76 50.65
C ASP G 389 2.50 6.27 50.43
N GLN G 390 1.95 5.89 49.27
CA GLN G 390 1.74 4.50 48.94
C GLN G 390 1.94 4.31 47.44
N LEU G 391 2.71 3.29 47.06
CA LEU G 391 3.02 3.05 45.67
C LEU G 391 1.83 2.42 44.94
N THR G 392 1.84 2.57 43.62
CA THR G 392 0.87 1.93 42.75
C THR G 392 1.62 1.23 41.62
N HIS G 393 0.87 0.60 40.72
CA HIS G 393 1.49 -0.10 39.60
C HIS G 393 2.19 0.88 38.66
N HIS G 394 1.66 2.09 38.49
CA HIS G 394 2.25 3.04 37.56
C HIS G 394 3.63 3.50 38.02
N MET G 395 3.75 3.96 39.27
CA MET G 395 5.04 4.43 39.74
C MET G 395 6.07 3.31 39.77
N ALA G 396 5.67 2.12 40.25
CA ALA G 396 6.62 1.01 40.31
C ALA G 396 7.07 0.60 38.92
N ASN G 397 6.14 0.52 37.96
CA ASN G 397 6.51 0.13 36.61
C ASN G 397 7.43 1.17 35.98
N ALA G 398 7.11 2.45 36.13
CA ALA G 398 7.96 3.50 35.56
C ALA G 398 9.34 3.49 36.19
N ALA G 399 9.40 3.29 37.51
CA ALA G 399 10.69 3.22 38.19
C ALA G 399 11.51 2.05 37.67
N MET G 400 10.89 0.88 37.51
CA MET G 400 11.62 -0.28 37.00
C MET G 400 12.12 -0.03 35.58
N ILE G 401 11.28 0.57 34.72
CA ILE G 401 11.71 0.86 33.35
C ILE G 401 12.87 1.84 33.35
N ALA G 402 12.81 2.87 34.20
CA ALA G 402 13.91 3.83 34.27
C ALA G 402 15.19 3.18 34.77
N ILE G 403 15.09 2.30 35.77
CA ILE G 403 16.27 1.61 36.28
C ILE G 403 16.89 0.74 35.19
N ARG G 404 16.04 0.00 34.46
CA ARG G 404 16.56 -0.83 33.38
C ARG G 404 17.22 0.00 32.29
N THR G 405 16.59 1.13 31.93
CA THR G 405 17.15 1.98 30.88
C THR G 405 18.50 2.54 31.29
N CYS G 406 18.63 3.01 32.54
CA CYS G 406 19.90 3.54 33.00
C CYS G 406 20.92 2.44 33.20
N PHE G 407 20.46 1.20 33.38
CA PHE G 407 21.38 0.08 33.54
C PHE G 407 22.09 -0.29 32.23
N ASN G 408 21.46 -0.01 31.10
CA ASN G 408 22.00 -0.39 29.80
C ASN G 408 22.88 0.68 29.17
N GLN G 409 23.10 1.79 29.86
CA GLN G 409 23.85 2.91 29.32
C GLN G 409 25.30 2.93 29.77
N VAL G 410 25.76 1.88 30.45
CA VAL G 410 27.12 1.82 30.98
C VAL G 410 27.95 0.90 30.09
N SER G 411 29.13 1.38 29.68
CA SER G 411 30.04 0.64 28.83
C SER G 411 31.20 0.11 29.68
N ASP G 412 31.53 -1.17 29.49
CA ASP G 412 32.59 -1.80 30.25
C ASP G 412 33.99 -1.53 29.68
N GLY G 413 34.07 -0.86 28.53
CA GLY G 413 35.36 -0.56 27.93
C GLY G 413 35.48 0.87 27.45
N GLY G 414 34.71 1.77 28.05
CA GLY G 414 34.72 3.17 27.67
C GLY G 414 35.78 3.97 28.38
N ARG G 415 35.59 5.30 28.38
CA ARG G 415 36.53 6.19 29.05
C ARG G 415 36.57 5.91 30.55
N ASN G 416 35.40 5.70 31.17
CA ASN G 416 35.29 5.43 32.60
C ASN G 416 34.99 3.96 32.89
N ALA G 417 35.65 3.05 32.15
CA ALA G 417 35.39 1.63 32.32
C ALA G 417 35.66 1.16 33.75
N MET G 418 36.65 1.75 34.42
CA MET G 418 36.95 1.38 35.80
C MET G 418 35.81 1.78 36.74
N ASN G 419 35.05 2.82 36.38
CA ASN G 419 34.02 3.39 37.22
C ASN G 419 32.67 2.72 36.98
N ALA G 420 32.59 1.83 35.98
CA ALA G 420 31.29 1.33 35.53
C ALA G 420 30.62 0.45 36.58
N GLU G 421 31.38 -0.44 37.23
CA GLU G 421 30.77 -1.36 38.20
C GLU G 421 30.17 -0.63 39.40
N PRO G 422 30.83 0.36 40.01
CA PRO G 422 30.16 1.12 41.07
C PRO G 422 28.83 1.72 40.64
N THR G 423 28.72 2.20 39.40
CA THR G 423 27.46 2.74 38.92
C THR G 423 26.40 1.65 38.85
N ARG G 424 26.77 0.44 38.41
CA ARG G 424 25.83 -0.67 38.41
C ARG G 424 25.38 -1.02 39.82
N GLN G 425 26.30 -0.99 40.78
CA GLN G 425 25.93 -1.26 42.18
C GLN G 425 24.97 -0.20 42.70
N LYS G 426 25.22 1.07 42.38
CA LYS G 426 24.31 2.14 42.80
C LYS G 426 22.93 1.96 42.18
N LEU G 427 22.89 1.64 40.90
CA LEU G 427 21.62 1.38 40.23
C LEU G 427 20.88 0.22 40.87
N ARG G 428 21.61 -0.86 41.19
CA ARG G 428 21.01 -2.02 41.81
C ARG G 428 20.44 -1.69 43.18
N ALA G 429 21.18 -0.93 43.99
CA ALA G 429 20.71 -0.58 45.33
C ALA G 429 19.47 0.30 45.27
N MET G 430 19.48 1.30 44.38
CA MET G 430 18.31 2.15 44.26
C MET G 430 17.14 1.40 43.61
N GLY G 431 17.42 0.29 42.91
CA GLY G 431 16.35 -0.59 42.48
C GLY G 431 15.81 -1.43 43.62
N GLU G 432 16.68 -1.87 44.53
CA GLU G 432 16.25 -2.53 45.77
C GLU G 432 15.32 -1.64 46.58
N GLN G 433 15.62 -0.34 46.62
CA GLN G 433 14.76 0.59 47.34
C GLN G 433 13.31 0.49 46.88
N ILE G 434 13.09 0.48 45.56
CA ILE G 434 11.73 0.32 45.02
C ILE G 434 11.23 -1.10 45.25
N GLY G 435 12.10 -2.10 45.05
CA GLY G 435 11.66 -3.48 45.10
C GLY G 435 11.13 -3.90 46.45
N CYS G 436 11.70 -3.33 47.53
CA CYS G 436 11.22 -3.68 48.86
C CYS G 436 9.78 -3.23 49.08
N ARG G 437 9.36 -2.15 48.43
CA ARG G 437 7.97 -1.69 48.48
C ARG G 437 7.20 -2.15 47.24
N LEU G 438 7.02 -3.46 47.11
CA LEU G 438 6.30 -4.03 45.97
C LEU G 438 5.06 -4.81 46.38
N ASP G 439 4.68 -4.77 47.67
CA ASP G 439 3.48 -5.45 48.13
C ASP G 439 2.29 -4.52 48.27
N GLU G 440 2.51 -3.21 48.30
CA GLU G 440 1.41 -2.25 48.46
C GLU G 440 0.61 -2.05 47.18
N VAL G 441 1.23 -2.23 46.01
CA VAL G 441 0.60 -1.89 44.74
C VAL G 441 -0.40 -2.96 44.33
N GLU G 442 -1.24 -2.64 43.35
CA GLU G 442 -2.25 -3.56 42.85
C GLU G 442 -2.10 -3.66 41.33
N TYR G 443 -1.71 -4.84 40.87
CA TYR G 443 -1.42 -5.03 39.44
C TYR G 443 -2.72 -5.25 38.66
N PRO G 444 -3.03 -4.43 37.66
CA PRO G 444 -4.28 -4.60 36.92
C PRO G 444 -4.22 -5.69 35.87
N ALA G 445 -3.06 -5.88 35.23
CA ALA G 445 -2.92 -6.87 34.19
C ALA G 445 -1.59 -7.60 34.34
N LEU G 446 -1.51 -8.79 33.74
CA LEU G 446 -0.29 -9.58 33.81
C LEU G 446 0.94 -8.88 33.23
N PRO G 447 0.87 -8.17 32.09
CA PRO G 447 2.10 -7.56 31.55
C PRO G 447 2.84 -6.67 32.53
N VAL G 448 2.14 -5.98 33.44
CA VAL G 448 2.83 -5.20 34.46
C VAL G 448 3.70 -6.09 35.33
N ILE G 449 3.14 -7.23 35.76
CA ILE G 449 3.90 -8.17 36.58
C ILE G 449 5.06 -8.76 35.80
N LEU G 450 4.82 -9.14 34.54
CA LEU G 450 5.86 -9.75 33.73
C LEU G 450 6.95 -8.76 33.34
N SER G 451 6.67 -7.46 33.39
CA SER G 451 7.70 -6.46 33.18
C SER G 451 8.49 -6.18 34.45
N ILE G 452 7.79 -6.03 35.58
CA ILE G 452 8.48 -5.77 36.84
C ILE G 452 9.40 -6.94 37.20
N LEU G 453 8.88 -8.17 37.08
CA LEU G 453 9.70 -9.34 37.42
C LEU G 453 10.83 -9.53 36.44
N ASP G 454 10.61 -9.21 35.16
CA ASP G 454 11.69 -9.27 34.18
C ASP G 454 12.80 -8.29 34.53
N VAL G 455 12.44 -7.07 34.91
CA VAL G 455 13.44 -6.09 35.32
C VAL G 455 14.19 -6.58 36.56
N VAL G 456 13.45 -7.15 37.52
CA VAL G 456 14.07 -7.60 38.75
C VAL G 456 15.07 -8.72 38.47
N VAL G 457 14.69 -9.69 37.64
CA VAL G 457 15.56 -10.82 37.35
C VAL G 457 16.76 -10.40 36.51
N THR G 458 16.53 -9.58 35.49
CA THR G 458 17.59 -9.22 34.57
C THR G 458 18.71 -8.46 35.27
N LEU G 459 18.35 -7.53 36.15
CA LEU G 459 19.33 -6.72 36.87
C LEU G 459 19.78 -7.36 38.18
N LYS G 460 19.34 -8.58 38.46
CA LYS G 460 19.72 -9.31 39.67
C LYS G 460 19.32 -8.55 40.94
N ILE G 461 18.18 -7.86 40.87
CA ILE G 461 17.68 -7.13 42.02
C ILE G 461 17.10 -8.09 43.04
N TYR G 462 17.47 -7.90 44.31
CA TYR G 462 16.98 -8.74 45.39
C TYR G 462 15.60 -8.25 45.83
N VAL G 463 14.66 -9.19 45.95
CA VAL G 463 13.30 -8.85 46.35
C VAL G 463 12.91 -9.70 47.55
N PRO G 464 12.37 -9.11 48.61
CA PRO G 464 11.98 -9.90 49.78
C PRO G 464 10.90 -10.91 49.44
N LYS G 465 10.87 -12.00 50.22
CA LYS G 465 9.96 -13.11 49.93
C LYS G 465 8.50 -12.66 50.07
N LYS G 466 8.23 -11.75 51.01
CA LYS G 466 6.86 -11.28 51.23
C LYS G 466 6.28 -10.58 50.00
N CYS G 467 7.05 -9.67 49.41
CA CYS G 467 6.58 -8.99 48.20
C CYS G 467 6.38 -9.98 47.07
N LEU G 468 7.28 -10.95 46.94
CA LEU G 468 7.13 -11.98 45.92
C LEU G 468 5.86 -12.79 46.12
N GLN G 469 5.56 -13.15 47.37
CA GLN G 469 4.35 -13.90 47.66
C GLN G 469 3.11 -13.11 47.28
N VAL G 470 3.10 -11.81 47.62
CA VAL G 470 1.95 -10.98 47.24
C VAL G 470 1.82 -10.89 45.72
N ILE G 471 2.94 -10.70 45.04
CA ILE G 471 2.92 -10.55 43.57
C ILE G 471 2.38 -11.82 42.92
N PHE G 472 2.87 -12.98 43.37
CA PHE G 472 2.42 -14.24 42.77
C PHE G 472 1.00 -14.60 43.19
N SER G 473 0.55 -14.11 44.35
CA SER G 473 -0.84 -14.31 44.75
C SER G 473 -1.78 -13.50 43.87
N GLN G 474 -1.37 -12.29 43.48
CA GLN G 474 -2.25 -11.46 42.66
C GLN G 474 -2.50 -12.08 41.30
N ALA G 475 -1.46 -12.65 40.67
CA ALA G 475 -1.62 -13.20 39.33
C ALA G 475 -2.47 -14.48 39.33
N ASN G 476 -2.53 -15.16 40.47
CA ASN G 476 -3.30 -16.41 40.56
C ASN G 476 -4.79 -16.15 40.30
N ASP G 477 -5.34 -15.10 40.89
CA ASP G 477 -6.74 -14.78 40.67
C ASP G 477 -7.00 -14.48 39.20
N MET G 478 -6.07 -13.79 38.54
CA MET G 478 -6.25 -13.43 37.14
C MET G 478 -6.23 -14.64 36.24
N VAL G 479 -5.24 -15.53 36.42
CA VAL G 479 -5.18 -16.72 35.58
C VAL G 479 -6.37 -17.63 35.86
N ALA G 480 -6.82 -17.67 37.13
CA ALA G 480 -8.02 -18.43 37.46
C ALA G 480 -9.25 -17.87 36.75
N ILE G 481 -9.36 -16.53 36.69
CA ILE G 481 -10.47 -15.92 35.97
C ILE G 481 -10.42 -16.32 34.50
N VAL G 482 -9.24 -16.24 33.89
CA VAL G 482 -9.09 -16.58 32.48
C VAL G 482 -9.48 -18.03 32.23
N MET G 483 -9.03 -18.94 33.09
CA MET G 483 -9.32 -20.36 32.88
C MET G 483 -10.79 -20.68 33.12
N GLU G 484 -11.34 -20.20 34.24
CA GLU G 484 -12.70 -20.61 34.62
C GLU G 484 -13.76 -19.92 33.78
N GLN G 485 -13.68 -18.59 33.66
CA GLN G 485 -14.73 -17.87 32.95
C GLN G 485 -14.75 -18.26 31.48
N LYS G 486 -13.61 -18.18 30.80
CA LYS G 486 -13.45 -18.64 29.41
C LYS G 486 -14.45 -17.96 28.48
N ASP G 487 -15.07 -16.87 28.93
CA ASP G 487 -16.08 -16.19 28.14
C ASP G 487 -15.71 -14.73 27.90
N ASP G 488 -15.15 -14.09 28.94
CA ASP G 488 -14.82 -12.66 29.00
C ASP G 488 -15.08 -11.83 27.74
N PRO G 500 -6.60 -11.69 27.87
CA PRO G 500 -5.89 -12.25 26.71
C PRO G 500 -4.47 -12.67 27.05
N ILE G 501 -4.33 -13.61 27.99
CA ILE G 501 -3.02 -14.10 28.40
C ILE G 501 -2.57 -15.14 27.39
N THR G 502 -1.59 -14.79 26.56
CA THR G 502 -1.09 -15.70 25.55
C THR G 502 -0.23 -16.79 26.18
N ALA G 503 0.08 -17.81 25.36
CA ALA G 503 0.86 -18.94 25.86
C ALA G 503 2.26 -18.53 26.27
N GLU G 504 2.88 -17.63 25.50
CA GLU G 504 4.24 -17.21 25.80
C GLU G 504 4.31 -16.48 27.14
N GLU G 505 3.32 -15.64 27.43
CA GLU G 505 3.28 -14.96 28.72
C GLU G 505 3.13 -15.97 29.87
N GLY G 506 2.30 -16.98 29.67
CA GLY G 506 2.17 -18.03 30.68
C GLY G 506 3.45 -18.80 30.90
N ARG G 507 4.16 -19.10 29.81
CA ARG G 507 5.45 -19.76 29.92
C ARG G 507 6.47 -18.90 30.68
N GLN G 508 6.48 -17.59 30.40
CA GLN G 508 7.36 -16.70 31.13
C GLN G 508 7.02 -16.67 32.61
N LEU G 509 5.71 -16.63 32.93
CA LEU G 509 5.30 -16.63 34.34
C LEU G 509 5.70 -17.94 35.03
N GLN G 510 5.54 -19.07 34.33
CA GLN G 510 5.95 -20.35 34.90
C GLN G 510 7.45 -20.38 35.16
N ALA G 511 8.24 -19.88 34.20
CA ALA G 511 9.69 -19.85 34.39
C ALA G 511 10.08 -18.96 35.55
N LEU G 512 9.42 -17.81 35.69
CA LEU G 512 9.69 -16.92 36.81
C LEU G 512 9.38 -17.59 38.14
N LEU G 513 8.22 -18.24 38.23
CA LEU G 513 7.84 -18.91 39.47
C LEU G 513 8.80 -20.06 39.79
N SER G 514 9.23 -20.81 38.78
CA SER G 514 10.19 -21.88 39.01
C SER G 514 11.53 -21.33 39.47
N HIS G 515 11.96 -20.21 38.88
CA HIS G 515 13.24 -19.61 39.27
C HIS G 515 13.20 -19.15 40.72
N TYR G 516 12.13 -18.45 41.12
CA TYR G 516 12.09 -17.96 42.49
C TYR G 516 11.75 -19.06 43.48
N GLY G 517 11.24 -20.19 43.01
CA GLY G 517 10.87 -21.28 43.89
C GLY G 517 9.37 -21.50 43.90
N ASN G 518 8.94 -22.76 43.87
CA ASN G 518 7.52 -23.05 43.82
C ASN G 518 6.85 -23.03 45.18
N ASP G 519 7.62 -22.95 46.26
CA ASP G 519 7.04 -22.87 47.60
C ASP G 519 6.32 -21.55 47.84
N LEU G 520 6.61 -20.53 47.03
CA LEU G 520 5.96 -19.22 47.21
C LEU G 520 4.46 -19.31 46.95
N ALA G 521 4.08 -19.88 45.81
CA ALA G 521 2.67 -20.03 45.42
C ALA G 521 2.46 -21.44 44.89
N PRO G 522 2.13 -22.40 45.76
CA PRO G 522 1.94 -23.77 45.28
C PRO G 522 0.68 -23.97 44.45
N GLU G 523 -0.30 -23.07 44.60
CA GLU G 523 -1.52 -23.18 43.81
C GLU G 523 -1.29 -22.76 42.37
N LEU G 524 -0.52 -21.68 42.18
CA LEU G 524 -0.30 -21.14 40.85
C LEU G 524 0.44 -22.13 39.96
N SER G 525 1.39 -22.88 40.53
CA SER G 525 2.14 -23.84 39.74
C SER G 525 1.22 -24.89 39.13
N GLN G 526 0.39 -25.52 39.97
CA GLN G 526 -0.52 -26.54 39.46
C GLN G 526 -1.55 -25.94 38.52
N ARG G 527 -2.07 -24.76 38.84
CA ARG G 527 -3.04 -24.12 37.97
C ARG G 527 -2.46 -23.84 36.59
N MET G 528 -1.24 -23.30 36.54
CA MET G 528 -0.65 -22.90 35.26
C MET G 528 -0.24 -24.14 34.46
N LYS G 529 0.26 -25.17 35.15
CA LYS G 529 0.60 -26.42 34.48
C LYS G 529 -0.64 -27.07 33.88
N GLU G 530 -1.78 -27.00 34.58
CA GLU G 530 -3.00 -27.55 34.02
C GLU G 530 -3.53 -26.66 32.89
N ALA G 531 -3.27 -25.36 32.96
CA ALA G 531 -3.66 -24.46 31.87
C ALA G 531 -2.92 -24.82 30.58
N PHE G 532 -1.63 -25.11 30.68
CA PHE G 532 -0.90 -25.60 29.52
C PHE G 532 -1.43 -26.94 29.01
N ARG G 533 -1.75 -27.87 29.92
CA ARG G 533 -2.23 -29.17 29.47
C ARG G 533 -3.57 -29.06 28.76
N GLU G 534 -4.48 -28.23 29.29
CA GLU G 534 -5.79 -28.08 28.65
C GLU G 534 -5.68 -27.30 27.35
N GLY G 535 -4.92 -26.21 27.33
CA GLY G 535 -4.79 -25.39 26.14
C GLY G 535 -5.67 -24.16 26.12
N VAL G 536 -5.97 -23.59 27.29
CA VAL G 536 -6.85 -22.42 27.33
C VAL G 536 -6.14 -21.19 26.77
N LEU G 537 -4.86 -21.02 27.08
CA LEU G 537 -4.14 -19.83 26.66
C LEU G 537 -3.89 -19.87 25.16
N PRO G 538 -4.26 -18.83 24.43
CA PRO G 538 -4.04 -18.80 22.98
C PRO G 538 -2.57 -18.53 22.66
N ASP G 539 -2.27 -18.48 21.37
CA ASP G 539 -0.92 -18.24 20.87
C ASP G 539 -0.77 -16.79 20.41
N GLU G 540 0.48 -16.35 20.31
CA GLU G 540 0.75 -14.98 19.88
C GLU G 540 0.35 -14.76 18.42
N ALA G 541 0.42 -15.79 17.59
CA ALA G 541 0.07 -15.64 16.19
C ALA G 541 -1.40 -15.29 16.02
N SER G 542 -2.27 -15.91 16.79
CA SER G 542 -3.70 -15.65 16.71
C SER G 542 -4.04 -14.25 17.21
N SER H 36 11.51 22.19 -15.98
CA SER H 36 11.69 21.87 -14.53
C SER H 36 12.06 20.39 -14.39
N TYR H 37 12.08 19.86 -13.17
CA TYR H 37 12.34 18.42 -12.99
C TYR H 37 11.07 17.75 -12.48
N VAL H 38 10.38 16.98 -13.32
CA VAL H 38 9.20 16.23 -12.82
C VAL H 38 9.71 15.01 -12.07
N LEU H 39 9.39 14.90 -10.77
CA LEU H 39 9.90 13.77 -9.95
C LEU H 39 9.63 12.47 -10.69
N LYS H 40 10.36 11.40 -10.39
CA LYS H 40 10.25 10.14 -11.13
C LYS H 40 8.91 9.47 -10.94
N PHE H 41 8.25 9.70 -9.82
CA PHE H 41 6.92 9.12 -9.59
C PHE H 41 5.79 10.04 -10.02
N LEU H 42 6.12 11.22 -10.56
CA LEU H 42 5.12 12.15 -11.07
C LEU H 42 5.24 12.38 -12.57
N ARG H 43 6.06 11.58 -13.26
CA ARG H 43 6.27 11.80 -14.69
C ARG H 43 5.04 11.46 -15.51
N GLY H 44 4.24 10.49 -15.07
CA GLY H 44 3.07 10.07 -15.79
C GLY H 44 1.79 10.80 -15.45
N GLN H 45 1.84 11.79 -14.57
CA GLN H 45 0.64 12.50 -14.16
C GLN H 45 0.14 13.41 -15.27
N LEU H 46 -1.05 13.96 -15.06
CA LEU H 46 -1.72 14.86 -15.97
C LEU H 46 -1.77 16.27 -15.39
N PRO H 47 -2.03 17.29 -16.21
CA PRO H 47 -2.14 18.65 -15.68
C PRO H 47 -3.24 18.76 -14.63
N GLU H 48 -3.14 19.82 -13.82
CA GLU H 48 -4.09 20.02 -12.73
C GLU H 48 -5.51 20.16 -13.27
N ASP H 49 -5.69 20.90 -14.36
CA ASP H 49 -6.96 20.97 -15.06
C ASP H 49 -6.78 20.49 -16.49
N LEU H 50 -7.75 19.72 -16.98
CA LEU H 50 -7.64 19.08 -18.29
C LEU H 50 -7.78 20.07 -19.44
N LYS H 51 -7.92 21.37 -19.16
CA LYS H 51 -7.87 22.36 -20.23
C LYS H 51 -6.50 22.39 -20.88
N ASP H 52 -5.44 22.25 -20.07
CA ASP H 52 -4.07 22.29 -20.57
C ASP H 52 -3.71 21.09 -21.44
N VAL H 53 -4.55 20.05 -21.46
CA VAL H 53 -4.29 18.87 -22.28
C VAL H 53 -4.62 19.23 -23.73
N ASN H 54 -3.58 19.54 -24.51
CA ASN H 54 -3.79 19.82 -25.92
C ASN H 54 -4.18 18.55 -26.65
N GLY H 55 -5.25 18.63 -27.44
CA GLY H 55 -5.79 17.45 -28.07
C GLY H 55 -6.77 16.73 -27.16
N ALA H 56 -6.94 15.44 -27.42
CA ALA H 56 -7.83 14.59 -26.63
C ALA H 56 -7.09 13.34 -26.19
N LEU H 57 -7.32 12.94 -24.95
CA LEU H 57 -6.75 11.69 -24.46
C LEU H 57 -7.39 10.51 -25.18
N GLY H 58 -6.69 9.39 -25.22
CA GLY H 58 -7.30 8.17 -25.70
C GLY H 58 -7.88 7.37 -24.56
N CYS H 59 -9.17 7.55 -24.29
CA CYS H 59 -9.87 6.79 -23.26
C CYS H 59 -11.11 6.10 -23.78
N LEU H 60 -11.97 6.82 -24.51
CA LEU H 60 -13.25 6.29 -24.96
C LEU H 60 -13.13 5.59 -26.31
N TYR H 61 -12.64 6.32 -27.33
CA TYR H 61 -12.59 5.82 -28.70
C TYR H 61 -11.17 5.83 -29.24
N GLY H 62 -10.18 5.79 -28.37
CA GLY H 62 -8.80 5.83 -28.82
C GLY H 62 -8.41 7.22 -29.28
N THR H 63 -7.65 7.27 -30.36
CA THR H 63 -7.15 8.53 -30.91
C THR H 63 -8.03 9.01 -32.04
N LEU H 64 -7.98 10.33 -32.28
CA LEU H 64 -8.72 10.92 -33.38
C LEU H 64 -8.17 10.44 -34.72
N PRO H 65 -9.04 10.28 -35.71
CA PRO H 65 -8.58 9.79 -37.01
C PRO H 65 -7.69 10.81 -37.73
N ASP H 66 -7.11 10.35 -38.83
CA ASP H 66 -6.21 11.20 -39.58
C ASP H 66 -6.90 12.28 -40.35
N VAL H 67 -6.12 13.19 -40.89
CA VAL H 67 -6.69 14.35 -41.56
C VAL H 67 -7.58 13.91 -42.71
N ASP H 68 -7.19 12.88 -43.45
CA ASP H 68 -7.94 12.37 -44.58
C ASP H 68 -8.91 11.27 -44.19
N GLU H 69 -9.27 11.17 -42.90
CA GLU H 69 -10.17 10.14 -42.41
C GLU H 69 -11.39 10.72 -41.70
N PHE H 70 -11.67 12.02 -41.91
CA PHE H 70 -12.78 12.69 -41.25
C PHE H 70 -14.06 12.68 -42.09
N GLY H 71 -14.03 12.11 -43.30
CA GLY H 71 -15.20 12.07 -44.14
C GLY H 71 -16.18 10.97 -43.83
N GLN H 72 -15.89 10.12 -42.87
CA GLN H 72 -16.79 9.00 -42.57
C GLN H 72 -17.96 9.43 -41.73
N PHE H 73 -17.77 10.45 -40.92
CA PHE H 73 -18.80 10.88 -39.98
C PHE H 73 -19.73 11.94 -40.58
N VAL H 74 -19.63 12.20 -41.87
CA VAL H 74 -20.52 13.18 -42.51
C VAL H 74 -21.96 12.70 -42.42
N ILE H 75 -22.89 13.64 -42.29
CA ILE H 75 -24.30 13.33 -42.19
C ILE H 75 -24.98 13.71 -43.51
N SER H 76 -26.14 13.10 -43.74
CA SER H 76 -26.86 13.33 -44.99
C SER H 76 -27.37 14.77 -45.05
N PRO H 77 -27.47 15.34 -46.26
CA PRO H 77 -27.98 16.72 -46.37
C PRO H 77 -29.43 16.87 -45.93
N ASP H 78 -30.20 15.79 -46.00
CA ASP H 78 -31.57 15.85 -45.49
C ASP H 78 -31.63 16.09 -44.00
N VAL H 79 -30.65 15.59 -43.25
CA VAL H 79 -30.59 15.87 -41.82
C VAL H 79 -30.36 17.36 -41.57
N VAL H 80 -29.47 17.97 -42.34
CA VAL H 80 -29.21 19.40 -42.20
C VAL H 80 -30.45 20.20 -42.58
N ASN H 81 -31.14 19.80 -43.66
CA ASN H 81 -32.36 20.49 -44.04
C ASN H 81 -33.44 20.36 -42.97
N SER H 82 -33.56 19.17 -42.38
CA SER H 82 -34.52 18.98 -41.29
C SER H 82 -34.17 19.83 -40.08
N PHE H 83 -32.88 19.98 -39.76
CA PHE H 83 -32.49 20.85 -38.66
C PHE H 83 -32.85 22.29 -38.96
N HIS H 84 -32.57 22.76 -40.18
CA HIS H 84 -32.87 24.14 -40.54
C HIS H 84 -34.36 24.40 -40.71
N GLN H 85 -35.17 23.36 -40.88
CA GLN H 85 -36.62 23.51 -40.98
C GLN H 85 -37.32 23.42 -39.63
N PHE H 86 -37.02 22.40 -38.84
CA PHE H 86 -37.69 22.18 -37.56
C PHE H 86 -37.05 22.91 -36.40
N GLY H 87 -35.80 23.38 -36.55
CA GLY H 87 -35.07 23.95 -35.45
C GLY H 87 -34.33 22.95 -34.59
N TYR H 88 -34.50 21.66 -34.84
CA TYR H 88 -33.79 20.62 -34.13
C TYR H 88 -33.81 19.36 -35.00
N VAL H 89 -32.93 18.42 -34.67
CA VAL H 89 -32.88 17.18 -35.43
C VAL H 89 -32.25 16.10 -34.56
N LYS H 90 -32.73 14.87 -34.72
CA LYS H 90 -32.17 13.72 -34.02
C LYS H 90 -31.27 12.95 -34.99
N MET H 91 -30.01 12.76 -34.60
CA MET H 91 -29.08 12.04 -35.47
C MET H 91 -29.49 10.58 -35.60
N PRO H 92 -29.40 10.01 -36.79
CA PRO H 92 -29.94 8.65 -37.01
C PRO H 92 -29.30 7.57 -36.16
N ILE H 93 -28.00 7.66 -35.88
CA ILE H 93 -27.30 6.58 -35.22
C ILE H 93 -26.90 7.01 -33.81
N PRO H 94 -26.91 6.10 -32.82
CA PRO H 94 -26.32 6.42 -31.52
C PRO H 94 -24.84 6.73 -31.66
N VAL H 95 -24.37 7.68 -30.85
CA VAL H 95 -23.00 8.17 -30.99
C VAL H 95 -21.99 7.40 -30.16
N LEU H 96 -22.42 6.66 -29.15
CA LEU H 96 -21.50 5.97 -28.24
C LEU H 96 -22.00 4.56 -27.99
N ASP H 97 -21.06 3.63 -27.81
CA ASP H 97 -21.40 2.27 -27.43
C ASP H 97 -21.89 2.24 -25.98
N HIS H 98 -22.52 1.13 -25.60
CA HIS H 98 -23.13 1.03 -24.28
C HIS H 98 -22.09 1.07 -23.17
N GLN H 99 -20.92 0.46 -23.38
CA GLN H 99 -19.86 0.54 -22.38
C GLN H 99 -19.38 1.96 -22.17
N GLN H 100 -19.22 2.72 -23.26
CA GLN H 100 -18.84 4.13 -23.16
C GLN H 100 -19.91 4.95 -22.46
N ILE H 101 -21.18 4.65 -22.70
CA ILE H 101 -22.25 5.35 -21.99
C ILE H 101 -22.22 5.01 -20.51
N ASP H 102 -21.94 3.75 -20.17
CA ASP H 102 -21.81 3.37 -18.77
C ASP H 102 -20.68 4.12 -18.08
N LYS H 103 -19.53 4.21 -18.75
CA LYS H 103 -18.41 4.96 -18.17
C LYS H 103 -18.74 6.44 -18.01
N LEU H 104 -19.38 7.03 -19.02
CA LEU H 104 -19.73 8.44 -18.95
C LEU H 104 -20.76 8.72 -17.87
N ALA H 105 -21.67 7.76 -17.63
CA ALA H 105 -22.63 7.91 -16.54
C ALA H 105 -21.97 7.72 -15.18
N ASP H 106 -20.94 6.87 -15.11
CA ASP H 106 -20.15 6.78 -13.89
C ASP H 106 -19.44 8.08 -13.58
N GLU H 107 -18.94 8.77 -14.61
CA GLU H 107 -18.35 10.09 -14.38
C GLU H 107 -19.37 11.04 -13.77
N VAL H 108 -20.60 11.04 -14.27
CA VAL H 108 -21.64 11.89 -13.70
C VAL H 108 -21.96 11.47 -12.27
N ASN H 109 -22.05 10.17 -12.01
CA ASN H 109 -22.35 9.70 -10.66
C ASN H 109 -21.28 10.12 -9.67
N GLU H 110 -20.01 10.15 -10.10
CA GLU H 110 -18.93 10.61 -9.24
C GLU H 110 -18.75 12.12 -9.24
N LEU H 111 -19.42 12.84 -10.13
CA LEU H 111 -19.38 14.30 -10.11
C LEU H 111 -20.36 14.90 -9.12
N ALA H 112 -21.21 14.09 -8.50
CA ALA H 112 -22.19 14.55 -7.51
C ALA H 112 -22.14 13.68 -6.26
N ASN H 113 -20.94 13.44 -5.75
CA ASN H 113 -20.77 12.49 -4.64
C ASN H 113 -21.39 13.03 -3.36
N ASN H 114 -21.09 14.28 -3.00
CA ASN H 114 -21.59 14.99 -1.82
C ASN H 114 -21.05 14.42 -0.51
N VAL H 115 -20.27 13.34 -0.56
CA VAL H 115 -19.59 12.79 0.62
C VAL H 115 -18.08 12.89 0.46
N GLU H 116 -17.54 12.27 -0.57
CA GLU H 116 -16.15 12.44 -0.99
C GLU H 116 -16.21 13.29 -2.26
N HIS H 117 -16.14 14.60 -2.08
CA HIS H 117 -16.37 15.52 -3.19
C HIS H 117 -15.35 15.31 -4.29
N HIS H 118 -15.76 15.63 -5.52
CA HIS H 118 -14.96 15.31 -6.69
C HIS H 118 -13.63 16.06 -6.66
N PRO H 119 -12.53 15.39 -6.99
CA PRO H 119 -11.29 16.13 -7.27
C PRO H 119 -11.48 17.01 -8.49
N LYS H 120 -10.73 18.12 -8.52
CA LYS H 120 -10.88 19.14 -9.55
C LYS H 120 -12.29 19.72 -9.57
N THR H 121 -12.93 19.81 -8.39
CA THR H 121 -14.22 20.48 -8.30
C THR H 121 -14.08 21.98 -8.54
N GLU H 122 -12.97 22.57 -8.11
CA GLU H 122 -12.71 23.98 -8.36
C GLU H 122 -12.47 24.28 -9.83
N ARG H 123 -12.30 23.26 -10.67
CA ARG H 123 -12.12 23.42 -12.10
C ARG H 123 -13.44 23.46 -12.86
N LEU H 124 -14.53 23.82 -12.20
CA LEU H 124 -15.85 23.88 -12.82
C LEU H 124 -16.35 25.32 -12.80
N TYR H 125 -17.03 25.72 -13.87
CA TYR H 125 -17.61 27.06 -13.91
C TYR H 125 -18.69 27.22 -12.85
N ALA H 126 -19.54 26.21 -12.69
CA ALA H 126 -20.59 26.24 -11.67
C ALA H 126 -20.92 24.82 -11.27
N THR H 127 -21.52 24.69 -10.08
CA THR H 127 -21.90 23.38 -9.55
C THR H 127 -23.12 23.56 -8.67
N SER H 128 -23.99 22.54 -8.65
CA SER H 128 -25.15 22.58 -7.77
C SER H 128 -24.77 22.29 -6.32
N LEU H 129 -23.57 21.76 -6.07
CA LEU H 129 -23.12 21.41 -4.73
C LEU H 129 -22.21 22.47 -4.13
N ALA H 130 -22.23 23.69 -4.66
CA ALA H 130 -21.45 24.77 -4.06
C ALA H 130 -21.95 25.08 -2.66
N ASP H 131 -23.23 24.80 -2.38
CA ASP H 131 -23.82 24.96 -1.06
C ASP H 131 -23.53 23.75 -0.19
N LEU H 132 -22.92 22.71 -0.77
CA LEU H 132 -22.56 21.45 -0.10
C LEU H 132 -23.77 20.62 0.30
N THR H 133 -24.95 20.92 -0.23
CA THR H 133 -26.14 20.14 0.06
C THR H 133 -26.80 19.56 -1.17
N GLY H 134 -26.70 20.22 -2.32
CA GLY H 134 -27.32 19.72 -3.53
C GLY H 134 -28.83 19.87 -3.53
N GLY H 135 -29.53 18.82 -3.96
CA GLY H 135 -30.97 18.85 -4.00
C GLY H 135 -31.52 17.80 -4.93
N PRO H 136 -32.77 17.97 -5.38
CA PRO H 136 -33.36 17.00 -6.32
C PRO H 136 -32.89 17.17 -7.75
N LEU H 137 -32.16 18.24 -8.06
CA LEU H 137 -31.60 18.47 -9.39
C LEU H 137 -30.12 18.80 -9.24
N PHE H 138 -29.29 18.08 -9.99
CA PHE H 138 -27.85 18.32 -10.00
C PHE H 138 -27.45 18.84 -11.38
N PHE H 139 -26.80 20.00 -11.39
CA PHE H 139 -26.30 20.57 -12.63
C PHE H 139 -24.83 20.94 -12.46
N CYS H 140 -24.04 20.61 -13.48
CA CYS H 140 -22.61 20.91 -13.46
C CYS H 140 -22.22 21.57 -14.78
N GLN H 141 -21.25 22.47 -14.71
CA GLN H 141 -20.78 23.18 -15.90
C GLN H 141 -19.26 23.14 -15.96
N GLY H 142 -18.74 23.07 -17.18
CA GLY H 142 -17.31 22.99 -17.38
C GLY H 142 -16.68 21.72 -16.84
N GLN H 143 -17.39 20.60 -16.95
CA GLN H 143 -16.86 19.33 -16.47
C GLN H 143 -15.81 18.73 -17.39
N TRP H 144 -15.63 19.29 -18.60
CA TRP H 144 -14.60 18.79 -19.50
C TRP H 144 -13.20 19.09 -19.01
N ARG H 145 -13.05 19.94 -18.00
CA ARG H 145 -11.76 20.20 -17.36
C ARG H 145 -11.58 19.39 -16.07
N ALA H 146 -12.53 18.51 -15.74
CA ALA H 146 -12.52 17.83 -14.45
C ALA H 146 -12.39 16.32 -14.53
N ALA H 147 -12.95 15.68 -15.55
CA ALA H 147 -12.97 14.22 -15.61
C ALA H 147 -12.61 13.73 -17.01
N TRP H 148 -12.05 12.54 -17.06
CA TRP H 148 -11.81 11.88 -18.34
C TRP H 148 -13.13 11.47 -18.96
N GLY H 149 -13.10 11.20 -20.27
CA GLY H 149 -14.30 10.86 -20.98
C GLY H 149 -15.13 12.07 -21.34
N MET H 150 -15.46 12.89 -20.33
CA MET H 150 -16.13 14.15 -20.60
C MET H 150 -15.23 15.08 -21.40
N HIS H 151 -13.94 15.12 -21.08
CA HIS H 151 -12.98 15.82 -21.92
C HIS H 151 -12.86 15.16 -23.29
N ASP H 152 -12.94 13.83 -23.35
CA ASP H 152 -12.91 13.12 -24.61
C ASP H 152 -14.19 13.34 -25.42
N LEU H 153 -15.34 13.46 -24.76
CA LEU H 153 -16.61 13.61 -25.46
C LEU H 153 -16.66 14.89 -26.28
N ILE H 154 -15.87 15.91 -25.91
CA ILE H 154 -15.86 17.15 -26.67
C ILE H 154 -15.30 16.94 -28.06
N TYR H 155 -14.27 16.11 -28.19
CA TYR H 155 -13.60 15.87 -29.45
C TYR H 155 -14.17 14.70 -30.23
N LEU H 156 -15.36 14.23 -29.87
CA LEU H 156 -15.98 13.11 -30.56
C LEU H 156 -16.26 13.51 -32.01
N PRO H 157 -15.71 12.79 -32.99
CA PRO H 157 -15.93 13.17 -34.39
C PRO H 157 -17.39 13.11 -34.82
N THR H 158 -18.16 12.17 -34.27
CA THR H 158 -19.52 11.93 -34.75
C THR H 158 -20.40 13.17 -34.57
N ILE H 159 -20.21 13.92 -33.48
CA ILE H 159 -21.04 15.08 -33.21
C ILE H 159 -20.36 16.34 -33.72
N THR H 160 -19.03 16.36 -33.73
CA THR H 160 -18.31 17.56 -34.13
C THR H 160 -18.39 17.79 -35.63
N VAL H 161 -18.32 16.73 -36.43
CA VAL H 161 -18.48 16.89 -37.87
C VAL H 161 -19.88 17.40 -38.20
N ALA H 162 -20.90 16.85 -37.53
CA ALA H 162 -22.26 17.34 -37.74
C ALA H 162 -22.41 18.79 -37.31
N ALA H 163 -21.77 19.18 -36.21
CA ALA H 163 -21.82 20.58 -35.77
C ALA H 163 -21.15 21.49 -36.79
N SER H 164 -20.03 21.03 -37.37
CA SER H 164 -19.39 21.82 -38.43
C SER H 164 -20.31 21.98 -39.63
N GLN H 165 -20.99 20.91 -40.02
CA GLN H 165 -21.93 21.00 -41.14
C GLN H 165 -23.08 21.94 -40.82
N ILE H 166 -23.55 21.94 -39.57
CA ILE H 166 -24.60 22.86 -39.16
C ILE H 166 -24.10 24.30 -39.21
N LEU H 167 -22.83 24.53 -38.83
CA LEU H 167 -22.27 25.87 -38.75
C LEU H 167 -21.64 26.33 -40.06
N ASN H 168 -22.15 25.85 -41.20
CA ASN H 168 -21.71 26.29 -42.52
C ASN H 168 -20.25 25.93 -42.78
N ASN H 169 -19.83 24.75 -42.30
CA ASN H 169 -18.51 24.19 -42.57
C ASN H 169 -17.40 25.16 -42.16
N SER H 170 -17.36 25.46 -40.87
CA SER H 170 -16.36 26.34 -40.29
C SER H 170 -15.69 25.65 -39.11
N LEU H 171 -14.71 26.33 -38.52
CA LEU H 171 -14.07 25.83 -37.32
C LEU H 171 -15.08 25.71 -36.20
N VAL H 172 -15.03 24.60 -35.47
CA VAL H 172 -15.94 24.34 -34.36
C VAL H 172 -15.16 24.54 -33.06
N ARG H 173 -15.66 25.41 -32.20
CA ARG H 173 -15.04 25.71 -30.92
C ARG H 173 -16.02 25.39 -29.80
N LEU H 174 -15.53 24.72 -28.77
CA LEU H 174 -16.36 24.45 -27.60
C LEU H 174 -16.76 25.75 -26.91
N TRP H 175 -18.05 25.88 -26.63
CA TRP H 175 -18.53 27.02 -25.84
C TRP H 175 -18.48 26.69 -24.35
N TYR H 176 -19.22 25.66 -23.94
CA TYR H 176 -19.06 25.03 -22.63
C TYR H 176 -19.96 23.80 -22.54
N ASP H 177 -19.77 23.06 -21.46
CA ASP H 177 -20.49 21.83 -21.18
C ASP H 177 -21.55 22.05 -20.12
N GLU H 178 -22.38 21.04 -19.93
CA GLU H 178 -23.42 21.06 -18.91
C GLU H 178 -23.88 19.63 -18.68
N VAL H 179 -24.07 19.26 -17.42
CA VAL H 179 -24.54 17.94 -17.05
C VAL H 179 -25.73 18.09 -16.12
N PHE H 180 -26.82 17.40 -16.45
CA PHE H 180 -28.04 17.42 -15.65
C PHE H 180 -28.34 16.02 -15.14
N MET H 181 -28.75 15.95 -13.87
CA MET H 181 -29.08 14.68 -13.22
C MET H 181 -30.29 14.92 -12.33
N LYS H 182 -31.39 14.28 -12.66
CA LYS H 182 -32.63 14.41 -11.90
C LYS H 182 -32.87 13.13 -11.09
N ALA H 183 -33.14 13.31 -9.80
CA ALA H 183 -33.32 12.18 -8.90
C ALA H 183 -34.62 11.45 -9.20
N ALA H 184 -34.86 10.37 -8.45
CA ALA H 184 -36.01 9.50 -8.68
C ALA H 184 -37.20 10.00 -7.89
N ARG H 185 -38.36 10.08 -8.56
CA ARG H 185 -39.66 10.44 -8.02
C ARG H 185 -39.77 11.89 -7.57
N THR H 186 -38.68 12.65 -7.62
CA THR H 186 -38.71 14.03 -7.14
C THR H 186 -38.00 15.02 -8.05
N GLY H 187 -37.39 14.56 -9.14
CA GLY H 187 -36.71 15.44 -10.06
C GLY H 187 -37.63 16.50 -10.64
N PRO H 188 -37.20 17.75 -10.60
CA PRO H 188 -38.01 18.84 -11.14
C PRO H 188 -37.85 18.93 -12.65
N CYS H 189 -38.53 19.91 -13.24
CA CYS H 189 -38.48 20.15 -14.67
C CYS H 189 -37.98 21.57 -14.93
N VAL H 190 -37.19 21.71 -15.99
CA VAL H 190 -36.70 23.02 -16.42
C VAL H 190 -37.74 23.60 -17.39
N PRO H 191 -38.33 24.76 -17.09
CA PRO H 191 -39.40 25.29 -17.94
C PRO H 191 -38.87 25.80 -19.28
N TRP H 192 -39.77 26.38 -20.08
CA TRP H 192 -39.40 26.85 -21.41
C TRP H 192 -38.30 27.91 -21.33
N GLN H 193 -37.32 27.78 -22.22
CA GLN H 193 -36.18 28.69 -22.23
C GLN H 193 -35.56 28.69 -23.62
N GLN H 194 -34.80 29.75 -23.89
CA GLN H 194 -33.99 29.85 -25.09
C GLN H 194 -32.52 29.92 -24.68
N ASN H 195 -31.69 29.12 -25.35
CA ASN H 195 -30.29 29.04 -24.95
C ASN H 195 -29.57 30.37 -25.12
N TYR H 196 -29.77 31.03 -26.27
CA TYR H 196 -29.08 32.28 -26.53
C TYR H 196 -29.48 33.39 -25.57
N ALA H 197 -30.61 33.24 -24.88
CA ALA H 197 -30.99 34.21 -23.87
C ALA H 197 -29.98 34.27 -22.72
N ARG H 198 -29.18 33.22 -22.54
CA ARG H 198 -28.12 33.23 -21.55
C ARG H 198 -26.75 33.58 -22.13
N TRP H 199 -26.66 33.74 -23.45
CA TRP H 199 -25.42 34.05 -24.13
C TRP H 199 -25.47 35.41 -24.82
N GLN H 200 -26.02 36.41 -24.13
CA GLN H 200 -26.18 37.73 -24.73
C GLN H 200 -24.85 38.47 -24.87
N HIS H 201 -23.81 38.05 -24.16
CA HIS H 201 -22.51 38.72 -24.26
C HIS H 201 -21.70 38.29 -25.48
N THR H 202 -22.19 37.32 -26.24
CA THR H 202 -21.60 36.96 -27.53
C THR H 202 -22.38 37.62 -28.65
N LYS H 203 -21.67 38.28 -29.57
CA LYS H 203 -22.35 39.16 -30.53
C LYS H 203 -23.16 38.39 -31.56
N PRO H 204 -22.57 37.54 -32.40
CA PRO H 204 -23.36 36.89 -33.45
C PRO H 204 -24.01 35.61 -32.96
N VAL H 205 -25.15 35.28 -33.57
CA VAL H 205 -25.81 34.03 -33.27
C VAL H 205 -25.09 33.06 -34.16
N ASN H 206 -24.21 32.25 -33.57
CA ASN H 206 -23.42 31.27 -34.32
C ASN H 206 -23.16 30.21 -33.30
N HIS H 207 -24.17 29.42 -32.97
CA HIS H 207 -24.07 28.43 -31.91
C HIS H 207 -24.93 27.22 -32.28
N VAL H 208 -24.63 26.10 -31.63
CA VAL H 208 -25.42 24.88 -31.75
C VAL H 208 -25.34 24.13 -30.43
N THR H 209 -26.39 23.40 -30.09
CA THR H 209 -26.42 22.60 -28.87
C THR H 209 -26.53 21.13 -29.24
N VAL H 210 -25.70 20.29 -28.62
CA VAL H 210 -25.78 18.84 -28.79
C VAL H 210 -26.15 18.26 -27.43
N MET H 211 -27.32 17.64 -27.34
CA MET H 211 -27.76 17.04 -26.09
C MET H 211 -27.72 15.53 -26.25
N ILE H 212 -27.01 14.86 -25.35
CA ILE H 212 -26.80 13.42 -25.39
C ILE H 212 -27.43 12.81 -24.16
N ALA H 213 -28.24 11.78 -24.36
CA ALA H 213 -28.92 11.09 -23.27
C ALA H 213 -28.03 9.99 -22.73
N LEU H 214 -27.62 10.12 -21.47
CA LEU H 214 -26.84 9.07 -20.81
C LEU H 214 -27.71 7.99 -20.22
N ASP H 215 -29.04 8.14 -20.30
CA ASP H 215 -30.00 7.13 -19.84
C ASP H 215 -31.23 7.20 -20.73
N THR H 216 -31.97 6.10 -20.76
CA THR H 216 -33.21 6.07 -21.54
C THR H 216 -34.20 7.07 -20.97
N MET H 217 -34.75 7.92 -21.84
CA MET H 217 -35.63 9.00 -21.42
C MET H 217 -37.00 8.85 -22.06
N ASN H 218 -37.99 9.48 -21.42
CA ASN H 218 -39.37 9.47 -21.88
C ASN H 218 -40.08 10.67 -21.27
N LYS H 219 -41.35 10.84 -21.63
CA LYS H 219 -42.12 11.96 -21.11
C LYS H 219 -42.25 11.91 -19.60
N ASP H 220 -42.02 10.75 -18.98
CA ASP H 220 -42.06 10.63 -17.54
C ASP H 220 -40.68 10.78 -16.89
N ARG H 221 -39.61 10.88 -17.67
CA ARG H 221 -38.28 11.07 -17.10
C ARG H 221 -37.42 11.87 -18.08
N GLY H 222 -37.42 13.18 -17.91
CA GLY H 222 -36.46 14.04 -18.59
C GLY H 222 -36.45 13.99 -20.10
N ALA H 223 -37.62 13.87 -20.72
CA ALA H 223 -37.43 13.93 -22.16
C ALA H 223 -37.47 15.38 -22.64
N PRO H 224 -36.76 15.70 -23.71
CA PRO H 224 -36.84 17.07 -24.26
C PRO H 224 -38.22 17.35 -24.83
N CYS H 225 -38.63 18.61 -24.73
CA CYS H 225 -39.88 19.10 -25.29
C CYS H 225 -39.54 20.39 -26.02
N LEU H 226 -39.52 20.32 -27.35
CA LEU H 226 -39.15 21.44 -28.19
C LEU H 226 -40.33 21.87 -29.06
N VAL H 227 -40.34 23.15 -29.39
CA VAL H 227 -41.39 23.74 -30.23
C VAL H 227 -40.88 23.75 -31.66
N PRO H 228 -41.49 23.00 -32.59
CA PRO H 228 -41.03 23.03 -33.98
C PRO H 228 -41.17 24.43 -34.58
N GLY H 229 -40.16 24.82 -35.35
CA GLY H 229 -40.19 26.11 -36.02
C GLY H 229 -40.27 27.30 -35.09
N SER H 230 -39.64 27.23 -33.92
CA SER H 230 -39.66 28.31 -32.95
C SER H 230 -38.41 29.18 -33.01
N HIS H 231 -37.47 28.89 -33.90
CA HIS H 231 -36.24 29.65 -34.03
C HIS H 231 -36.35 30.76 -35.07
N ARG H 232 -37.51 30.93 -35.70
CA ARG H 232 -37.73 31.96 -36.70
C ARG H 232 -39.00 32.73 -36.42
N TRP H 233 -39.28 33.00 -35.14
CA TRP H 233 -40.55 33.60 -34.74
C TRP H 233 -40.45 35.13 -34.67
N ARG H 234 -39.59 35.64 -33.79
CA ARG H 234 -39.42 37.09 -33.63
C ARG H 234 -38.30 37.62 -34.52
N GLU H 235 -38.36 37.31 -35.82
CA GLU H 235 -37.32 37.67 -36.77
C GLU H 235 -35.95 37.23 -36.28
N GLY H 236 -35.89 36.00 -35.77
CA GLY H 236 -34.69 35.51 -35.12
C GLY H 236 -34.38 36.24 -33.83
N GLY H 237 -35.40 36.68 -33.10
CA GLY H 237 -35.22 37.38 -31.84
C GLY H 237 -35.44 36.47 -30.64
N LEU H 238 -35.35 37.08 -29.46
CA LEU H 238 -35.47 36.38 -28.20
C LEU H 238 -36.79 36.71 -27.53
N LEU H 239 -37.51 35.69 -27.11
CA LEU H 239 -38.76 35.89 -26.39
C LEU H 239 -38.47 36.37 -24.96
N PRO H 240 -39.41 37.07 -24.34
CA PRO H 240 -39.20 37.52 -22.97
C PRO H 240 -39.03 36.34 -22.04
N PRO H 241 -38.21 36.48 -20.99
CA PRO H 241 -38.00 35.36 -20.07
C PRO H 241 -39.29 34.96 -19.36
N VAL H 242 -39.40 33.67 -19.06
CA VAL H 242 -40.57 33.12 -18.42
C VAL H 242 -40.47 33.34 -16.91
N SER H 243 -41.61 33.30 -16.22
CA SER H 243 -41.65 33.45 -14.77
C SER H 243 -41.54 32.09 -14.12
N TYR H 244 -40.51 31.90 -13.28
CA TYR H 244 -40.26 30.63 -12.61
C TYR H 244 -40.74 30.73 -11.18
N ASP H 245 -41.79 29.96 -10.86
CA ASP H 245 -42.28 29.83 -9.49
C ASP H 245 -42.10 28.38 -9.06
N PRO H 246 -41.08 28.05 -8.27
CA PRO H 246 -40.86 26.65 -7.90
C PRO H 246 -41.95 26.12 -6.97
N THR H 247 -41.81 24.84 -6.58
CA THR H 247 -42.75 24.17 -5.68
C THR H 247 -44.18 24.21 -6.21
N LYS H 248 -44.31 23.89 -7.50
CA LYS H 248 -45.63 23.83 -8.14
C LYS H 248 -45.63 22.63 -9.09
N ASP H 249 -46.80 22.19 -9.54
CA ASP H 249 -46.91 21.00 -10.37
C ASP H 249 -46.30 21.22 -11.75
N GLU H 250 -45.89 20.12 -12.36
CA GLU H 250 -45.23 20.16 -13.66
C GLU H 250 -46.14 20.72 -14.75
N ALA H 251 -47.44 20.45 -14.65
CA ALA H 251 -48.37 20.89 -15.69
C ALA H 251 -48.37 22.41 -15.81
N HIS H 252 -48.43 23.13 -14.69
CA HIS H 252 -48.40 24.58 -14.75
C HIS H 252 -47.06 25.07 -15.26
N GLN H 253 -45.96 24.41 -14.85
CA GLN H 253 -44.64 24.83 -15.29
C GLN H 253 -44.49 24.71 -16.80
N LEU H 254 -45.03 23.65 -17.39
CA LEU H 254 -45.00 23.52 -18.85
C LEU H 254 -46.08 24.34 -19.53
N ASN H 255 -47.09 24.80 -18.80
CA ASN H 255 -48.16 25.62 -19.37
C ASN H 255 -47.86 27.11 -19.30
N THR H 256 -46.69 27.50 -18.81
CA THR H 256 -46.31 28.92 -18.79
C THR H 256 -46.01 29.45 -20.18
N ILE H 257 -46.08 28.60 -21.21
CA ILE H 257 -45.78 29.04 -22.57
C ILE H 257 -46.76 30.10 -23.04
N TRP H 258 -48.03 29.98 -22.66
CA TRP H 258 -49.09 30.88 -23.14
C TRP H 258 -48.96 32.29 -22.60
N GLU H 259 -47.91 32.61 -21.85
CA GLU H 259 -47.72 33.92 -21.27
C GLU H 259 -46.65 34.76 -21.94
N ILE H 260 -45.75 34.14 -22.72
CA ILE H 260 -44.69 34.86 -23.39
C ILE H 260 -44.94 35.00 -24.89
N ILE H 261 -45.86 34.24 -25.46
CA ILE H 261 -46.11 34.29 -26.91
C ILE H 261 -47.17 35.34 -27.19
N ASN H 262 -47.27 35.75 -28.46
CA ASN H 262 -48.31 36.66 -28.93
C ASN H 262 -49.36 35.86 -29.71
N GLU H 263 -50.31 36.58 -30.32
CA GLU H 263 -51.45 35.93 -30.95
C GLU H 263 -51.04 35.03 -32.11
N GLU H 264 -50.17 35.51 -33.00
CA GLU H 264 -49.76 34.67 -34.11
C GLU H 264 -48.95 33.47 -33.65
N GLU H 265 -48.04 33.67 -32.68
CA GLU H 265 -47.32 32.55 -32.11
C GLU H 265 -48.27 31.58 -31.41
N GLY H 266 -49.34 32.10 -30.84
CA GLY H 266 -50.40 31.23 -30.38
C GLY H 266 -51.00 30.40 -31.50
N GLU H 267 -51.18 31.01 -32.68
CA GLU H 267 -51.77 30.28 -33.80
C GLU H 267 -50.85 29.16 -34.28
N MET H 268 -49.56 29.44 -34.43
CA MET H 268 -48.67 28.37 -34.88
C MET H 268 -48.45 27.33 -33.79
N LEU H 269 -48.57 27.71 -32.53
CA LEU H 269 -48.60 26.71 -31.45
C LEU H 269 -49.87 25.86 -31.51
N MET H 270 -51.00 26.45 -31.88
CA MET H 270 -52.22 25.68 -32.14
C MET H 270 -52.01 24.72 -33.30
N ASP H 271 -51.36 25.19 -34.37
CA ASP H 271 -51.16 24.34 -35.55
C ASP H 271 -50.18 23.22 -35.26
N THR H 272 -49.03 23.53 -34.66
CA THR H 272 -48.01 22.53 -34.34
C THR H 272 -47.69 22.62 -32.84
N PRO H 273 -48.35 21.80 -32.03
CA PRO H 273 -48.10 21.83 -30.58
C PRO H 273 -46.70 21.33 -30.25
N PRO H 274 -46.18 21.64 -29.06
CA PRO H 274 -44.86 21.13 -28.69
C PRO H 274 -44.82 19.61 -28.70
N VAL H 275 -43.68 19.07 -29.11
CA VAL H 275 -43.51 17.62 -29.30
C VAL H 275 -42.34 17.16 -28.44
N THR H 276 -42.52 16.03 -27.77
CA THR H 276 -41.51 15.44 -26.91
C THR H 276 -40.74 14.37 -27.70
N VAL H 277 -39.42 14.41 -27.60
CA VAL H 277 -38.55 13.49 -28.31
C VAL H 277 -38.05 12.43 -27.35
N ASP H 278 -38.34 11.16 -27.66
CA ASP H 278 -37.85 10.05 -26.87
C ASP H 278 -36.43 9.70 -27.29
N LEU H 279 -35.53 9.63 -26.31
CA LEU H 279 -34.11 9.37 -26.57
C LEU H 279 -33.69 8.04 -25.95
N ARG H 280 -32.78 7.35 -26.61
CA ARG H 280 -32.27 6.07 -26.15
C ARG H 280 -31.04 6.29 -25.28
N ARG H 281 -30.30 5.22 -24.99
CA ARG H 281 -29.19 5.27 -24.05
C ARG H 281 -28.00 6.06 -24.59
N GLY H 282 -27.95 6.35 -25.89
CA GLY H 282 -26.83 7.09 -26.43
C GLY H 282 -27.18 8.09 -27.52
N GLU H 283 -28.47 8.21 -27.84
CA GLU H 283 -28.89 9.04 -28.96
C GLU H 283 -28.67 10.52 -28.65
N ALA H 284 -28.23 11.27 -29.66
CA ALA H 284 -27.95 12.68 -29.54
C ALA H 284 -28.98 13.50 -30.30
N LEU H 285 -29.04 14.80 -30.00
CA LEU H 285 -30.03 15.69 -30.58
C LEU H 285 -29.39 17.07 -30.78
N LEU H 286 -29.39 17.54 -32.03
CA LEU H 286 -28.95 18.89 -32.34
C LEU H 286 -30.09 19.87 -32.16
N ILE H 287 -29.81 21.00 -31.51
CA ILE H 287 -30.79 22.02 -31.20
C ILE H 287 -30.24 23.39 -31.59
N HIS H 288 -31.08 24.19 -32.23
CA HIS H 288 -30.74 25.57 -32.54
C HIS H 288 -30.77 26.41 -31.25
N PRO H 289 -29.94 27.44 -31.14
CA PRO H 289 -29.97 28.28 -29.93
C PRO H 289 -31.30 28.99 -29.71
N LEU H 290 -32.01 29.35 -30.78
CA LEU H 290 -33.21 30.16 -30.68
C LEU H 290 -34.48 29.33 -30.58
N THR H 291 -34.36 28.00 -30.56
CA THR H 291 -35.52 27.12 -30.49
C THR H 291 -36.00 27.01 -29.05
N LEU H 292 -37.31 27.19 -28.85
CA LEU H 292 -37.89 27.05 -27.53
C LEU H 292 -37.77 25.61 -27.05
N PHE H 293 -37.36 25.43 -25.81
CA PHE H 293 -36.89 24.12 -25.34
C PHE H 293 -37.16 23.99 -23.86
N ALA H 294 -37.61 22.80 -23.45
CA ALA H 294 -37.81 22.50 -22.03
C ALA H 294 -37.48 21.04 -21.80
N THR H 295 -37.33 20.67 -20.53
CA THR H 295 -37.09 19.28 -20.14
C THR H 295 -38.18 18.85 -19.16
N HIS H 296 -38.68 17.63 -19.35
CA HIS H 296 -39.71 17.10 -18.46
C HIS H 296 -39.10 16.73 -17.11
N GLY H 297 -39.99 16.47 -16.14
CA GLY H 297 -39.58 16.03 -14.83
C GLY H 297 -39.29 14.54 -14.80
N ASN H 298 -38.86 14.06 -13.64
CA ASN H 298 -38.49 12.66 -13.45
C ASN H 298 -39.49 12.02 -12.51
N ARG H 299 -40.31 11.10 -13.03
CA ARG H 299 -41.25 10.34 -12.23
C ARG H 299 -40.93 8.85 -12.23
N SER H 300 -39.76 8.46 -12.72
CA SER H 300 -39.37 7.06 -12.76
C SER H 300 -38.86 6.64 -11.38
N LEU H 301 -38.27 5.45 -11.30
CA LEU H 301 -37.75 4.91 -10.06
C LEU H 301 -36.23 5.03 -9.96
N ASP H 302 -35.60 5.72 -10.92
CA ASP H 302 -34.15 5.88 -10.92
C ASP H 302 -33.81 7.25 -11.49
N ALA H 303 -32.60 7.71 -11.18
CA ALA H 303 -32.15 9.01 -11.64
C ALA H 303 -31.92 8.99 -13.15
N VAL H 304 -32.09 10.16 -13.77
CA VAL H 304 -31.91 10.34 -15.21
C VAL H 304 -30.82 11.36 -15.44
N ARG H 305 -29.97 11.11 -16.44
CA ARG H 305 -28.80 11.94 -16.70
C ARG H 305 -28.77 12.38 -18.16
N CYS H 306 -28.22 13.56 -18.40
CA CYS H 306 -28.03 14.04 -19.76
C CYS H 306 -26.88 15.03 -19.79
N CYS H 307 -26.29 15.18 -20.99
CA CYS H 307 -25.14 16.06 -21.18
C CYS H 307 -25.39 17.00 -22.36
N PHE H 308 -25.25 18.29 -22.11
CA PHE H 308 -25.35 19.32 -23.14
C PHE H 308 -23.96 19.83 -23.46
N ILE H 309 -23.66 19.95 -24.75
CA ILE H 309 -22.39 20.52 -25.22
C ILE H 309 -22.72 21.63 -26.19
N HIS H 310 -22.16 22.82 -25.98
CA HIS H 310 -22.45 23.96 -26.82
C HIS H 310 -21.25 24.27 -27.70
N TYR H 311 -21.50 24.42 -29.01
CA TYR H 311 -20.45 24.69 -29.98
C TYR H 311 -20.71 26.01 -30.68
N MET H 312 -19.63 26.64 -31.12
CA MET H 312 -19.71 27.93 -31.80
C MET H 312 -18.74 27.92 -32.98
N GLY H 313 -19.00 28.82 -33.93
CA GLY H 313 -18.22 28.91 -35.14
C GLY H 313 -16.97 29.76 -34.98
N GLU H 314 -16.27 29.93 -36.10
CA GLU H 314 -15.04 30.72 -36.09
C GLU H 314 -15.33 32.20 -35.90
N LYS H 315 -16.32 32.73 -36.61
CA LYS H 315 -16.63 34.15 -36.59
C LYS H 315 -17.61 34.45 -35.44
N THR H 316 -17.08 34.38 -34.23
CA THR H 316 -17.83 34.71 -33.02
C THR H 316 -17.05 35.75 -32.23
N TYR H 317 -17.73 36.82 -31.81
CA TYR H 317 -17.11 37.93 -31.13
C TYR H 317 -17.82 38.21 -29.80
N ALA H 318 -17.19 39.01 -28.96
CA ALA H 318 -17.76 39.47 -27.71
C ALA H 318 -18.27 40.90 -27.86
N VAL H 319 -19.03 41.36 -26.87
CA VAL H 319 -19.65 42.67 -26.92
C VAL H 319 -19.11 43.63 -25.87
N GLN H 320 -18.52 43.13 -24.79
CA GLN H 320 -18.06 43.98 -23.70
C GLN H 320 -16.59 43.69 -23.41
N ASN H 321 -16.07 44.35 -22.36
CA ASN H 321 -14.72 44.14 -21.90
C ASN H 321 -14.77 43.35 -20.60
N GLY H 322 -14.20 42.15 -20.62
CA GLY H 322 -14.23 41.27 -19.48
C GLY H 322 -14.38 39.82 -19.87
N PRO H 323 -14.41 38.92 -18.89
CA PRO H 323 -14.51 37.50 -19.20
C PRO H 323 -15.96 37.08 -19.46
N LEU H 324 -16.10 36.02 -20.27
CA LEU H 324 -17.42 35.50 -20.58
C LEU H 324 -17.86 34.46 -19.57
N LEU H 325 -16.92 33.78 -18.92
CA LEU H 325 -17.17 32.75 -17.94
C LEU H 325 -16.33 33.03 -16.71
N PRO H 326 -16.73 32.52 -15.53
CA PRO H 326 -15.96 32.79 -14.31
C PRO H 326 -14.53 32.30 -14.43
N HIS H 327 -13.58 33.18 -14.09
CA HIS H 327 -12.15 32.89 -14.09
C HIS H 327 -11.70 32.36 -15.46
N THR H 328 -11.86 33.21 -16.48
CA THR H 328 -11.47 32.87 -17.83
C THR H 328 -10.70 34.03 -18.44
N THR H 329 -10.11 33.79 -19.60
CA THR H 329 -9.41 34.83 -20.33
C THR H 329 -10.37 35.95 -20.71
N LYS H 330 -9.96 37.19 -20.48
CA LYS H 330 -10.78 38.36 -20.72
C LYS H 330 -10.47 38.96 -22.08
N PHE H 331 -11.51 39.28 -22.84
CA PHE H 331 -11.38 39.88 -24.16
C PHE H 331 -11.71 41.36 -24.08
N GLN H 332 -11.59 42.06 -25.21
CA GLN H 332 -11.81 43.49 -25.25
C GLN H 332 -12.59 43.86 -26.51
N ALA H 333 -13.69 44.58 -26.32
CA ALA H 333 -14.53 45.10 -27.41
C ALA H 333 -14.97 43.92 -28.28
N ASP H 334 -14.89 44.03 -29.60
CA ASP H 334 -15.31 42.95 -30.50
C ASP H 334 -14.11 42.05 -30.79
N ALA H 335 -13.70 41.30 -29.76
CA ALA H 335 -12.53 40.45 -29.84
C ALA H 335 -12.92 39.02 -30.20
N MET H 336 -12.21 38.43 -31.15
CA MET H 336 -12.49 37.08 -31.58
C MET H 336 -12.29 36.11 -30.43
N ILE H 337 -13.28 35.26 -30.20
CA ILE H 337 -13.29 34.38 -29.03
C ILE H 337 -12.37 33.19 -29.29
N GLN H 338 -11.24 33.16 -28.58
CA GLN H 338 -10.29 32.07 -28.70
C GLN H 338 -9.50 31.96 -27.40
N GLY H 339 -8.90 30.80 -27.20
CA GLY H 339 -8.06 30.58 -26.05
C GLY H 339 -8.08 29.14 -25.57
N PRO H 340 -7.36 28.86 -24.48
CA PRO H 340 -7.37 27.49 -23.93
C PRO H 340 -8.74 27.07 -23.41
N PHE H 341 -9.59 28.01 -23.02
CA PHE H 341 -10.91 27.68 -22.48
C PHE H 341 -11.92 27.35 -23.57
N TYR H 342 -11.65 27.68 -24.81
CA TYR H 342 -12.54 27.39 -25.94
C TYR H 342 -11.73 26.72 -27.04
N PRO H 343 -11.38 25.45 -26.85
CA PRO H 343 -10.49 24.77 -27.81
C PRO H 343 -11.18 24.53 -29.14
N VAL H 344 -10.37 24.46 -30.19
CA VAL H 344 -10.85 24.12 -31.52
C VAL H 344 -10.90 22.60 -31.63
N VAL H 345 -12.11 22.06 -31.84
CA VAL H 345 -12.31 20.63 -31.86
C VAL H 345 -12.41 20.05 -33.25
N PHE H 346 -12.58 20.88 -34.28
CA PHE H 346 -12.66 20.39 -35.65
C PHE H 346 -12.27 21.52 -36.60
N ASP H 347 -11.51 21.17 -37.64
CA ASP H 347 -11.07 22.14 -38.65
C ASP H 347 -11.21 21.50 -40.03
N PRO H 348 -12.13 21.99 -40.87
CA PRO H 348 -12.32 21.45 -42.22
C PRO H 348 -11.30 21.98 -43.23
N ALA H 349 -10.03 21.96 -42.85
CA ALA H 349 -8.96 22.46 -43.71
C ALA H 349 -7.63 21.80 -43.36
#